data_2MYV
#
_entry.id   2MYV
#
_entity_poly.entity_id   1
_entity_poly.type   'polypeptide(L)'
_entity_poly.pdbx_seq_one_letter_code
;APQDNTSMGSSHHHHHHSSGRENLYFQGHMAWKDCIIQRYKDGDVNNIYTANRNEEITIEEYKVFVNEACHPYPVILPDR
SVLSGDFTSAYADDDESC
;
_entity_poly.pdbx_strand_id   A
#
# COMPACT_ATOMS: atom_id res chain seq x y z
N GLY A 20 -16.66 -5.79 7.71
CA GLY A 20 -15.92 -5.05 8.73
C GLY A 20 -16.06 -5.71 10.08
N ARG A 21 -14.99 -5.74 10.85
CA ARG A 21 -14.99 -6.37 12.16
C ARG A 21 -14.12 -5.53 13.10
N GLU A 22 -14.04 -5.89 14.37
CA GLU A 22 -13.27 -5.11 15.29
C GLU A 22 -11.84 -5.65 15.48
N ASN A 23 -10.93 -4.84 15.03
CA ASN A 23 -9.51 -5.04 15.24
C ASN A 23 -9.04 -3.68 15.65
N LEU A 24 -9.27 -2.76 14.76
CA LEU A 24 -9.05 -1.37 14.97
C LEU A 24 -10.40 -0.74 14.74
N TYR A 25 -10.63 0.43 15.25
CA TYR A 25 -11.93 1.04 15.17
C TYR A 25 -12.10 1.75 13.82
N PHE A 26 -12.39 0.94 12.82
CA PHE A 26 -12.70 1.39 11.48
C PHE A 26 -13.76 0.50 10.89
N GLN A 27 -14.99 0.88 11.07
CA GLN A 27 -16.10 0.21 10.52
C GLN A 27 -17.06 1.26 10.02
N GLY A 28 -17.54 1.11 8.82
CA GLY A 28 -18.45 2.06 8.26
C GLY A 28 -17.82 2.76 7.10
N HIS A 29 -16.86 3.62 7.40
CA HIS A 29 -16.16 4.40 6.39
C HIS A 29 -14.68 4.38 6.74
N MET A 30 -13.83 4.43 5.74
CA MET A 30 -12.39 4.27 5.91
C MET A 30 -11.62 4.99 4.82
N ALA A 31 -11.34 6.25 5.08
CA ALA A 31 -10.65 7.11 4.14
C ALA A 31 -9.19 6.72 3.99
N TRP A 32 -8.94 5.94 2.97
CA TRP A 32 -7.60 5.59 2.56
C TRP A 32 -7.18 6.45 1.40
N LYS A 33 -5.99 6.21 0.89
CA LYS A 33 -5.48 6.95 -0.23
C LYS A 33 -6.00 6.37 -1.53
N ASP A 34 -5.50 6.90 -2.61
CA ASP A 34 -5.95 6.55 -3.94
C ASP A 34 -5.40 5.22 -4.39
N CYS A 35 -4.18 4.97 -4.01
CA CYS A 35 -3.46 3.78 -4.41
C CYS A 35 -3.03 3.01 -3.19
N ILE A 36 -3.05 1.72 -3.30
CA ILE A 36 -2.69 0.87 -2.21
C ILE A 36 -1.50 0.04 -2.62
N ILE A 37 -0.53 -0.02 -1.76
CA ILE A 37 0.71 -0.65 -2.09
C ILE A 37 0.96 -1.76 -1.10
N GLN A 38 0.93 -2.96 -1.58
CA GLN A 38 1.16 -4.10 -0.74
C GLN A 38 2.63 -4.47 -0.79
N ARG A 39 3.20 -4.61 0.39
CA ARG A 39 4.58 -4.99 0.51
C ARG A 39 4.63 -6.48 0.78
N TYR A 40 5.17 -7.21 -0.14
CA TYR A 40 5.34 -8.62 0.00
C TYR A 40 6.74 -8.82 0.48
N LYS A 41 6.88 -9.58 1.49
CA LYS A 41 8.14 -9.84 2.06
C LYS A 41 8.31 -11.33 2.01
N ASP A 42 9.33 -11.76 1.30
CA ASP A 42 9.66 -13.17 1.10
C ASP A 42 8.58 -13.97 0.41
N GLY A 43 7.83 -13.31 -0.45
CA GLY A 43 6.82 -13.99 -1.23
C GLY A 43 5.45 -13.99 -0.61
N ASP A 44 5.29 -13.29 0.49
CA ASP A 44 3.99 -13.22 1.14
C ASP A 44 3.73 -11.81 1.52
N VAL A 45 2.49 -11.47 1.56
CA VAL A 45 2.10 -10.12 1.82
C VAL A 45 2.33 -9.79 3.30
N ASN A 46 3.26 -8.91 3.52
CA ASN A 46 3.71 -8.56 4.84
C ASN A 46 3.01 -7.31 5.33
N ASN A 47 3.19 -6.24 4.60
CA ASN A 47 2.66 -4.98 5.00
C ASN A 47 1.74 -4.41 3.95
N ILE A 48 0.87 -3.55 4.39
CA ILE A 48 -0.11 -2.88 3.58
C ILE A 48 0.16 -1.39 3.70
N TYR A 49 0.48 -0.77 2.60
CA TYR A 49 0.76 0.64 2.53
C TYR A 49 -0.25 1.24 1.58
N THR A 50 -0.33 2.55 1.53
CA THR A 50 -1.23 3.22 0.65
C THR A 50 -0.68 4.62 0.39
N ALA A 51 -0.94 5.11 -0.79
CA ALA A 51 -0.40 6.37 -1.26
C ALA A 51 -1.35 7.02 -2.23
N ASN A 52 -1.23 8.32 -2.39
CA ASN A 52 -1.99 9.02 -3.40
C ASN A 52 -1.39 8.66 -4.74
N ARG A 53 -2.18 8.77 -5.77
CA ARG A 53 -1.65 8.75 -7.10
C ARG A 53 -0.64 9.87 -7.25
N ASN A 54 0.58 9.48 -7.60
CA ASN A 54 1.74 10.34 -7.83
C ASN A 54 2.29 10.85 -6.50
N GLU A 55 2.59 9.92 -5.63
CA GLU A 55 3.03 10.21 -4.29
C GLU A 55 4.15 9.29 -3.85
N GLU A 56 5.14 9.83 -3.16
CA GLU A 56 6.20 9.03 -2.64
C GLU A 56 5.90 8.68 -1.20
N ILE A 57 5.92 7.41 -0.91
CA ILE A 57 5.80 6.94 0.43
C ILE A 57 7.17 6.49 0.85
N THR A 58 7.28 5.95 2.02
CA THR A 58 8.50 5.40 2.44
C THR A 58 8.21 4.09 3.13
N ILE A 59 8.98 3.12 2.79
CA ILE A 59 8.85 1.78 3.29
C ILE A 59 10.20 1.38 3.83
N GLU A 60 10.34 1.36 5.14
CA GLU A 60 11.56 0.91 5.81
C GLU A 60 12.80 1.67 5.31
N GLU A 61 12.62 2.98 5.23
CA GLU A 61 13.61 3.94 4.73
C GLU A 61 13.88 3.87 3.23
N TYR A 62 13.08 3.12 2.52
CA TYR A 62 13.19 3.10 1.08
C TYR A 62 12.03 3.92 0.58
N LYS A 63 12.29 5.05 -0.07
CA LYS A 63 11.19 5.83 -0.54
C LYS A 63 10.70 5.27 -1.85
N VAL A 64 9.41 5.30 -2.02
CA VAL A 64 8.78 4.66 -3.15
C VAL A 64 7.75 5.60 -3.77
N PHE A 65 7.87 5.85 -5.05
CA PHE A 65 6.98 6.72 -5.75
C PHE A 65 5.89 5.90 -6.39
N VAL A 66 4.67 6.21 -6.05
CA VAL A 66 3.54 5.55 -6.61
C VAL A 66 2.99 6.41 -7.72
N ASN A 67 2.96 5.84 -8.90
CA ASN A 67 2.44 6.46 -10.11
C ASN A 67 0.91 6.57 -10.01
N GLU A 68 0.35 7.36 -10.90
CA GLU A 68 -1.09 7.70 -10.96
C GLU A 68 -2.01 6.50 -11.12
N ALA A 69 -1.47 5.43 -11.66
CA ALA A 69 -2.26 4.25 -11.92
C ALA A 69 -2.03 3.24 -10.82
N CYS A 70 -1.49 3.73 -9.72
CA CYS A 70 -1.27 2.96 -8.52
C CYS A 70 -0.27 1.84 -8.73
N HIS A 71 0.97 2.23 -8.91
CA HIS A 71 2.04 1.28 -9.05
C HIS A 71 3.27 1.92 -8.45
N PRO A 72 3.90 1.24 -7.49
CA PRO A 72 5.06 1.76 -6.78
C PRO A 72 6.39 1.55 -7.50
N TYR A 73 7.24 2.54 -7.45
CA TYR A 73 8.58 2.45 -7.97
C TYR A 73 9.60 2.89 -6.97
N PRO A 74 10.63 2.07 -6.82
CA PRO A 74 10.75 0.79 -7.54
C PRO A 74 9.86 -0.31 -6.95
N VAL A 75 9.70 -1.39 -7.69
CA VAL A 75 8.81 -2.47 -7.32
C VAL A 75 9.53 -3.48 -6.45
N ILE A 76 10.82 -3.58 -6.63
CA ILE A 76 11.61 -4.48 -5.84
C ILE A 76 12.48 -3.69 -4.90
N LEU A 77 12.45 -4.12 -3.66
CA LEU A 77 13.26 -3.49 -2.63
C LEU A 77 14.62 -4.18 -2.54
N PRO A 78 15.60 -3.68 -1.76
CA PRO A 78 16.95 -4.29 -1.67
C PRO A 78 16.91 -5.66 -0.98
N ASP A 79 15.81 -5.90 -0.32
CA ASP A 79 15.52 -7.17 0.34
C ASP A 79 14.88 -8.15 -0.64
N ARG A 80 14.48 -7.62 -1.79
CA ARG A 80 13.72 -8.32 -2.82
C ARG A 80 12.30 -8.55 -2.32
N SER A 81 11.88 -7.58 -1.52
CA SER A 81 10.52 -7.45 -1.11
C SER A 81 9.79 -7.01 -2.35
N VAL A 82 8.64 -7.58 -2.54
CA VAL A 82 7.83 -7.36 -3.70
C VAL A 82 6.79 -6.32 -3.40
N LEU A 83 6.73 -5.31 -4.20
CA LEU A 83 5.71 -4.33 -4.05
C LEU A 83 4.66 -4.52 -5.10
N SER A 84 3.43 -4.40 -4.72
CA SER A 84 2.36 -4.47 -5.69
C SER A 84 1.36 -3.38 -5.42
N GLY A 85 1.14 -2.55 -6.40
CA GLY A 85 0.25 -1.45 -6.22
C GLY A 85 -1.03 -1.68 -6.95
N ASP A 86 -2.11 -1.25 -6.36
CA ASP A 86 -3.40 -1.35 -6.98
C ASP A 86 -4.13 -0.14 -6.49
N PHE A 87 -5.29 0.12 -6.98
CA PHE A 87 -6.07 1.23 -6.50
C PHE A 87 -6.74 0.80 -5.22
N THR A 88 -6.76 1.67 -4.23
CA THR A 88 -7.34 1.33 -2.93
C THR A 88 -8.85 1.16 -3.04
N SER A 89 -9.37 1.63 -4.15
CA SER A 89 -10.76 1.61 -4.52
C SER A 89 -11.25 0.16 -4.51
N ALA A 90 -10.42 -0.73 -5.03
CA ALA A 90 -10.78 -2.13 -5.10
C ALA A 90 -10.15 -2.94 -3.98
N TYR A 91 -9.79 -2.26 -2.93
CA TYR A 91 -9.18 -2.87 -1.78
C TYR A 91 -9.86 -2.50 -0.48
N ALA A 92 -9.56 -1.31 0.01
CA ALA A 92 -10.18 -0.83 1.22
C ALA A 92 -11.53 -0.28 0.84
N ASP A 93 -11.61 0.23 -0.37
CA ASP A 93 -12.83 0.72 -1.01
C ASP A 93 -13.31 2.05 -0.47
N ASP A 94 -13.54 2.10 0.84
CA ASP A 94 -14.15 3.24 1.53
C ASP A 94 -15.55 3.43 0.99
N ASP A 95 -16.51 2.92 1.74
CA ASP A 95 -17.90 2.95 1.34
C ASP A 95 -18.31 4.38 1.14
N GLU A 96 -18.56 4.76 -0.09
CA GLU A 96 -18.81 6.13 -0.36
C GLU A 96 -20.22 6.55 -0.08
N SER A 97 -20.32 7.62 0.66
CA SER A 97 -21.57 8.20 1.01
C SER A 97 -22.29 8.68 -0.25
N CYS A 98 -23.52 8.30 -0.36
CA CYS A 98 -24.37 8.65 -1.47
C CYS A 98 -25.57 9.38 -0.90
N GLY A 20 -6.96 -4.63 18.42
CA GLY A 20 -6.97 -4.58 16.96
C GLY A 20 -7.43 -3.22 16.50
N ARG A 21 -8.64 -3.15 16.00
CA ARG A 21 -9.22 -1.89 15.62
C ARG A 21 -9.79 -1.32 16.93
N GLU A 22 -9.27 -0.17 17.33
CA GLU A 22 -9.51 0.41 18.64
C GLU A 22 -10.99 0.74 18.82
N ASN A 23 -11.48 1.60 17.98
CA ASN A 23 -12.87 1.98 17.97
C ASN A 23 -13.37 1.76 16.56
N LEU A 24 -12.72 2.44 15.63
CA LEU A 24 -12.96 2.29 14.22
C LEU A 24 -11.78 2.88 13.50
N TYR A 25 -11.78 2.81 12.19
CA TYR A 25 -10.70 3.38 11.43
C TYR A 25 -10.98 4.87 11.27
N PHE A 26 -10.55 5.61 12.30
CA PHE A 26 -10.72 7.06 12.43
C PHE A 26 -12.20 7.37 12.57
N GLN A 27 -12.84 7.77 11.50
CA GLN A 27 -14.26 7.90 11.39
C GLN A 27 -14.62 7.57 9.97
N GLY A 28 -14.63 6.31 9.68
CA GLY A 28 -14.98 5.87 8.38
C GLY A 28 -15.15 4.39 8.41
N HIS A 29 -15.95 3.90 7.51
CA HIS A 29 -16.16 2.48 7.36
C HIS A 29 -14.86 1.95 6.74
N MET A 30 -14.36 2.77 5.83
CA MET A 30 -13.05 2.66 5.20
C MET A 30 -12.75 4.04 4.62
N ALA A 31 -11.54 4.50 4.81
CA ALA A 31 -11.10 5.81 4.32
C ALA A 31 -9.60 5.75 4.09
N TRP A 32 -9.22 5.38 2.90
CA TRP A 32 -7.82 5.16 2.56
C TRP A 32 -7.34 6.16 1.52
N LYS A 33 -6.17 5.90 0.96
CA LYS A 33 -5.61 6.73 -0.09
C LYS A 33 -6.16 6.27 -1.43
N ASP A 34 -5.62 6.82 -2.49
CA ASP A 34 -6.05 6.54 -3.84
C ASP A 34 -5.43 5.26 -4.39
N CYS A 35 -4.25 4.96 -3.91
CA CYS A 35 -3.48 3.80 -4.37
C CYS A 35 -3.06 2.96 -3.20
N ILE A 36 -3.09 1.68 -3.35
CA ILE A 36 -2.76 0.80 -2.28
C ILE A 36 -1.57 -0.04 -2.67
N ILE A 37 -0.62 -0.12 -1.77
CA ILE A 37 0.62 -0.76 -2.09
C ILE A 37 0.86 -1.88 -1.08
N GLN A 38 0.80 -3.07 -1.56
CA GLN A 38 1.00 -4.21 -0.73
C GLN A 38 2.44 -4.65 -0.83
N ARG A 39 3.08 -4.76 0.31
CA ARG A 39 4.45 -5.14 0.35
C ARG A 39 4.54 -6.63 0.56
N TYR A 40 5.04 -7.32 -0.42
CA TYR A 40 5.25 -8.73 -0.34
C TYR A 40 6.66 -8.91 0.06
N LYS A 41 6.88 -9.79 0.96
CA LYS A 41 8.14 -9.99 1.55
C LYS A 41 8.13 -11.42 2.03
N ASP A 42 9.14 -12.16 1.66
CA ASP A 42 9.27 -13.58 2.01
C ASP A 42 8.15 -14.45 1.47
N GLY A 43 7.60 -14.04 0.34
CA GLY A 43 6.61 -14.85 -0.33
C GLY A 43 5.18 -14.54 0.06
N ASP A 44 4.99 -13.61 0.97
CA ASP A 44 3.67 -13.27 1.41
C ASP A 44 3.58 -11.80 1.59
N VAL A 45 2.37 -11.30 1.61
CA VAL A 45 2.15 -9.91 1.87
C VAL A 45 2.49 -9.64 3.35
N ASN A 46 3.56 -8.93 3.54
CA ASN A 46 4.10 -8.68 4.85
C ASN A 46 3.46 -7.47 5.45
N ASN A 47 3.47 -6.40 4.68
CA ASN A 47 2.93 -5.14 5.09
C ASN A 47 1.97 -4.61 4.07
N ILE A 48 1.09 -3.79 4.52
CA ILE A 48 0.09 -3.14 3.69
C ILE A 48 0.32 -1.63 3.81
N TYR A 49 0.61 -1.00 2.69
CA TYR A 49 0.83 0.43 2.64
C TYR A 49 -0.20 1.00 1.68
N THR A 50 -0.33 2.28 1.67
CA THR A 50 -1.21 2.96 0.77
C THR A 50 -0.70 4.37 0.57
N ALA A 51 -0.91 4.87 -0.61
CA ALA A 51 -0.39 6.18 -1.02
C ALA A 51 -1.34 6.79 -2.01
N ASN A 52 -1.29 8.06 -2.20
CA ASN A 52 -2.12 8.66 -3.21
C ASN A 52 -1.49 8.51 -4.59
N ARG A 53 -2.30 8.68 -5.60
CA ARG A 53 -1.84 8.70 -6.98
C ARG A 53 -0.85 9.84 -7.19
N ASN A 54 0.38 9.45 -7.45
CA ASN A 54 1.57 10.30 -7.59
C ASN A 54 1.98 10.79 -6.22
N GLU A 55 2.44 9.87 -5.41
CA GLU A 55 2.86 10.14 -4.07
C GLU A 55 4.01 9.21 -3.72
N GLU A 56 5.07 9.78 -3.19
CA GLU A 56 6.23 9.03 -2.82
C GLU A 56 6.18 8.75 -1.31
N ILE A 57 6.10 7.48 -0.99
CA ILE A 57 6.09 7.00 0.36
C ILE A 57 7.50 6.57 0.71
N THR A 58 7.67 6.08 1.89
CA THR A 58 8.92 5.53 2.29
C THR A 58 8.62 4.24 3.04
N ILE A 59 9.38 3.23 2.74
CA ILE A 59 9.26 1.93 3.33
C ILE A 59 10.64 1.56 3.83
N GLU A 60 10.85 1.56 5.13
CA GLU A 60 12.14 1.18 5.71
C GLU A 60 13.32 1.99 5.20
N GLU A 61 13.00 3.26 4.95
CA GLU A 61 13.88 4.30 4.48
C GLU A 61 14.22 4.17 3.01
N TYR A 62 13.46 3.34 2.35
CA TYR A 62 13.52 3.19 0.93
C TYR A 62 12.33 3.97 0.41
N LYS A 63 12.55 5.09 -0.25
CA LYS A 63 11.44 5.84 -0.74
C LYS A 63 10.92 5.21 -2.01
N VAL A 64 9.63 5.30 -2.18
CA VAL A 64 8.92 4.64 -3.24
C VAL A 64 7.89 5.59 -3.82
N PHE A 65 8.01 5.90 -5.09
CA PHE A 65 7.09 6.78 -5.75
C PHE A 65 5.95 5.96 -6.34
N VAL A 66 4.77 6.23 -5.88
CA VAL A 66 3.61 5.57 -6.42
C VAL A 66 3.05 6.46 -7.49
N ASN A 67 3.02 5.94 -8.71
CA ASN A 67 2.50 6.64 -9.85
C ASN A 67 0.97 6.69 -9.74
N GLU A 68 0.37 7.50 -10.57
CA GLU A 68 -1.07 7.73 -10.60
C GLU A 68 -1.88 6.49 -10.97
N ALA A 69 -1.22 5.48 -11.51
CA ALA A 69 -1.86 4.24 -11.86
C ALA A 69 -1.81 3.28 -10.68
N CYS A 70 -1.31 3.82 -9.55
CA CYS A 70 -1.22 3.12 -8.29
C CYS A 70 -0.21 2.02 -8.32
N HIS A 71 0.84 2.30 -9.02
CA HIS A 71 1.89 1.36 -9.16
C HIS A 71 3.17 2.01 -8.64
N PRO A 72 3.83 1.37 -7.68
CA PRO A 72 5.03 1.90 -7.05
C PRO A 72 6.33 1.69 -7.82
N TYR A 73 7.27 2.58 -7.58
CA TYR A 73 8.61 2.49 -8.07
C TYR A 73 9.61 2.85 -7.00
N PRO A 74 10.62 2.01 -6.83
CA PRO A 74 10.74 0.76 -7.60
C PRO A 74 9.84 -0.33 -7.03
N VAL A 75 9.59 -1.34 -7.83
CA VAL A 75 8.69 -2.42 -7.45
C VAL A 75 9.41 -3.39 -6.52
N ILE A 76 10.68 -3.61 -6.78
CA ILE A 76 11.48 -4.44 -5.92
C ILE A 76 12.36 -3.60 -5.02
N LEU A 77 12.26 -3.87 -3.75
CA LEU A 77 13.05 -3.18 -2.76
C LEU A 77 14.36 -3.93 -2.55
N PRO A 78 15.35 -3.38 -1.81
CA PRO A 78 16.68 -4.03 -1.64
C PRO A 78 16.60 -5.29 -0.80
N ASP A 79 15.45 -5.49 -0.20
CA ASP A 79 15.13 -6.69 0.57
C ASP A 79 14.62 -7.81 -0.34
N ARG A 80 14.34 -7.42 -1.59
CA ARG A 80 13.71 -8.22 -2.62
C ARG A 80 12.21 -8.30 -2.31
N SER A 81 11.76 -7.32 -1.55
CA SER A 81 10.37 -7.16 -1.26
C SER A 81 9.68 -6.77 -2.56
N VAL A 82 8.57 -7.42 -2.78
CA VAL A 82 7.73 -7.29 -3.94
C VAL A 82 6.66 -6.26 -3.64
N LEU A 83 6.65 -5.18 -4.34
CA LEU A 83 5.59 -4.22 -4.15
C LEU A 83 4.52 -4.40 -5.15
N SER A 84 3.34 -4.62 -4.67
CA SER A 84 2.21 -4.81 -5.54
C SER A 84 1.26 -3.64 -5.33
N GLY A 85 1.04 -2.89 -6.38
CA GLY A 85 0.23 -1.71 -6.24
C GLY A 85 -1.03 -1.78 -7.06
N ASP A 86 -2.12 -1.41 -6.47
CA ASP A 86 -3.40 -1.37 -7.14
C ASP A 86 -4.10 -0.14 -6.64
N PHE A 87 -5.16 0.26 -7.26
CA PHE A 87 -5.95 1.39 -6.78
C PHE A 87 -6.68 0.94 -5.52
N THR A 88 -6.76 1.79 -4.51
CA THR A 88 -7.43 1.40 -3.26
C THR A 88 -8.93 1.31 -3.48
N SER A 89 -9.38 1.89 -4.57
CA SER A 89 -10.72 1.94 -5.01
C SER A 89 -11.30 0.53 -5.16
N ALA A 90 -10.44 -0.42 -5.53
CA ALA A 90 -10.84 -1.79 -5.75
C ALA A 90 -10.33 -2.65 -4.61
N TYR A 91 -10.03 -1.99 -3.54
CA TYR A 91 -9.46 -2.58 -2.35
C TYR A 91 -10.05 -1.93 -1.12
N ALA A 92 -9.50 -2.32 0.03
CA ALA A 92 -9.77 -1.72 1.36
C ALA A 92 -11.21 -1.72 1.80
N ASP A 93 -12.04 -2.40 1.06
CA ASP A 93 -13.45 -2.54 1.39
C ASP A 93 -13.57 -3.57 2.50
N ASP A 94 -12.99 -3.16 3.65
CA ASP A 94 -12.88 -3.91 4.90
C ASP A 94 -12.51 -5.34 4.58
N ASP A 95 -11.40 -5.44 3.87
CA ASP A 95 -10.95 -6.66 3.29
C ASP A 95 -9.49 -6.88 3.56
N GLU A 96 -9.19 -7.92 4.28
CA GLU A 96 -7.82 -8.32 4.52
C GLU A 96 -7.53 -9.49 3.62
N SER A 97 -6.28 -9.69 3.28
CA SER A 97 -5.90 -10.79 2.43
C SER A 97 -5.78 -12.08 3.26
N CYS A 98 -6.88 -12.80 3.36
CA CYS A 98 -6.93 -14.05 4.07
C CYS A 98 -7.53 -15.07 3.11
N GLY A 20 -0.83 -7.62 7.29
CA GLY A 20 0.43 -7.20 7.89
C GLY A 20 0.42 -5.71 8.09
N ARG A 21 1.00 -5.26 9.18
CA ARG A 21 1.07 -3.86 9.60
C ARG A 21 -0.22 -3.38 10.25
N GLU A 22 -0.30 -3.64 11.52
CA GLU A 22 -1.36 -3.14 12.34
C GLU A 22 -0.80 -1.88 13.00
N ASN A 23 -1.30 -0.73 12.57
CA ASN A 23 -0.83 0.55 13.11
C ASN A 23 -1.16 0.66 14.58
N LEU A 24 -2.44 0.58 14.84
CA LEU A 24 -3.03 0.69 16.15
C LEU A 24 -4.29 -0.13 16.05
N TYR A 25 -5.02 -0.29 17.12
CA TYR A 25 -6.31 -0.93 16.99
C TYR A 25 -7.26 0.13 16.48
N PHE A 26 -7.25 0.31 15.19
CA PHE A 26 -8.13 1.25 14.57
C PHE A 26 -9.38 0.55 14.06
N GLN A 27 -10.43 0.65 14.82
CA GLN A 27 -11.68 0.09 14.44
C GLN A 27 -12.43 1.19 13.73
N GLY A 28 -12.49 1.11 12.43
CA GLY A 28 -13.13 2.16 11.70
C GLY A 28 -13.58 1.70 10.36
N HIS A 29 -14.00 2.65 9.56
CA HIS A 29 -14.44 2.39 8.21
C HIS A 29 -13.23 2.66 7.33
N MET A 30 -13.11 1.96 6.24
CA MET A 30 -12.00 2.15 5.34
C MET A 30 -12.09 3.47 4.60
N ALA A 31 -11.08 4.29 4.82
CA ALA A 31 -10.91 5.55 4.15
C ALA A 31 -9.42 5.75 4.00
N TRP A 32 -8.90 5.06 3.03
CA TRP A 32 -7.49 5.00 2.73
C TRP A 32 -7.15 6.02 1.66
N LYS A 33 -5.98 5.89 1.07
CA LYS A 33 -5.54 6.79 0.03
C LYS A 33 -6.00 6.29 -1.32
N ASP A 34 -5.52 6.91 -2.36
CA ASP A 34 -6.01 6.64 -3.69
C ASP A 34 -5.44 5.34 -4.24
N CYS A 35 -4.24 5.05 -3.79
CA CYS A 35 -3.50 3.88 -4.24
C CYS A 35 -3.11 3.03 -3.06
N ILE A 36 -3.15 1.75 -3.23
CA ILE A 36 -2.85 0.84 -2.16
C ILE A 36 -1.63 0.02 -2.54
N ILE A 37 -0.71 -0.09 -1.62
CA ILE A 37 0.56 -0.71 -1.90
C ILE A 37 0.81 -1.81 -0.88
N GLN A 38 0.83 -3.02 -1.34
CA GLN A 38 1.06 -4.16 -0.51
C GLN A 38 2.52 -4.57 -0.61
N ARG A 39 3.14 -4.86 0.52
CA ARG A 39 4.52 -5.24 0.55
C ARG A 39 4.57 -6.73 0.76
N TYR A 40 5.01 -7.46 -0.22
CA TYR A 40 5.15 -8.89 -0.18
C TYR A 40 6.56 -9.27 0.19
N LYS A 41 6.70 -10.36 0.87
CA LYS A 41 7.96 -10.84 1.30
C LYS A 41 7.91 -12.36 1.24
N ASP A 42 8.79 -12.92 0.44
CA ASP A 42 8.92 -14.37 0.21
C ASP A 42 7.69 -15.04 -0.38
N GLY A 43 6.96 -14.30 -1.17
CA GLY A 43 5.82 -14.85 -1.83
C GLY A 43 4.49 -14.59 -1.14
N ASP A 44 4.54 -14.13 0.10
CA ASP A 44 3.34 -13.87 0.85
C ASP A 44 3.37 -12.44 1.30
N VAL A 45 2.23 -11.92 1.61
CA VAL A 45 2.13 -10.53 1.97
C VAL A 45 2.70 -10.26 3.38
N ASN A 46 3.48 -9.22 3.47
CA ASN A 46 4.21 -8.82 4.66
C ASN A 46 3.67 -7.54 5.29
N ASN A 47 3.74 -6.45 4.55
CA ASN A 47 3.27 -5.16 5.02
C ASN A 47 2.21 -4.61 4.10
N ILE A 48 1.55 -3.58 4.57
CA ILE A 48 0.49 -2.87 3.86
C ILE A 48 0.78 -1.37 3.94
N TYR A 49 0.61 -0.67 2.84
CA TYR A 49 0.77 0.77 2.77
C TYR A 49 -0.31 1.28 1.82
N THR A 50 -0.57 2.54 1.86
CA THR A 50 -1.45 3.18 0.93
C THR A 50 -0.97 4.61 0.73
N ALA A 51 -1.02 5.06 -0.50
CA ALA A 51 -0.48 6.35 -0.91
C ALA A 51 -1.43 6.99 -1.90
N ASN A 52 -1.28 8.26 -2.13
CA ASN A 52 -2.09 8.93 -3.13
C ASN A 52 -1.56 8.62 -4.51
N ARG A 53 -2.38 8.80 -5.53
CA ARG A 53 -1.93 8.66 -6.89
C ARG A 53 -0.97 9.79 -7.23
N ASN A 54 0.26 9.38 -7.52
CA ASN A 54 1.42 10.23 -7.78
C ASN A 54 1.92 10.80 -6.47
N GLU A 55 2.43 9.92 -5.64
CA GLU A 55 2.90 10.28 -4.35
C GLU A 55 4.03 9.37 -3.95
N GLU A 56 5.08 9.95 -3.42
CA GLU A 56 6.23 9.21 -3.00
C GLU A 56 6.21 9.02 -1.50
N ILE A 57 6.18 7.77 -1.13
CA ILE A 57 6.20 7.36 0.24
C ILE A 57 7.62 6.94 0.56
N THR A 58 7.85 6.55 1.77
CA THR A 58 9.13 6.06 2.12
C THR A 58 8.95 4.83 2.96
N ILE A 59 9.71 3.83 2.65
CA ILE A 59 9.67 2.56 3.33
C ILE A 59 11.07 2.27 3.79
N GLU A 60 11.35 2.39 5.09
CA GLU A 60 12.68 2.05 5.65
C GLU A 60 13.78 2.89 5.01
N GLU A 61 13.40 4.13 4.71
CA GLU A 61 14.23 5.13 4.04
C GLU A 61 14.56 4.78 2.60
N TYR A 62 13.75 3.93 2.03
CA TYR A 62 13.78 3.64 0.62
C TYR A 62 12.57 4.38 0.08
N LYS A 63 12.78 5.43 -0.67
CA LYS A 63 11.68 6.22 -1.14
C LYS A 63 11.05 5.56 -2.36
N VAL A 64 9.76 5.49 -2.32
CA VAL A 64 8.98 4.79 -3.31
C VAL A 64 7.91 5.70 -3.88
N PHE A 65 7.98 5.93 -5.16
CA PHE A 65 7.03 6.78 -5.83
C PHE A 65 5.91 5.94 -6.37
N VAL A 66 4.71 6.24 -5.93
CA VAL A 66 3.54 5.58 -6.42
C VAL A 66 2.97 6.41 -7.55
N ASN A 67 3.00 5.82 -8.73
CA ASN A 67 2.46 6.40 -9.94
C ASN A 67 0.94 6.43 -9.80
N GLU A 68 0.29 7.18 -10.63
CA GLU A 68 -1.17 7.35 -10.61
C GLU A 68 -1.91 6.09 -11.05
N ALA A 69 -1.15 5.12 -11.53
CA ALA A 69 -1.67 3.81 -11.85
C ALA A 69 -1.75 2.99 -10.58
N CYS A 70 -1.28 3.62 -9.50
CA CYS A 70 -1.29 3.06 -8.17
C CYS A 70 -0.33 1.93 -8.03
N HIS A 71 0.72 2.05 -8.76
CA HIS A 71 1.75 1.06 -8.76
C HIS A 71 3.04 1.77 -8.37
N PRO A 72 3.74 1.23 -7.38
CA PRO A 72 4.94 1.86 -6.82
C PRO A 72 6.24 1.55 -7.57
N TYR A 73 7.19 2.44 -7.40
CA TYR A 73 8.54 2.29 -7.88
C TYR A 73 9.54 2.71 -6.84
N PRO A 74 10.54 1.87 -6.62
CA PRO A 74 10.66 0.58 -7.31
C PRO A 74 9.75 -0.49 -6.72
N VAL A 75 9.64 -1.57 -7.43
CA VAL A 75 8.77 -2.66 -7.07
C VAL A 75 9.49 -3.60 -6.11
N ILE A 76 10.74 -3.90 -6.36
CA ILE A 76 11.53 -4.66 -5.43
C ILE A 76 12.37 -3.76 -4.59
N LEU A 77 12.26 -3.95 -3.31
CA LEU A 77 13.06 -3.23 -2.35
C LEU A 77 14.36 -3.99 -2.14
N PRO A 78 15.38 -3.42 -1.46
CA PRO A 78 16.67 -4.09 -1.26
C PRO A 78 16.54 -5.27 -0.30
N ASP A 79 15.37 -5.33 0.31
CA ASP A 79 14.97 -6.36 1.24
C ASP A 79 14.32 -7.53 0.45
N ARG A 80 14.28 -7.40 -0.91
CA ARG A 80 13.76 -8.43 -1.84
C ARG A 80 12.24 -8.48 -1.78
N SER A 81 11.70 -7.50 -1.09
CA SER A 81 10.29 -7.33 -0.91
C SER A 81 9.65 -6.91 -2.22
N VAL A 82 8.52 -7.49 -2.47
CA VAL A 82 7.69 -7.26 -3.63
C VAL A 82 6.66 -6.19 -3.32
N LEU A 83 6.62 -5.15 -4.08
CA LEU A 83 5.57 -4.20 -3.92
C LEU A 83 4.52 -4.42 -4.95
N SER A 84 3.34 -4.62 -4.48
CA SER A 84 2.23 -4.81 -5.36
C SER A 84 1.25 -3.71 -5.10
N GLY A 85 1.01 -2.90 -6.10
CA GLY A 85 0.15 -1.80 -5.91
C GLY A 85 -1.06 -1.89 -6.80
N ASP A 86 -2.13 -1.30 -6.34
CA ASP A 86 -3.33 -1.19 -7.14
C ASP A 86 -4.05 0.00 -6.58
N PHE A 87 -5.14 0.34 -7.16
CA PHE A 87 -5.93 1.47 -6.72
C PHE A 87 -6.72 1.01 -5.50
N THR A 88 -6.84 1.83 -4.48
CA THR A 88 -7.55 1.44 -3.27
C THR A 88 -9.06 1.38 -3.54
N SER A 89 -9.48 1.89 -4.67
CA SER A 89 -10.86 1.86 -5.10
C SER A 89 -11.30 0.44 -5.44
N ALA A 90 -10.33 -0.40 -5.75
CA ALA A 90 -10.58 -1.79 -6.03
C ALA A 90 -10.15 -2.65 -4.85
N TYR A 91 -9.99 -1.98 -3.74
CA TYR A 91 -9.51 -2.56 -2.52
C TYR A 91 -10.15 -1.94 -1.30
N ALA A 92 -9.58 -2.28 -0.16
CA ALA A 92 -9.93 -1.79 1.15
C ALA A 92 -11.34 -2.08 1.57
N ASP A 93 -11.41 -3.23 2.13
CA ASP A 93 -12.53 -3.84 2.80
C ASP A 93 -11.88 -4.74 3.82
N ASP A 94 -10.72 -4.24 4.23
CA ASP A 94 -9.80 -4.91 5.11
C ASP A 94 -10.38 -5.16 6.49
N ASP A 95 -9.85 -6.17 7.14
CA ASP A 95 -10.39 -6.65 8.39
C ASP A 95 -9.64 -6.09 9.59
N GLU A 96 -9.89 -4.83 9.88
CA GLU A 96 -9.36 -4.23 11.07
C GLU A 96 -10.42 -4.29 12.15
N SER A 97 -11.63 -3.97 11.74
CA SER A 97 -12.78 -4.05 12.61
C SER A 97 -13.24 -5.51 12.61
N CYS A 98 -12.57 -6.29 13.42
CA CYS A 98 -12.75 -7.70 13.53
C CYS A 98 -13.42 -8.02 14.87
N GLY A 20 -3.43 8.16 9.66
CA GLY A 20 -2.13 8.15 10.34
C GLY A 20 -1.07 7.51 9.49
N ARG A 21 0.14 7.37 10.03
CA ARG A 21 1.25 6.81 9.28
C ARG A 21 1.06 5.32 9.08
N GLU A 22 0.37 4.74 10.01
CA GLU A 22 0.02 3.34 10.06
C GLU A 22 -0.96 3.27 11.21
N ASN A 23 -2.22 3.32 10.89
CA ASN A 23 -3.25 3.35 11.93
C ASN A 23 -4.16 2.16 11.81
N LEU A 24 -4.96 1.97 12.83
CA LEU A 24 -5.82 0.82 12.92
C LEU A 24 -7.15 1.10 12.24
N TYR A 25 -7.91 0.04 12.07
CA TYR A 25 -9.27 0.15 11.58
C TYR A 25 -10.11 0.59 12.77
N PHE A 26 -10.08 1.87 13.02
CA PHE A 26 -10.83 2.42 14.13
C PHE A 26 -12.26 2.72 13.72
N GLN A 27 -12.39 3.33 12.56
CA GLN A 27 -13.67 3.80 12.06
C GLN A 27 -14.24 2.85 11.02
N GLY A 28 -15.57 2.81 10.94
CA GLY A 28 -16.27 1.95 10.01
C GLY A 28 -16.03 2.36 8.58
N HIS A 29 -16.00 3.67 8.36
CA HIS A 29 -15.64 4.19 7.05
C HIS A 29 -14.18 4.56 7.06
N MET A 30 -13.36 3.60 6.75
CA MET A 30 -11.93 3.82 6.62
C MET A 30 -11.64 4.74 5.45
N ALA A 31 -10.61 5.53 5.60
CA ALA A 31 -10.21 6.47 4.59
C ALA A 31 -8.74 6.36 4.30
N TRP A 32 -8.42 5.53 3.34
CA TRP A 32 -7.08 5.35 2.87
C TRP A 32 -6.82 6.28 1.67
N LYS A 33 -5.70 6.13 1.01
CA LYS A 33 -5.36 6.96 -0.13
C LYS A 33 -5.91 6.35 -1.42
N ASP A 34 -5.50 6.90 -2.55
CA ASP A 34 -6.04 6.46 -3.84
C ASP A 34 -5.43 5.14 -4.28
N CYS A 35 -4.20 4.92 -3.88
CA CYS A 35 -3.44 3.73 -4.26
C CYS A 35 -3.00 2.97 -3.02
N ILE A 36 -2.98 1.69 -3.14
CA ILE A 36 -2.61 0.82 -2.06
C ILE A 36 -1.39 0.03 -2.50
N ILE A 37 -0.42 -0.04 -1.64
CA ILE A 37 0.84 -0.65 -1.96
C ILE A 37 1.03 -1.81 -1.01
N GLN A 38 1.42 -2.93 -1.53
CA GLN A 38 1.52 -4.14 -0.77
C GLN A 38 2.97 -4.58 -0.75
N ARG A 39 3.50 -4.90 0.39
CA ARG A 39 4.83 -5.44 0.48
C ARG A 39 4.76 -6.95 0.48
N TYR A 40 5.23 -7.58 -0.55
CA TYR A 40 5.25 -9.01 -0.66
C TYR A 40 6.58 -9.50 -0.21
N LYS A 41 6.59 -10.15 0.91
CA LYS A 41 7.75 -10.60 1.55
C LYS A 41 7.60 -12.10 1.67
N ASP A 42 8.58 -12.82 1.19
CA ASP A 42 8.60 -14.29 1.10
C ASP A 42 7.47 -14.82 0.24
N GLY A 43 7.07 -14.03 -0.74
CA GLY A 43 6.04 -14.43 -1.66
C GLY A 43 4.63 -14.05 -1.25
N ASP A 44 4.46 -13.58 -0.03
CA ASP A 44 3.13 -13.26 0.45
C ASP A 44 3.13 -11.84 0.90
N VAL A 45 1.98 -11.26 0.88
CA VAL A 45 1.85 -9.88 1.25
C VAL A 45 2.00 -9.75 2.78
N ASN A 46 3.09 -9.15 3.15
CA ASN A 46 3.52 -9.03 4.52
C ASN A 46 2.93 -7.78 5.15
N ASN A 47 3.24 -6.65 4.54
CA ASN A 47 2.80 -5.38 5.03
C ASN A 47 1.99 -4.71 3.96
N ILE A 48 1.19 -3.76 4.37
CA ILE A 48 0.40 -3.00 3.45
C ILE A 48 0.80 -1.55 3.67
N TYR A 49 0.61 -0.73 2.69
CA TYR A 49 0.92 0.68 2.72
C TYR A 49 -0.06 1.31 1.77
N THR A 50 -0.17 2.60 1.76
CA THR A 50 -1.05 3.28 0.85
C THR A 50 -0.50 4.66 0.52
N ALA A 51 -0.75 5.06 -0.69
CA ALA A 51 -0.25 6.30 -1.25
C ALA A 51 -1.26 6.82 -2.22
N ASN A 52 -1.20 8.07 -2.50
CA ASN A 52 -2.07 8.66 -3.50
C ASN A 52 -1.49 8.39 -4.87
N ARG A 53 -2.32 8.46 -5.88
CA ARG A 53 -1.86 8.42 -7.24
C ARG A 53 -0.93 9.60 -7.50
N ASN A 54 0.32 9.28 -7.75
CA ASN A 54 1.46 10.19 -7.97
C ASN A 54 1.90 10.74 -6.63
N GLU A 55 2.44 9.86 -5.79
CA GLU A 55 2.87 10.21 -4.48
C GLU A 55 4.08 9.40 -4.07
N GLU A 56 5.11 10.08 -3.62
CA GLU A 56 6.30 9.46 -3.11
C GLU A 56 6.16 9.22 -1.63
N ILE A 57 6.05 7.98 -1.26
CA ILE A 57 6.00 7.57 0.10
C ILE A 57 7.39 7.15 0.50
N THR A 58 7.52 6.72 1.70
CA THR A 58 8.73 6.19 2.18
C THR A 58 8.35 4.93 2.90
N ILE A 59 9.04 3.90 2.58
CA ILE A 59 8.82 2.62 3.17
C ILE A 59 10.13 2.19 3.77
N GLU A 60 10.26 2.33 5.09
CA GLU A 60 11.42 1.80 5.82
C GLU A 60 12.73 2.45 5.34
N GLU A 61 12.60 3.74 5.03
CA GLU A 61 13.66 4.60 4.50
C GLU A 61 14.05 4.27 3.08
N TYR A 62 13.17 3.58 2.40
CA TYR A 62 13.29 3.33 1.00
C TYR A 62 12.15 4.10 0.39
N LYS A 63 12.43 5.20 -0.29
CA LYS A 63 11.33 5.93 -0.83
C LYS A 63 10.83 5.30 -2.09
N VAL A 64 9.58 5.54 -2.31
CA VAL A 64 8.84 4.87 -3.36
C VAL A 64 7.89 5.84 -4.00
N PHE A 65 7.92 5.92 -5.30
CA PHE A 65 7.02 6.75 -6.03
C PHE A 65 5.91 5.88 -6.56
N VAL A 66 4.71 6.20 -6.17
CA VAL A 66 3.56 5.51 -6.68
C VAL A 66 2.98 6.35 -7.78
N ASN A 67 2.99 5.78 -8.96
CA ASN A 67 2.48 6.42 -10.16
C ASN A 67 0.95 6.50 -10.09
N GLU A 68 0.40 7.27 -10.98
CA GLU A 68 -1.03 7.59 -11.07
C GLU A 68 -1.95 6.40 -11.22
N ALA A 69 -1.43 5.29 -11.68
CA ALA A 69 -2.22 4.11 -11.89
C ALA A 69 -1.99 3.13 -10.77
N CYS A 70 -1.48 3.66 -9.66
CA CYS A 70 -1.24 2.89 -8.46
C CYS A 70 -0.23 1.79 -8.69
N HIS A 71 1.00 2.20 -8.88
CA HIS A 71 2.07 1.26 -9.07
C HIS A 71 3.34 1.88 -8.50
N PRO A 72 3.95 1.20 -7.53
CA PRO A 72 5.12 1.70 -6.82
C PRO A 72 6.46 1.38 -7.48
N TYR A 73 7.37 2.33 -7.39
CA TYR A 73 8.73 2.17 -7.80
C TYR A 73 9.70 2.65 -6.74
N PRO A 74 10.74 1.88 -6.45
CA PRO A 74 10.97 0.60 -7.13
C PRO A 74 10.06 -0.51 -6.62
N VAL A 75 9.90 -1.53 -7.44
CA VAL A 75 9.04 -2.65 -7.12
C VAL A 75 9.77 -3.59 -6.18
N ILE A 76 11.05 -3.79 -6.42
CA ILE A 76 11.81 -4.58 -5.51
C ILE A 76 12.57 -3.68 -4.59
N LEU A 77 12.33 -3.90 -3.35
CA LEU A 77 13.00 -3.18 -2.30
C LEU A 77 14.34 -3.86 -2.00
N PRO A 78 15.25 -3.24 -1.24
CA PRO A 78 16.58 -3.84 -0.98
C PRO A 78 16.47 -5.07 -0.10
N ASP A 79 15.28 -5.24 0.46
CA ASP A 79 14.95 -6.35 1.32
C ASP A 79 14.36 -7.49 0.46
N ARG A 80 14.47 -7.32 -0.88
CA ARG A 80 14.13 -8.31 -1.92
C ARG A 80 12.62 -8.56 -1.99
N SER A 81 11.86 -7.74 -1.30
CA SER A 81 10.44 -7.83 -1.26
C SER A 81 9.83 -7.15 -2.48
N VAL A 82 8.70 -7.67 -2.86
CA VAL A 82 7.90 -7.28 -4.00
C VAL A 82 6.91 -6.22 -3.60
N LEU A 83 6.82 -5.15 -4.33
CA LEU A 83 5.80 -4.18 -4.09
C LEU A 83 4.73 -4.25 -5.13
N SER A 84 3.55 -4.43 -4.67
CA SER A 84 2.42 -4.47 -5.55
C SER A 84 1.65 -3.20 -5.33
N GLY A 85 1.04 -2.71 -6.36
CA GLY A 85 0.27 -1.51 -6.25
C GLY A 85 -1.06 -1.72 -6.86
N ASP A 86 -2.09 -1.20 -6.25
CA ASP A 86 -3.42 -1.27 -6.82
C ASP A 86 -4.15 -0.07 -6.27
N PHE A 87 -5.35 0.14 -6.69
CA PHE A 87 -6.13 1.27 -6.23
C PHE A 87 -6.83 0.84 -4.94
N THR A 88 -6.78 1.66 -3.91
CA THR A 88 -7.34 1.30 -2.62
C THR A 88 -8.85 1.21 -2.66
N SER A 89 -9.44 1.87 -3.65
CA SER A 89 -10.86 1.93 -3.85
C SER A 89 -11.43 0.56 -4.17
N ALA A 90 -10.60 -0.28 -4.75
CA ALA A 90 -10.95 -1.63 -5.10
C ALA A 90 -10.21 -2.59 -4.19
N TYR A 91 -9.79 -2.09 -3.06
CA TYR A 91 -8.98 -2.86 -2.16
C TYR A 91 -9.40 -2.84 -0.71
N ALA A 92 -9.25 -1.71 -0.03
CA ALA A 92 -9.55 -1.68 1.37
C ALA A 92 -11.03 -1.54 1.63
N ASP A 93 -11.76 -1.33 0.54
CA ASP A 93 -13.23 -1.23 0.49
C ASP A 93 -13.70 0.08 1.10
N ASP A 94 -12.78 1.04 1.12
CA ASP A 94 -13.04 2.42 1.56
C ASP A 94 -14.14 2.98 0.68
N ASP A 95 -14.85 3.97 1.18
CA ASP A 95 -15.89 4.58 0.37
C ASP A 95 -15.24 5.59 -0.56
N GLU A 96 -14.61 5.03 -1.58
CA GLU A 96 -13.83 5.70 -2.61
C GLU A 96 -12.67 6.46 -1.98
N SER A 97 -12.11 5.84 -0.96
CA SER A 97 -10.98 6.32 -0.16
C SER A 97 -11.36 7.54 0.69
N CYS A 98 -11.44 8.67 0.06
CA CYS A 98 -11.68 9.93 0.73
C CYS A 98 -12.60 10.78 -0.14
N GLY A 20 7.69 -2.64 8.42
CA GLY A 20 7.30 -1.44 9.14
C GLY A 20 6.01 -0.92 8.58
N ARG A 21 5.38 -0.04 9.35
CA ARG A 21 4.07 0.55 9.06
C ARG A 21 2.97 -0.50 9.03
N GLU A 22 2.51 -0.84 10.21
CA GLU A 22 1.38 -1.71 10.35
C GLU A 22 0.26 -0.81 10.82
N ASN A 23 -0.66 -0.49 9.95
CA ASN A 23 -1.76 0.35 10.36
C ASN A 23 -2.77 -0.47 11.11
N LEU A 24 -3.40 0.16 12.05
CA LEU A 24 -4.39 -0.52 12.85
C LEU A 24 -5.66 -0.66 12.06
N TYR A 25 -6.48 -1.60 12.46
CA TYR A 25 -7.69 -1.88 11.75
C TYR A 25 -8.79 -0.95 12.24
N PHE A 26 -8.75 0.26 11.74
CA PHE A 26 -9.74 1.26 12.07
C PHE A 26 -10.95 1.06 11.19
N GLN A 27 -11.88 0.29 11.67
CA GLN A 27 -13.09 0.01 10.92
C GLN A 27 -14.11 1.12 11.07
N GLY A 28 -15.09 1.12 10.21
CA GLY A 28 -16.08 2.17 10.21
C GLY A 28 -15.69 3.20 9.20
N HIS A 29 -14.80 4.08 9.59
CA HIS A 29 -14.30 5.09 8.69
C HIS A 29 -12.80 4.97 8.53
N MET A 30 -12.40 4.35 7.44
CA MET A 30 -11.00 4.15 7.14
C MET A 30 -10.63 4.89 5.87
N ALA A 31 -10.02 6.03 6.04
CA ALA A 31 -9.60 6.81 4.90
C ALA A 31 -8.24 6.33 4.46
N TRP A 32 -8.24 5.59 3.39
CA TRP A 32 -7.03 5.14 2.77
C TRP A 32 -6.68 6.14 1.69
N LYS A 33 -5.66 5.86 0.94
CA LYS A 33 -5.29 6.75 -0.11
C LYS A 33 -5.76 6.19 -1.42
N ASP A 34 -5.35 6.80 -2.48
CA ASP A 34 -5.85 6.44 -3.80
C ASP A 34 -5.27 5.15 -4.35
N CYS A 35 -4.09 4.85 -3.91
CA CYS A 35 -3.37 3.68 -4.37
C CYS A 35 -2.95 2.86 -3.18
N ILE A 36 -3.01 1.59 -3.31
CA ILE A 36 -2.70 0.70 -2.24
C ILE A 36 -1.47 -0.08 -2.61
N ILE A 37 -0.54 -0.16 -1.71
CA ILE A 37 0.73 -0.76 -2.00
C ILE A 37 1.01 -1.83 -0.96
N GLN A 38 1.12 -3.05 -1.39
CA GLN A 38 1.38 -4.14 -0.48
C GLN A 38 2.81 -4.62 -0.62
N ARG A 39 3.46 -4.92 0.50
CA ARG A 39 4.82 -5.46 0.47
C ARG A 39 4.79 -6.97 0.56
N TYR A 40 5.24 -7.62 -0.47
CA TYR A 40 5.37 -9.05 -0.50
C TYR A 40 6.79 -9.37 -0.13
N LYS A 41 6.93 -10.01 0.96
CA LYS A 41 8.20 -10.30 1.51
C LYS A 41 8.21 -11.67 2.11
N ASP A 42 9.03 -12.51 1.48
CA ASP A 42 9.24 -13.89 1.84
C ASP A 42 8.02 -14.78 1.79
N GLY A 43 7.38 -14.74 0.64
CA GLY A 43 6.30 -15.64 0.33
C GLY A 43 4.90 -15.12 0.51
N ASP A 44 4.73 -13.93 1.04
CA ASP A 44 3.37 -13.42 1.23
C ASP A 44 3.46 -11.94 1.42
N VAL A 45 2.32 -11.34 1.47
CA VAL A 45 2.20 -9.93 1.72
C VAL A 45 2.44 -9.73 3.22
N ASN A 46 3.49 -9.04 3.52
CA ASN A 46 3.95 -8.85 4.87
C ASN A 46 3.42 -7.55 5.44
N ASN A 47 3.62 -6.47 4.71
CA ASN A 47 3.22 -5.18 5.17
C ASN A 47 2.23 -4.57 4.20
N ILE A 48 1.40 -3.68 4.71
CA ILE A 48 0.34 -3.06 3.96
C ILE A 48 0.54 -1.54 4.00
N TYR A 49 0.55 -0.90 2.83
CA TYR A 49 0.75 0.53 2.72
C TYR A 49 -0.29 1.07 1.75
N THR A 50 -0.41 2.36 1.70
CA THR A 50 -1.28 3.03 0.78
C THR A 50 -0.76 4.44 0.55
N ALA A 51 -0.82 4.85 -0.68
CA ALA A 51 -0.27 6.11 -1.14
C ALA A 51 -1.24 6.72 -2.12
N ASN A 52 -1.23 8.00 -2.25
CA ASN A 52 -2.06 8.66 -3.25
C ASN A 52 -1.45 8.52 -4.62
N ARG A 53 -2.26 8.72 -5.63
CA ARG A 53 -1.78 8.79 -6.99
C ARG A 53 -0.79 9.93 -7.16
N ASN A 54 0.45 9.54 -7.47
CA ASN A 54 1.60 10.42 -7.63
C ASN A 54 2.07 10.91 -6.28
N GLU A 55 2.52 9.99 -5.49
CA GLU A 55 2.95 10.26 -4.16
C GLU A 55 4.10 9.34 -3.84
N GLU A 56 5.10 9.88 -3.21
CA GLU A 56 6.26 9.11 -2.86
C GLU A 56 6.26 8.87 -1.35
N ILE A 57 6.03 7.63 -1.00
CA ILE A 57 5.99 7.21 0.37
C ILE A 57 7.38 6.75 0.78
N THR A 58 7.50 6.28 1.98
CA THR A 58 8.72 5.74 2.44
C THR A 58 8.37 4.41 3.06
N ILE A 59 9.13 3.43 2.74
CA ILE A 59 8.98 2.09 3.22
C ILE A 59 10.32 1.66 3.76
N GLU A 60 10.43 1.51 5.07
CA GLU A 60 11.65 1.05 5.74
C GLU A 60 12.87 1.85 5.32
N GLU A 61 12.63 3.13 5.15
CA GLU A 61 13.60 4.13 4.78
C GLU A 61 14.09 3.98 3.34
N TYR A 62 13.22 3.44 2.52
CA TYR A 62 13.38 3.41 1.09
C TYR A 62 12.21 4.20 0.57
N LYS A 63 12.43 5.31 -0.10
CA LYS A 63 11.32 6.05 -0.60
C LYS A 63 10.84 5.45 -1.90
N VAL A 64 9.56 5.41 -2.07
CA VAL A 64 8.93 4.74 -3.19
C VAL A 64 7.89 5.66 -3.81
N PHE A 65 7.99 5.87 -5.10
CA PHE A 65 7.09 6.73 -5.79
C PHE A 65 5.97 5.92 -6.42
N VAL A 66 4.77 6.22 -6.04
CA VAL A 66 3.62 5.59 -6.59
C VAL A 66 3.03 6.53 -7.62
N ASN A 67 3.03 6.09 -8.85
CA ASN A 67 2.46 6.81 -9.97
C ASN A 67 0.95 6.81 -9.82
N GLU A 68 0.31 7.68 -10.57
CA GLU A 68 -1.13 7.88 -10.56
C GLU A 68 -1.95 6.68 -11.00
N ALA A 69 -1.31 5.69 -11.58
CA ALA A 69 -2.01 4.49 -11.96
C ALA A 69 -1.88 3.45 -10.87
N CYS A 70 -1.41 3.88 -9.71
CA CYS A 70 -1.26 3.04 -8.53
C CYS A 70 -0.29 1.91 -8.76
N HIS A 71 0.97 2.26 -8.90
CA HIS A 71 2.02 1.30 -9.06
C HIS A 71 3.28 1.94 -8.49
N PRO A 72 3.92 1.27 -7.54
CA PRO A 72 5.08 1.80 -6.83
C PRO A 72 6.41 1.56 -7.53
N TYR A 73 7.27 2.53 -7.47
CA TYR A 73 8.61 2.41 -7.97
C TYR A 73 9.64 2.79 -6.96
N PRO A 74 10.63 1.90 -6.77
CA PRO A 74 10.69 0.64 -7.51
C PRO A 74 9.74 -0.42 -6.95
N VAL A 75 9.43 -1.41 -7.76
CA VAL A 75 8.50 -2.45 -7.39
C VAL A 75 9.23 -3.44 -6.50
N ILE A 76 10.44 -3.78 -6.89
CA ILE A 76 11.28 -4.55 -6.02
C ILE A 76 12.17 -3.62 -5.25
N LEU A 77 12.07 -3.75 -3.96
CA LEU A 77 12.89 -2.97 -3.06
C LEU A 77 14.25 -3.65 -2.92
N PRO A 78 15.26 -3.00 -2.30
CA PRO A 78 16.61 -3.59 -2.18
C PRO A 78 16.64 -4.74 -1.18
N ASP A 79 15.48 -4.96 -0.60
CA ASP A 79 15.21 -6.00 0.35
C ASP A 79 14.56 -7.20 -0.37
N ARG A 80 14.46 -7.11 -1.72
CA ARG A 80 13.91 -8.15 -2.62
C ARG A 80 12.41 -8.33 -2.34
N SER A 81 11.83 -7.32 -1.76
CA SER A 81 10.44 -7.36 -1.47
C SER A 81 9.70 -6.89 -2.71
N VAL A 82 8.62 -7.56 -2.97
CA VAL A 82 7.74 -7.35 -4.09
C VAL A 82 6.68 -6.36 -3.70
N LEU A 83 6.53 -5.31 -4.43
CA LEU A 83 5.46 -4.39 -4.16
C LEU A 83 4.32 -4.58 -5.10
N SER A 84 3.18 -4.69 -4.53
CA SER A 84 1.97 -4.82 -5.28
C SER A 84 1.24 -3.49 -5.21
N GLY A 85 0.99 -2.89 -6.34
CA GLY A 85 0.32 -1.63 -6.35
C GLY A 85 -0.98 -1.74 -7.07
N ASP A 86 -2.03 -1.24 -6.47
CA ASP A 86 -3.32 -1.27 -7.11
C ASP A 86 -4.07 -0.07 -6.60
N PHE A 87 -5.21 0.22 -7.14
CA PHE A 87 -6.00 1.35 -6.69
C PHE A 87 -6.74 0.91 -5.43
N THR A 88 -6.76 1.73 -4.40
CA THR A 88 -7.37 1.32 -3.14
C THR A 88 -8.89 1.24 -3.25
N SER A 89 -9.45 1.80 -4.31
CA SER A 89 -10.88 1.81 -4.49
C SER A 89 -11.36 0.39 -4.78
N ALA A 90 -10.47 -0.38 -5.38
CA ALA A 90 -10.72 -1.76 -5.72
C ALA A 90 -10.20 -2.69 -4.62
N TYR A 91 -9.95 -2.09 -3.48
CA TYR A 91 -9.41 -2.77 -2.34
C TYR A 91 -10.19 -2.50 -1.06
N ALA A 92 -9.94 -1.37 -0.44
CA ALA A 92 -10.59 -1.03 0.79
C ALA A 92 -11.68 -0.01 0.50
N ASP A 93 -11.32 1.29 0.47
CA ASP A 93 -12.22 2.41 0.09
C ASP A 93 -13.41 2.53 1.05
N ASP A 94 -13.31 1.84 2.18
CA ASP A 94 -14.41 1.69 3.13
C ASP A 94 -14.73 2.93 3.96
N ASP A 95 -14.20 4.09 3.63
CA ASP A 95 -14.57 5.30 4.35
C ASP A 95 -15.84 5.83 3.72
N GLU A 96 -16.94 5.17 4.11
CA GLU A 96 -18.28 5.43 3.65
C GLU A 96 -18.37 5.37 2.12
N SER A 97 -18.35 4.15 1.61
CA SER A 97 -18.43 3.91 0.20
C SER A 97 -19.87 4.13 -0.27
N CYS A 98 -20.11 5.28 -0.84
CA CYS A 98 -21.40 5.65 -1.34
C CYS A 98 -21.14 6.63 -2.47
N GLY A 20 -11.43 -8.62 14.52
CA GLY A 20 -10.58 -8.09 13.44
C GLY A 20 -9.15 -8.07 13.88
N ARG A 21 -8.27 -8.69 13.12
CA ARG A 21 -6.87 -8.79 13.50
C ARG A 21 -6.17 -7.43 13.33
N GLU A 22 -6.01 -6.75 14.47
CA GLU A 22 -5.25 -5.49 14.58
C GLU A 22 -5.83 -4.37 13.71
N ASN A 23 -7.12 -4.47 13.39
CA ASN A 23 -7.80 -3.45 12.60
C ASN A 23 -8.04 -2.23 13.46
N LEU A 24 -8.31 -2.49 14.74
CA LEU A 24 -8.50 -1.47 15.78
C LEU A 24 -9.58 -0.47 15.38
N TYR A 25 -9.54 0.71 15.95
CA TYR A 25 -10.43 1.76 15.52
C TYR A 25 -9.71 2.64 14.52
N PHE A 26 -8.86 1.96 13.80
CA PHE A 26 -8.19 2.48 12.62
C PHE A 26 -9.22 2.31 11.53
N GLN A 27 -10.07 1.33 11.78
CA GLN A 27 -11.22 1.04 10.99
C GLN A 27 -12.36 1.84 11.61
N GLY A 28 -12.55 3.02 11.09
CA GLY A 28 -13.68 3.85 11.42
C GLY A 28 -14.21 4.25 10.10
N HIS A 29 -14.07 5.50 9.74
CA HIS A 29 -14.28 5.84 8.37
C HIS A 29 -12.94 5.57 7.73
N MET A 30 -12.88 4.45 7.06
CA MET A 30 -11.66 3.82 6.59
C MET A 30 -11.27 4.42 5.26
N ALA A 31 -11.11 5.70 5.28
CA ALA A 31 -10.76 6.48 4.12
C ALA A 31 -9.27 6.39 3.89
N TRP A 32 -8.88 5.39 3.16
CA TRP A 32 -7.49 5.17 2.78
C TRP A 32 -7.07 6.14 1.68
N LYS A 33 -5.89 5.94 1.14
CA LYS A 33 -5.38 6.79 0.10
C LYS A 33 -5.88 6.32 -1.26
N ASP A 34 -5.39 6.95 -2.30
CA ASP A 34 -5.86 6.66 -3.65
C ASP A 34 -5.41 5.30 -4.14
N CYS A 35 -4.20 4.95 -3.78
CA CYS A 35 -3.57 3.73 -4.25
C CYS A 35 -3.13 2.86 -3.10
N ILE A 36 -3.22 1.59 -3.27
CA ILE A 36 -2.90 0.65 -2.23
C ILE A 36 -1.73 -0.21 -2.65
N ILE A 37 -0.73 -0.26 -1.81
CA ILE A 37 0.48 -0.97 -2.10
C ILE A 37 0.67 -2.10 -1.12
N GLN A 38 0.64 -3.29 -1.63
CA GLN A 38 0.86 -4.44 -0.84
C GLN A 38 2.32 -4.80 -0.90
N ARG A 39 2.94 -4.91 0.26
CA ARG A 39 4.33 -5.22 0.34
C ARG A 39 4.47 -6.71 0.57
N TYR A 40 4.96 -7.41 -0.41
CA TYR A 40 5.19 -8.83 -0.31
C TYR A 40 6.61 -9.07 0.08
N LYS A 41 6.83 -9.52 1.26
CA LYS A 41 8.14 -9.75 1.70
C LYS A 41 8.37 -11.22 1.55
N ASP A 42 9.34 -11.57 0.73
CA ASP A 42 9.68 -12.96 0.39
C ASP A 42 8.54 -13.67 -0.32
N GLY A 43 7.75 -12.90 -1.04
CA GLY A 43 6.69 -13.46 -1.80
C GLY A 43 5.34 -13.42 -1.12
N ASP A 44 5.28 -13.14 0.16
CA ASP A 44 3.98 -13.09 0.83
C ASP A 44 3.80 -11.76 1.45
N VAL A 45 2.59 -11.35 1.53
CA VAL A 45 2.27 -10.01 1.95
C VAL A 45 2.59 -9.76 3.44
N ASN A 46 3.52 -8.86 3.66
CA ASN A 46 4.01 -8.51 4.98
C ASN A 46 3.30 -7.28 5.48
N ASN A 47 3.38 -6.23 4.70
CA ASN A 47 2.78 -4.98 5.05
C ASN A 47 1.78 -4.60 4.00
N ILE A 48 0.81 -3.84 4.41
CA ILE A 48 -0.19 -3.28 3.55
C ILE A 48 -0.05 -1.77 3.67
N TYR A 49 0.30 -1.11 2.61
CA TYR A 49 0.47 0.33 2.63
C TYR A 49 -0.51 0.94 1.67
N THR A 50 -0.68 2.22 1.76
CA THR A 50 -1.48 2.95 0.84
C THR A 50 -0.88 4.32 0.66
N ALA A 51 -0.90 4.76 -0.56
CA ALA A 51 -0.28 5.99 -0.99
C ALA A 51 -1.20 6.64 -1.99
N ASN A 52 -1.04 7.89 -2.23
CA ASN A 52 -1.84 8.55 -3.22
C ASN A 52 -1.21 8.42 -4.59
N ARG A 53 -2.02 8.64 -5.60
CA ARG A 53 -1.55 8.74 -6.96
C ARG A 53 -0.54 9.87 -7.08
N ASN A 54 0.65 9.48 -7.47
CA ASN A 54 1.79 10.36 -7.66
C ASN A 54 2.24 10.87 -6.32
N GLU A 55 2.68 9.92 -5.52
CA GLU A 55 3.12 10.15 -4.18
C GLU A 55 4.27 9.22 -3.89
N GLU A 56 5.32 9.76 -3.31
CA GLU A 56 6.49 8.97 -3.01
C GLU A 56 6.58 8.76 -1.50
N ILE A 57 6.33 7.52 -1.12
CA ILE A 57 6.38 7.11 0.26
C ILE A 57 7.80 6.70 0.58
N THR A 58 8.02 6.27 1.79
CA THR A 58 9.29 5.78 2.16
C THR A 58 9.07 4.52 2.98
N ILE A 59 9.84 3.51 2.69
CA ILE A 59 9.76 2.24 3.37
C ILE A 59 11.17 1.92 3.84
N GLU A 60 11.41 1.99 5.13
CA GLU A 60 12.70 1.65 5.74
C GLU A 60 13.86 2.39 5.08
N GLU A 61 13.59 3.67 4.85
CA GLU A 61 14.47 4.65 4.24
C GLU A 61 14.67 4.45 2.74
N TYR A 62 13.89 3.57 2.15
CA TYR A 62 13.89 3.38 0.72
C TYR A 62 12.68 4.14 0.20
N LYS A 63 12.89 5.17 -0.60
CA LYS A 63 11.76 5.91 -1.08
C LYS A 63 11.12 5.16 -2.25
N VAL A 64 9.83 5.25 -2.32
CA VAL A 64 9.04 4.51 -3.30
C VAL A 64 7.96 5.42 -3.89
N PHE A 65 8.04 5.64 -5.18
CA PHE A 65 7.09 6.50 -5.86
C PHE A 65 5.94 5.67 -6.41
N VAL A 66 4.75 6.04 -6.02
CA VAL A 66 3.56 5.44 -6.55
C VAL A 66 3.03 6.36 -7.62
N ASN A 67 2.88 5.81 -8.79
CA ASN A 67 2.41 6.52 -9.96
C ASN A 67 0.90 6.71 -9.83
N GLU A 68 0.31 7.44 -10.75
CA GLU A 68 -1.13 7.79 -10.64
C GLU A 68 -2.07 6.63 -10.88
N ALA A 69 -1.57 5.63 -11.54
CA ALA A 69 -2.35 4.48 -11.86
C ALA A 69 -2.13 3.40 -10.83
N CYS A 70 -1.62 3.84 -9.68
CA CYS A 70 -1.42 3.01 -8.51
C CYS A 70 -0.45 1.88 -8.76
N HIS A 71 0.82 2.21 -8.72
CA HIS A 71 1.86 1.21 -8.82
C HIS A 71 3.14 1.85 -8.31
N PRO A 72 3.83 1.20 -7.38
CA PRO A 72 5.05 1.70 -6.78
C PRO A 72 6.33 1.34 -7.53
N TYR A 73 7.31 2.22 -7.42
CA TYR A 73 8.65 2.03 -7.91
C TYR A 73 9.64 2.48 -6.89
N PRO A 74 10.67 1.69 -6.65
CA PRO A 74 10.86 0.42 -7.36
C PRO A 74 9.98 -0.68 -6.78
N VAL A 75 9.84 -1.74 -7.55
CA VAL A 75 8.95 -2.82 -7.20
C VAL A 75 9.61 -3.77 -6.23
N ILE A 76 10.87 -4.06 -6.44
CA ILE A 76 11.64 -4.81 -5.49
C ILE A 76 12.56 -3.90 -4.72
N LEU A 77 12.47 -4.01 -3.42
CA LEU A 77 13.35 -3.28 -2.53
C LEU A 77 14.52 -4.18 -2.17
N PRO A 78 15.60 -3.69 -1.49
CA PRO A 78 16.79 -4.53 -1.18
C PRO A 78 16.47 -5.58 -0.12
N ASP A 79 15.32 -5.40 0.48
CA ASP A 79 14.75 -6.29 1.48
C ASP A 79 14.00 -7.42 0.77
N ARG A 80 14.02 -7.35 -0.57
CA ARG A 80 13.35 -8.27 -1.51
C ARG A 80 11.86 -8.23 -1.24
N SER A 81 11.42 -7.04 -0.94
CA SER A 81 10.03 -6.82 -0.82
C SER A 81 9.51 -6.53 -2.22
N VAL A 82 8.51 -7.26 -2.58
CA VAL A 82 7.76 -7.20 -3.81
C VAL A 82 6.61 -6.24 -3.58
N LEU A 83 6.60 -5.16 -4.29
CA LEU A 83 5.54 -4.20 -4.13
C LEU A 83 4.50 -4.27 -5.21
N SER A 84 3.29 -4.44 -4.80
CA SER A 84 2.19 -4.47 -5.74
C SER A 84 1.23 -3.33 -5.45
N GLY A 85 0.89 -2.55 -6.46
CA GLY A 85 0.02 -1.43 -6.27
C GLY A 85 -1.24 -1.53 -7.09
N ASP A 86 -2.35 -1.18 -6.46
CA ASP A 86 -3.66 -1.17 -7.11
C ASP A 86 -4.37 0.03 -6.57
N PHE A 87 -5.52 0.36 -7.09
CA PHE A 87 -6.29 1.46 -6.55
C PHE A 87 -6.96 0.94 -5.29
N THR A 88 -6.99 1.74 -4.25
CA THR A 88 -7.50 1.33 -2.97
C THR A 88 -9.01 1.08 -2.97
N SER A 89 -9.72 1.63 -3.94
CA SER A 89 -11.17 1.54 -3.96
C SER A 89 -11.58 0.11 -4.33
N ALA A 90 -10.86 -0.47 -5.28
CA ALA A 90 -11.12 -1.84 -5.75
C ALA A 90 -10.66 -2.92 -4.77
N TYR A 91 -10.29 -2.47 -3.62
CA TYR A 91 -9.84 -3.27 -2.53
C TYR A 91 -10.65 -2.97 -1.30
N ALA A 92 -10.30 -1.88 -0.68
CA ALA A 92 -10.86 -1.46 0.55
C ALA A 92 -11.95 -0.43 0.33
N ASP A 93 -11.53 0.74 -0.18
CA ASP A 93 -12.31 1.98 -0.31
C ASP A 93 -12.60 2.49 1.09
N ASP A 94 -13.33 1.67 1.81
CA ASP A 94 -13.69 1.81 3.19
C ASP A 94 -13.87 0.38 3.67
N ASP A 95 -12.78 -0.23 4.10
CA ASP A 95 -12.79 -1.66 4.46
C ASP A 95 -13.25 -1.83 5.91
N GLU A 96 -13.44 -3.05 6.35
CA GLU A 96 -14.01 -3.34 7.64
C GLU A 96 -13.03 -4.10 8.52
N SER A 97 -13.45 -4.42 9.72
CA SER A 97 -12.66 -5.21 10.62
C SER A 97 -12.79 -6.67 10.18
N CYS A 98 -11.68 -7.32 9.95
CA CYS A 98 -11.69 -8.67 9.46
C CYS A 98 -11.80 -9.64 10.65
N GLY A 20 -0.86 -2.28 25.94
CA GLY A 20 -0.35 -2.75 24.63
C GLY A 20 -0.54 -1.66 23.60
N ARG A 21 -0.19 -1.93 22.35
CA ARG A 21 -0.46 -0.98 21.28
C ARG A 21 -1.84 -1.31 20.78
N GLU A 22 -2.79 -0.76 21.49
CA GLU A 22 -4.17 -1.09 21.35
C GLU A 22 -4.98 0.08 20.82
N ASN A 23 -5.30 0.00 19.56
CA ASN A 23 -6.14 0.98 18.95
C ASN A 23 -7.51 0.40 18.90
N LEU A 24 -8.49 1.24 18.78
CA LEU A 24 -9.87 0.76 18.76
C LEU A 24 -10.15 0.17 17.40
N TYR A 25 -11.19 -0.60 17.30
CA TYR A 25 -11.49 -1.29 16.07
C TYR A 25 -12.17 -0.33 15.11
N PHE A 26 -11.36 0.55 14.56
CA PHE A 26 -11.73 1.57 13.61
C PHE A 26 -11.96 0.87 12.28
N GLN A 27 -13.18 0.45 12.10
CA GLN A 27 -13.58 -0.33 10.99
C GLN A 27 -14.94 0.17 10.53
N GLY A 28 -15.09 0.40 9.26
CA GLY A 28 -16.35 0.88 8.77
C GLY A 28 -16.42 2.40 8.80
N HIS A 29 -15.26 3.00 8.63
CA HIS A 29 -15.06 4.43 8.56
C HIS A 29 -13.56 4.59 8.45
N MET A 30 -13.09 4.91 7.28
CA MET A 30 -11.68 5.06 7.00
C MET A 30 -11.49 6.17 6.01
N ALA A 31 -10.26 6.43 5.69
CA ALA A 31 -9.87 7.37 4.66
C ALA A 31 -8.50 7.00 4.14
N TRP A 32 -8.48 5.98 3.31
CA TRP A 32 -7.26 5.52 2.68
C TRP A 32 -6.92 6.42 1.52
N LYS A 33 -5.79 6.18 0.93
CA LYS A 33 -5.32 6.97 -0.17
C LYS A 33 -5.82 6.40 -1.48
N ASP A 34 -5.33 6.95 -2.56
CA ASP A 34 -5.82 6.62 -3.89
C ASP A 34 -5.33 5.26 -4.35
N CYS A 35 -4.13 4.96 -3.97
CA CYS A 35 -3.45 3.76 -4.41
C CYS A 35 -3.07 2.92 -3.22
N ILE A 36 -3.16 1.64 -3.38
CA ILE A 36 -2.84 0.72 -2.32
C ILE A 36 -1.64 -0.09 -2.75
N ILE A 37 -0.70 -0.21 -1.86
CA ILE A 37 0.54 -0.85 -2.17
C ILE A 37 0.73 -2.00 -1.19
N GLN A 38 0.81 -3.18 -1.71
CA GLN A 38 0.98 -4.35 -0.92
C GLN A 38 2.46 -4.69 -0.86
N ARG A 39 2.98 -4.85 0.34
CA ARG A 39 4.36 -5.20 0.48
C ARG A 39 4.47 -6.70 0.72
N TYR A 40 5.01 -7.41 -0.22
CA TYR A 40 5.21 -8.83 -0.13
C TYR A 40 6.61 -9.10 0.33
N LYS A 41 6.74 -9.63 1.50
CA LYS A 41 8.00 -9.92 2.04
C LYS A 41 8.10 -11.43 2.07
N ASP A 42 9.08 -11.90 1.34
CA ASP A 42 9.35 -13.34 1.17
C ASP A 42 8.23 -14.10 0.51
N GLY A 43 7.50 -13.41 -0.34
CA GLY A 43 6.47 -14.04 -1.12
C GLY A 43 5.07 -13.89 -0.57
N ASP A 44 4.93 -13.41 0.64
CA ASP A 44 3.61 -13.22 1.18
C ASP A 44 3.47 -11.80 1.55
N VAL A 45 2.27 -11.34 1.50
CA VAL A 45 2.00 -9.96 1.81
C VAL A 45 2.21 -9.70 3.30
N ASN A 46 3.26 -8.97 3.58
CA ASN A 46 3.65 -8.70 4.93
C ASN A 46 2.88 -7.49 5.41
N ASN A 47 3.04 -6.40 4.72
CA ASN A 47 2.43 -5.16 5.08
C ASN A 47 1.53 -4.66 4.00
N ILE A 48 0.66 -3.77 4.38
CA ILE A 48 -0.15 -3.08 3.45
C ILE A 48 0.30 -1.63 3.60
N TYR A 49 0.20 -0.89 2.55
CA TYR A 49 0.55 0.51 2.51
C TYR A 49 -0.41 1.11 1.54
N THR A 50 -0.48 2.39 1.52
CA THR A 50 -1.33 3.08 0.61
C THR A 50 -0.72 4.44 0.36
N ALA A 51 -0.83 4.87 -0.86
CA ALA A 51 -0.22 6.09 -1.31
C ALA A 51 -1.19 6.81 -2.21
N ASN A 52 -1.12 8.10 -2.23
CA ASN A 52 -1.95 8.87 -3.12
C ASN A 52 -1.36 8.76 -4.52
N ARG A 53 -2.17 8.98 -5.54
CA ARG A 53 -1.66 9.06 -6.88
C ARG A 53 -0.61 10.13 -6.98
N ASN A 54 0.56 9.67 -7.38
CA ASN A 54 1.77 10.45 -7.58
C ASN A 54 2.29 10.87 -6.22
N GLU A 55 2.65 9.88 -5.43
CA GLU A 55 3.13 10.09 -4.11
C GLU A 55 4.24 9.12 -3.79
N GLU A 56 5.30 9.66 -3.26
CA GLU A 56 6.44 8.93 -2.84
C GLU A 56 6.31 8.64 -1.35
N ILE A 57 6.18 7.38 -1.03
CA ILE A 57 6.12 6.91 0.32
C ILE A 57 7.52 6.45 0.70
N THR A 58 7.66 5.94 1.89
CA THR A 58 8.88 5.39 2.33
C THR A 58 8.54 4.07 3.02
N ILE A 59 9.33 3.06 2.76
CA ILE A 59 9.20 1.77 3.38
C ILE A 59 10.58 1.41 3.91
N GLU A 60 10.77 1.46 5.23
CA GLU A 60 12.06 1.15 5.86
C GLU A 60 13.22 1.92 5.21
N GLU A 61 13.03 3.22 5.08
CA GLU A 61 13.99 4.14 4.49
C GLU A 61 14.16 4.00 2.98
N TYR A 62 13.42 3.10 2.38
CA TYR A 62 13.45 2.93 0.95
C TYR A 62 12.30 3.74 0.40
N LYS A 63 12.59 4.77 -0.38
CA LYS A 63 11.53 5.59 -0.89
C LYS A 63 10.92 4.90 -2.10
N VAL A 64 9.65 5.11 -2.26
CA VAL A 64 8.86 4.45 -3.29
C VAL A 64 7.87 5.44 -3.88
N PHE A 65 7.99 5.71 -5.16
CA PHE A 65 7.11 6.62 -5.85
C PHE A 65 5.97 5.84 -6.46
N VAL A 66 4.78 6.16 -6.05
CA VAL A 66 3.60 5.55 -6.59
C VAL A 66 3.01 6.47 -7.63
N ASN A 67 2.91 5.95 -8.83
CA ASN A 67 2.39 6.64 -9.99
C ASN A 67 0.86 6.76 -9.87
N GLU A 68 0.30 7.58 -10.74
CA GLU A 68 -1.13 7.92 -10.79
C GLU A 68 -2.05 6.78 -11.19
N ALA A 69 -1.47 5.67 -11.61
CA ALA A 69 -2.25 4.51 -11.92
C ALA A 69 -2.09 3.48 -10.82
N CYS A 70 -1.55 3.96 -9.69
CA CYS A 70 -1.36 3.15 -8.51
C CYS A 70 -0.39 2.02 -8.75
N HIS A 71 0.86 2.40 -8.89
CA HIS A 71 1.91 1.45 -9.13
C HIS A 71 3.18 2.02 -8.53
N PRO A 72 3.84 1.28 -7.64
CA PRO A 72 5.04 1.73 -6.96
C PRO A 72 6.34 1.51 -7.73
N TYR A 73 7.24 2.46 -7.60
CA TYR A 73 8.59 2.35 -8.09
C TYR A 73 9.58 2.71 -7.01
N PRO A 74 10.54 1.83 -6.76
CA PRO A 74 10.64 0.56 -7.47
C PRO A 74 9.71 -0.51 -6.88
N VAL A 75 9.51 -1.55 -7.64
CA VAL A 75 8.63 -2.64 -7.28
C VAL A 75 9.37 -3.60 -6.35
N ILE A 76 10.63 -3.84 -6.64
CA ILE A 76 11.45 -4.61 -5.75
C ILE A 76 12.35 -3.69 -4.97
N LEU A 77 12.33 -3.86 -3.69
CA LEU A 77 13.19 -3.07 -2.82
C LEU A 77 14.55 -3.77 -2.66
N PRO A 78 15.58 -3.15 -2.02
CA PRO A 78 16.91 -3.80 -1.87
C PRO A 78 16.83 -4.89 -0.80
N ASP A 79 15.73 -4.82 -0.11
CA ASP A 79 15.30 -5.71 0.94
C ASP A 79 14.58 -6.91 0.29
N ARG A 80 14.41 -6.77 -1.01
CA ARG A 80 13.69 -7.69 -1.86
C ARG A 80 12.31 -8.00 -1.34
N SER A 81 11.62 -6.91 -1.18
CA SER A 81 10.26 -6.92 -0.90
C SER A 81 9.59 -6.61 -2.20
N VAL A 82 8.58 -7.36 -2.46
CA VAL A 82 7.80 -7.33 -3.66
C VAL A 82 6.63 -6.38 -3.45
N LEU A 83 6.59 -5.33 -4.20
CA LEU A 83 5.49 -4.41 -4.10
C LEU A 83 4.49 -4.62 -5.20
N SER A 84 3.27 -4.63 -4.81
CA SER A 84 2.17 -4.71 -5.74
C SER A 84 1.30 -3.49 -5.55
N GLY A 85 0.86 -2.90 -6.63
CA GLY A 85 0.11 -1.67 -6.52
C GLY A 85 -1.17 -1.70 -7.27
N ASP A 86 -2.24 -1.26 -6.64
CA ASP A 86 -3.54 -1.14 -7.30
C ASP A 86 -4.24 0.04 -6.69
N PHE A 87 -5.35 0.43 -7.26
CA PHE A 87 -6.14 1.49 -6.66
C PHE A 87 -6.80 0.95 -5.40
N THR A 88 -6.84 1.76 -4.35
CA THR A 88 -7.36 1.36 -3.05
C THR A 88 -8.87 1.10 -3.11
N SER A 89 -9.51 1.61 -4.13
CA SER A 89 -10.94 1.49 -4.29
C SER A 89 -11.36 0.06 -4.60
N ALA A 90 -10.43 -0.71 -5.13
CA ALA A 90 -10.68 -2.10 -5.45
C ALA A 90 -10.06 -3.01 -4.40
N TYR A 91 -9.83 -2.44 -3.24
CA TYR A 91 -9.20 -3.06 -2.11
C TYR A 91 -9.69 -2.37 -0.85
N ALA A 92 -8.95 -2.56 0.24
CA ALA A 92 -9.08 -1.82 1.47
C ALA A 92 -10.27 -2.08 2.30
N ASP A 93 -9.98 -2.19 3.56
CA ASP A 93 -10.99 -2.13 4.57
C ASP A 93 -11.42 -0.70 4.64
N ASP A 94 -12.35 -0.38 3.80
CA ASP A 94 -12.98 0.93 3.76
C ASP A 94 -14.48 0.69 3.81
N ASP A 95 -15.25 1.65 4.28
CA ASP A 95 -16.69 1.45 4.42
C ASP A 95 -17.42 1.65 3.11
N GLU A 96 -17.55 0.57 2.38
CA GLU A 96 -18.28 0.55 1.14
C GLU A 96 -19.71 0.18 1.43
N SER A 97 -20.62 0.81 0.75
CA SER A 97 -22.02 0.51 0.89
C SER A 97 -22.56 0.09 -0.48
N CYS A 98 -23.69 -0.56 -0.47
CA CYS A 98 -24.30 -1.03 -1.68
C CYS A 98 -25.48 -0.14 -2.04
N GLY A 20 -3.00 -10.81 18.45
CA GLY A 20 -4.30 -11.26 18.96
C GLY A 20 -4.82 -10.28 19.99
N ARG A 21 -6.03 -9.79 19.78
CA ARG A 21 -6.67 -8.78 20.61
C ARG A 21 -5.88 -7.49 20.55
N GLU A 22 -6.05 -6.86 19.44
CA GLU A 22 -5.39 -5.64 19.12
C GLU A 22 -6.16 -4.99 17.99
N ASN A 23 -6.90 -3.97 18.34
CA ASN A 23 -7.69 -3.24 17.39
C ASN A 23 -7.23 -1.82 17.33
N LEU A 24 -7.68 -1.11 16.33
CA LEU A 24 -7.39 0.31 16.24
C LEU A 24 -8.43 1.02 17.06
N TYR A 25 -8.23 2.27 17.39
CA TYR A 25 -9.17 2.96 18.26
C TYR A 25 -10.42 3.39 17.51
N PHE A 26 -11.32 2.42 17.37
CA PHE A 26 -12.64 2.57 16.76
C PHE A 26 -12.57 3.29 15.43
N GLN A 27 -11.93 2.63 14.50
CA GLN A 27 -11.72 3.14 13.18
C GLN A 27 -13.01 3.01 12.39
N GLY A 28 -13.69 4.13 12.27
CA GLY A 28 -14.91 4.17 11.51
C GLY A 28 -14.60 4.19 10.04
N HIS A 29 -14.60 3.01 9.47
CA HIS A 29 -14.31 2.75 8.07
C HIS A 29 -12.88 3.02 7.66
N MET A 30 -12.49 2.34 6.62
CA MET A 30 -11.18 2.42 6.07
C MET A 30 -11.02 3.70 5.25
N ALA A 31 -10.29 4.63 5.79
CA ALA A 31 -9.98 5.88 5.13
C ALA A 31 -8.55 5.82 4.64
N TRP A 32 -8.39 5.36 3.43
CA TRP A 32 -7.08 5.11 2.86
C TRP A 32 -6.81 6.08 1.73
N LYS A 33 -5.66 5.94 1.11
CA LYS A 33 -5.28 6.77 0.00
C LYS A 33 -5.78 6.17 -1.29
N ASP A 34 -5.36 6.76 -2.38
CA ASP A 34 -5.85 6.36 -3.68
C ASP A 34 -5.28 5.07 -4.17
N CYS A 35 -4.06 4.82 -3.83
CA CYS A 35 -3.34 3.67 -4.30
C CYS A 35 -2.88 2.84 -3.13
N ILE A 36 -2.94 1.56 -3.28
CA ILE A 36 -2.59 0.67 -2.22
C ILE A 36 -1.36 -0.08 -2.62
N ILE A 37 -0.39 -0.05 -1.76
CA ILE A 37 0.89 -0.61 -2.06
C ILE A 37 1.09 -1.81 -1.17
N GLN A 38 1.27 -2.91 -1.81
CA GLN A 38 1.34 -4.18 -1.18
C GLN A 38 2.79 -4.56 -1.06
N ARG A 39 3.28 -4.70 0.14
CA ARG A 39 4.63 -5.11 0.31
C ARG A 39 4.63 -6.61 0.54
N TYR A 40 5.09 -7.34 -0.43
CA TYR A 40 5.14 -8.76 -0.40
C TYR A 40 6.50 -9.18 0.05
N LYS A 41 6.53 -10.23 0.80
CA LYS A 41 7.73 -10.73 1.33
C LYS A 41 7.52 -12.19 1.61
N ASP A 42 8.30 -12.98 0.92
CA ASP A 42 8.30 -14.44 0.97
C ASP A 42 7.00 -15.10 0.53
N GLY A 43 6.38 -14.52 -0.48
CA GLY A 43 5.22 -15.11 -1.09
C GLY A 43 3.90 -14.58 -0.61
N ASP A 44 3.92 -13.77 0.41
CA ASP A 44 2.71 -13.24 0.94
C ASP A 44 2.90 -11.78 1.20
N VAL A 45 1.80 -11.10 1.31
CA VAL A 45 1.85 -9.69 1.60
C VAL A 45 2.17 -9.53 3.08
N ASN A 46 3.36 -9.03 3.36
CA ASN A 46 3.82 -8.92 4.72
C ASN A 46 3.29 -7.65 5.32
N ASN A 47 3.38 -6.59 4.56
CA ASN A 47 2.92 -5.32 4.98
C ASN A 47 2.06 -4.72 3.91
N ILE A 48 1.16 -3.88 4.30
CA ILE A 48 0.38 -3.16 3.36
C ILE A 48 0.77 -1.70 3.62
N TYR A 49 0.64 -0.90 2.62
CA TYR A 49 0.92 0.51 2.66
C TYR A 49 -0.06 1.11 1.68
N THR A 50 -0.19 2.39 1.68
CA THR A 50 -1.04 3.04 0.75
C THR A 50 -0.48 4.43 0.49
N ALA A 51 -0.65 4.87 -0.73
CA ALA A 51 -0.12 6.12 -1.22
C ALA A 51 -1.14 6.73 -2.13
N ASN A 52 -1.12 8.00 -2.31
CA ASN A 52 -1.99 8.62 -3.27
C ASN A 52 -1.40 8.47 -4.65
N ARG A 53 -2.24 8.63 -5.64
CA ARG A 53 -1.83 8.72 -7.01
C ARG A 53 -0.86 9.88 -7.19
N ASN A 54 0.37 9.53 -7.56
CA ASN A 54 1.49 10.44 -7.79
C ASN A 54 2.06 10.94 -6.48
N GLU A 55 2.32 10.01 -5.60
CA GLU A 55 2.80 10.29 -4.28
C GLU A 55 4.00 9.43 -3.99
N GLU A 56 5.02 10.04 -3.44
CA GLU A 56 6.18 9.33 -3.06
C GLU A 56 6.15 9.13 -1.56
N ILE A 57 5.94 7.90 -1.17
CA ILE A 57 5.93 7.49 0.19
C ILE A 57 7.33 7.09 0.55
N THR A 58 7.49 6.63 1.74
CA THR A 58 8.72 6.11 2.16
C THR A 58 8.37 4.85 2.91
N ILE A 59 9.02 3.80 2.53
CA ILE A 59 8.83 2.52 3.13
C ILE A 59 10.16 2.14 3.70
N GLU A 60 10.33 2.22 5.01
CA GLU A 60 11.55 1.72 5.66
C GLU A 60 12.79 2.44 5.16
N GLU A 61 12.61 3.73 4.91
CA GLU A 61 13.61 4.67 4.40
C GLU A 61 13.99 4.40 2.94
N TYR A 62 13.15 3.64 2.27
CA TYR A 62 13.25 3.41 0.86
C TYR A 62 12.11 4.23 0.27
N LYS A 63 12.43 5.30 -0.45
CA LYS A 63 11.37 6.13 -0.96
C LYS A 63 10.74 5.45 -2.15
N VAL A 64 9.46 5.58 -2.24
CA VAL A 64 8.69 4.89 -3.25
C VAL A 64 7.68 5.82 -3.90
N PHE A 65 7.87 6.08 -5.16
CA PHE A 65 6.98 6.92 -5.92
C PHE A 65 5.90 6.05 -6.52
N VAL A 66 4.70 6.33 -6.14
CA VAL A 66 3.56 5.66 -6.66
C VAL A 66 2.92 6.56 -7.67
N ASN A 67 2.92 6.10 -8.90
CA ASN A 67 2.34 6.80 -10.01
C ASN A 67 0.81 6.72 -9.90
N GLU A 68 0.15 7.55 -10.69
CA GLU A 68 -1.30 7.75 -10.74
C GLU A 68 -2.08 6.46 -11.00
N ALA A 69 -1.42 5.48 -11.58
CA ALA A 69 -2.05 4.22 -11.90
C ALA A 69 -1.90 3.23 -10.76
N CYS A 70 -1.44 3.74 -9.63
CA CYS A 70 -1.28 2.97 -8.42
C CYS A 70 -0.35 1.81 -8.62
N HIS A 71 0.90 2.14 -8.86
CA HIS A 71 1.93 1.17 -8.99
C HIS A 71 3.19 1.85 -8.50
N PRO A 72 3.87 1.25 -7.53
CA PRO A 72 5.04 1.82 -6.88
C PRO A 72 6.35 1.63 -7.62
N TYR A 73 7.26 2.55 -7.41
CA TYR A 73 8.62 2.45 -7.89
C TYR A 73 9.58 2.85 -6.80
N PRO A 74 10.63 2.09 -6.67
CA PRO A 74 10.86 0.88 -7.47
C PRO A 74 10.04 -0.29 -6.93
N VAL A 75 9.97 -1.34 -7.71
CA VAL A 75 9.13 -2.48 -7.37
C VAL A 75 9.83 -3.47 -6.46
N ILE A 76 11.14 -3.58 -6.57
CA ILE A 76 11.86 -4.43 -5.66
C ILE A 76 12.65 -3.60 -4.68
N LEU A 77 12.47 -3.92 -3.42
CA LEU A 77 13.19 -3.26 -2.36
C LEU A 77 14.51 -3.99 -2.13
N PRO A 78 15.49 -3.41 -1.41
CA PRO A 78 16.82 -4.03 -1.21
C PRO A 78 16.77 -5.23 -0.27
N ASP A 79 15.59 -5.43 0.25
CA ASP A 79 15.24 -6.50 1.15
C ASP A 79 14.62 -7.66 0.35
N ARG A 80 14.48 -7.42 -0.98
CA ARG A 80 13.90 -8.33 -1.98
C ARG A 80 12.38 -8.43 -1.79
N SER A 81 11.86 -7.50 -1.01
CA SER A 81 10.45 -7.39 -0.81
C SER A 81 9.85 -6.93 -2.12
N VAL A 82 8.76 -7.55 -2.46
CA VAL A 82 8.04 -7.38 -3.68
C VAL A 82 7.01 -6.30 -3.49
N LEU A 83 7.10 -5.25 -4.22
CA LEU A 83 6.06 -4.27 -4.16
C LEU A 83 5.10 -4.48 -5.29
N SER A 84 3.86 -4.34 -5.00
CA SER A 84 2.83 -4.36 -5.99
C SER A 84 1.86 -3.28 -5.62
N GLY A 85 1.17 -2.76 -6.59
CA GLY A 85 0.26 -1.71 -6.29
C GLY A 85 -1.01 -1.86 -7.03
N ASP A 86 -2.08 -1.46 -6.39
CA ASP A 86 -3.40 -1.45 -6.96
C ASP A 86 -4.06 -0.20 -6.48
N PHE A 87 -5.21 0.09 -7.00
CA PHE A 87 -5.97 1.23 -6.52
C PHE A 87 -6.68 0.77 -5.26
N THR A 88 -6.66 1.56 -4.22
CA THR A 88 -7.26 1.17 -2.94
C THR A 88 -8.78 1.17 -3.05
N SER A 89 -9.30 1.76 -4.10
CA SER A 89 -10.71 1.84 -4.39
C SER A 89 -11.31 0.47 -4.66
N ALA A 90 -10.45 -0.47 -5.06
CA ALA A 90 -10.87 -1.84 -5.28
C ALA A 90 -10.36 -2.74 -4.16
N TYR A 91 -9.92 -2.10 -3.11
CA TYR A 91 -9.29 -2.73 -1.99
C TYR A 91 -9.76 -2.16 -0.65
N ALA A 92 -9.02 -2.49 0.40
CA ALA A 92 -9.22 -2.08 1.77
C ALA A 92 -10.47 -2.65 2.40
N ASP A 93 -10.21 -3.64 3.18
CA ASP A 93 -11.18 -4.34 3.97
C ASP A 93 -10.37 -4.75 5.16
N ASP A 94 -10.03 -3.74 5.94
CA ASP A 94 -9.16 -3.91 7.09
C ASP A 94 -9.53 -2.86 8.14
N ASP A 95 -8.99 -2.98 9.35
CA ASP A 95 -9.39 -2.09 10.46
C ASP A 95 -8.45 -0.90 10.59
N GLU A 96 -7.58 -0.80 9.65
CA GLU A 96 -6.63 0.28 9.59
C GLU A 96 -7.04 1.35 8.61
N SER A 97 -6.28 2.42 8.60
CA SER A 97 -6.40 3.55 7.71
C SER A 97 -5.07 4.27 7.78
N CYS A 98 -4.81 5.22 6.91
CA CYS A 98 -3.55 5.92 6.93
C CYS A 98 -3.79 7.40 6.68
N GLY A 20 -7.15 -4.60 17.38
CA GLY A 20 -6.65 -5.53 18.39
C GLY A 20 -7.67 -6.60 18.62
N ARG A 21 -8.02 -6.85 19.84
CA ARG A 21 -9.04 -7.82 20.14
C ARG A 21 -10.11 -7.13 20.94
N GLU A 22 -11.32 -7.17 20.41
CA GLU A 22 -12.49 -6.47 20.90
C GLU A 22 -12.38 -5.00 20.55
N ASN A 23 -12.78 -4.69 19.35
CA ASN A 23 -12.86 -3.33 18.87
C ASN A 23 -14.15 -3.24 18.11
N LEU A 24 -14.69 -2.06 18.02
CA LEU A 24 -15.93 -1.85 17.31
C LEU A 24 -15.62 -1.13 16.02
N TYR A 25 -16.63 -0.90 15.21
CA TYR A 25 -16.47 -0.23 13.94
C TYR A 25 -16.31 1.28 14.19
N PHE A 26 -15.11 1.67 14.56
CA PHE A 26 -14.80 3.07 14.74
C PHE A 26 -14.07 3.52 13.50
N GLN A 27 -12.88 2.98 13.30
CA GLN A 27 -12.13 3.27 12.10
C GLN A 27 -12.37 2.13 11.15
N GLY A 28 -13.55 2.11 10.60
CA GLY A 28 -13.89 1.09 9.65
C GLY A 28 -14.27 1.70 8.33
N HIS A 29 -14.20 3.02 8.29
CA HIS A 29 -14.57 3.75 7.11
C HIS A 29 -13.36 3.75 6.20
N MET A 30 -13.58 3.38 4.97
CA MET A 30 -12.51 3.27 4.02
C MET A 30 -12.15 4.62 3.43
N ALA A 31 -11.45 5.37 4.25
CA ALA A 31 -10.92 6.63 3.85
C ALA A 31 -9.42 6.50 3.79
N TRP A 32 -9.00 5.85 2.74
CA TRP A 32 -7.61 5.60 2.47
C TRP A 32 -7.16 6.50 1.34
N LYS A 33 -6.00 6.24 0.79
CA LYS A 33 -5.46 7.06 -0.28
C LYS A 33 -5.98 6.57 -1.62
N ASP A 34 -5.43 7.10 -2.68
CA ASP A 34 -5.86 6.75 -4.03
C ASP A 34 -5.33 5.43 -4.52
N CYS A 35 -4.21 5.05 -3.97
CA CYS A 35 -3.50 3.85 -4.33
C CYS A 35 -3.14 3.08 -3.09
N ILE A 36 -3.01 1.80 -3.23
CA ILE A 36 -2.71 0.94 -2.12
C ILE A 36 -1.48 0.14 -2.47
N ILE A 37 -0.57 0.08 -1.54
CA ILE A 37 0.70 -0.52 -1.80
C ILE A 37 0.88 -1.68 -0.84
N GLN A 38 0.88 -2.85 -1.40
CA GLN A 38 0.96 -4.07 -0.66
C GLN A 38 2.42 -4.48 -0.65
N ARG A 39 3.02 -4.55 0.52
CA ARG A 39 4.40 -4.93 0.61
C ARG A 39 4.38 -6.43 0.81
N TYR A 40 4.82 -7.15 -0.18
CA TYR A 40 4.89 -8.58 -0.15
C TYR A 40 6.29 -8.94 0.22
N LYS A 41 6.43 -9.99 0.96
CA LYS A 41 7.71 -10.41 1.34
C LYS A 41 7.77 -11.90 1.13
N ASP A 42 8.58 -12.26 0.17
CA ASP A 42 8.83 -13.63 -0.26
C ASP A 42 7.58 -14.46 -0.55
N GLY A 43 6.72 -13.92 -1.38
CA GLY A 43 5.54 -14.65 -1.84
C GLY A 43 4.33 -14.59 -0.92
N ASP A 44 4.43 -13.85 0.15
CA ASP A 44 3.32 -13.66 1.07
C ASP A 44 3.22 -12.20 1.32
N VAL A 45 2.06 -11.77 1.68
CA VAL A 45 1.85 -10.37 1.91
C VAL A 45 2.42 -10.03 3.29
N ASN A 46 3.18 -9.00 3.38
CA ASN A 46 3.86 -8.73 4.62
C ASN A 46 3.29 -7.50 5.31
N ASN A 47 3.36 -6.37 4.64
CA ASN A 47 2.90 -5.11 5.18
C ASN A 47 1.96 -4.46 4.19
N ILE A 48 1.15 -3.53 4.68
CA ILE A 48 0.20 -2.78 3.88
C ILE A 48 0.47 -1.29 4.04
N TYR A 49 0.56 -0.59 2.93
CA TYR A 49 0.76 0.85 2.91
C TYR A 49 -0.23 1.38 1.89
N THR A 50 -0.41 2.67 1.85
CA THR A 50 -1.29 3.27 0.89
C THR A 50 -0.77 4.65 0.58
N ALA A 51 -0.90 5.02 -0.66
CA ALA A 51 -0.32 6.25 -1.17
C ALA A 51 -1.26 6.88 -2.16
N ASN A 52 -1.11 8.15 -2.36
CA ASN A 52 -1.91 8.85 -3.34
C ASN A 52 -1.32 8.65 -4.74
N ARG A 53 -2.10 8.88 -5.76
CA ARG A 53 -1.64 8.80 -7.12
C ARG A 53 -0.64 9.94 -7.45
N ASN A 54 0.62 9.53 -7.58
CA ASN A 54 1.82 10.35 -7.80
C ASN A 54 2.34 10.84 -6.49
N GLU A 55 2.62 9.91 -5.61
CA GLU A 55 3.06 10.21 -4.30
C GLU A 55 4.25 9.33 -3.96
N GLU A 56 5.30 9.94 -3.49
CA GLU A 56 6.47 9.23 -3.11
C GLU A 56 6.44 9.04 -1.61
N ILE A 57 6.22 7.82 -1.21
CA ILE A 57 6.17 7.42 0.17
C ILE A 57 7.53 6.94 0.56
N THR A 58 7.65 6.48 1.77
CA THR A 58 8.86 5.90 2.22
C THR A 58 8.48 4.62 2.93
N ILE A 59 9.23 3.60 2.65
CA ILE A 59 9.02 2.28 3.19
C ILE A 59 10.36 1.80 3.68
N GLU A 60 10.54 1.76 5.00
CA GLU A 60 11.78 1.26 5.62
C GLU A 60 12.99 2.04 5.13
N GLU A 61 12.74 3.32 4.96
CA GLU A 61 13.68 4.33 4.50
C GLU A 61 14.07 4.20 3.03
N TYR A 62 13.28 3.43 2.31
CA TYR A 62 13.42 3.33 0.88
C TYR A 62 12.27 4.16 0.35
N LYS A 63 12.55 5.21 -0.37
CA LYS A 63 11.47 6.02 -0.84
C LYS A 63 10.91 5.37 -2.09
N VAL A 64 9.62 5.47 -2.25
CA VAL A 64 8.91 4.79 -3.31
C VAL A 64 7.92 5.72 -3.96
N PHE A 65 8.05 5.92 -5.26
CA PHE A 65 7.15 6.77 -5.98
C PHE A 65 6.04 5.94 -6.54
N VAL A 66 4.84 6.24 -6.10
CA VAL A 66 3.67 5.58 -6.60
C VAL A 66 3.09 6.46 -7.67
N ASN A 67 3.12 5.97 -8.89
CA ASN A 67 2.62 6.66 -10.05
C ASN A 67 1.09 6.63 -9.99
N GLU A 68 0.44 7.33 -10.89
CA GLU A 68 -1.00 7.50 -10.86
C GLU A 68 -1.83 6.28 -11.29
N ALA A 69 -1.17 5.20 -11.62
CA ALA A 69 -1.86 3.96 -11.85
C ALA A 69 -1.71 3.08 -10.63
N CYS A 70 -1.23 3.72 -9.56
CA CYS A 70 -1.06 3.11 -8.25
C CYS A 70 0.03 2.08 -8.27
N HIS A 71 0.99 2.37 -9.07
CA HIS A 71 2.10 1.46 -9.27
C HIS A 71 3.35 2.09 -8.67
N PRO A 72 3.93 1.45 -7.65
CA PRO A 72 5.09 1.95 -6.92
C PRO A 72 6.45 1.54 -7.50
N TYR A 73 7.39 2.44 -7.40
CA TYR A 73 8.77 2.19 -7.78
C TYR A 73 9.72 2.60 -6.69
N PRO A 74 10.71 1.75 -6.40
CA PRO A 74 10.89 0.46 -7.08
C PRO A 74 9.87 -0.60 -6.64
N VAL A 75 9.66 -1.58 -7.50
CA VAL A 75 8.72 -2.65 -7.23
C VAL A 75 9.41 -3.68 -6.35
N ILE A 76 10.68 -3.89 -6.62
CA ILE A 76 11.48 -4.71 -5.77
C ILE A 76 12.35 -3.83 -4.94
N LEU A 77 12.14 -3.95 -3.67
CA LEU A 77 12.87 -3.17 -2.69
C LEU A 77 14.21 -3.84 -2.43
N PRO A 78 15.15 -3.21 -1.70
CA PRO A 78 16.47 -3.79 -1.43
C PRO A 78 16.39 -4.98 -0.49
N ASP A 79 15.23 -5.13 0.13
CA ASP A 79 14.96 -6.24 1.02
C ASP A 79 14.31 -7.37 0.21
N ARG A 80 14.17 -7.10 -1.10
CA ARG A 80 13.55 -7.99 -2.09
C ARG A 80 12.08 -8.18 -1.76
N SER A 81 11.55 -7.15 -1.15
CA SER A 81 10.18 -7.03 -0.87
C SER A 81 9.50 -6.70 -2.18
N VAL A 82 8.40 -7.36 -2.40
CA VAL A 82 7.59 -7.24 -3.58
C VAL A 82 6.53 -6.18 -3.34
N LEU A 83 6.54 -5.16 -4.13
CA LEU A 83 5.51 -4.17 -4.01
C LEU A 83 4.45 -4.37 -5.05
N SER A 84 3.25 -4.53 -4.58
CA SER A 84 2.13 -4.67 -5.47
C SER A 84 1.29 -3.42 -5.29
N GLY A 85 1.06 -2.75 -6.39
CA GLY A 85 0.37 -1.51 -6.32
C GLY A 85 -0.95 -1.57 -7.02
N ASP A 86 -1.99 -1.25 -6.31
CA ASP A 86 -3.30 -1.26 -6.89
C ASP A 86 -4.04 -0.07 -6.39
N PHE A 87 -5.20 0.15 -6.92
CA PHE A 87 -6.02 1.25 -6.46
C PHE A 87 -6.75 0.75 -5.22
N THR A 88 -6.82 1.58 -4.19
CA THR A 88 -7.42 1.26 -2.91
C THR A 88 -8.91 0.92 -3.03
N SER A 89 -9.50 1.39 -4.10
CA SER A 89 -10.90 1.22 -4.39
C SER A 89 -11.24 -0.24 -4.60
N ALA A 90 -10.29 -0.99 -5.12
CA ALA A 90 -10.49 -2.40 -5.38
C ALA A 90 -9.85 -3.25 -4.29
N TYR A 91 -9.57 -2.58 -3.19
CA TYR A 91 -8.87 -3.16 -2.06
C TYR A 91 -9.46 -2.70 -0.74
N ALA A 92 -8.71 -2.94 0.36
CA ALA A 92 -9.01 -2.55 1.73
C ALA A 92 -10.15 -3.39 2.29
N ASP A 93 -11.30 -3.21 1.70
CA ASP A 93 -12.50 -3.95 2.05
C ASP A 93 -12.31 -5.37 1.57
N ASP A 94 -11.55 -5.48 0.50
CA ASP A 94 -11.18 -6.73 -0.12
C ASP A 94 -9.67 -6.82 -0.14
N ASP A 95 -9.10 -7.20 0.98
CA ASP A 95 -7.66 -7.35 1.12
C ASP A 95 -7.36 -8.65 1.85
N GLU A 96 -6.10 -9.04 1.86
CA GLU A 96 -5.61 -10.24 2.52
C GLU A 96 -5.49 -10.06 4.03
N SER A 97 -5.36 -8.81 4.47
CA SER A 97 -5.25 -8.53 5.89
C SER A 97 -6.56 -8.94 6.55
N CYS A 98 -6.47 -9.90 7.43
CA CYS A 98 -7.61 -10.40 8.13
C CYS A 98 -7.85 -9.51 9.33
N GLY A 20 -8.12 -9.00 21.69
CA GLY A 20 -7.76 -7.59 21.56
C GLY A 20 -8.09 -6.87 22.83
N ARG A 21 -7.89 -5.57 22.87
CA ARG A 21 -8.20 -4.80 24.07
C ARG A 21 -8.95 -3.53 23.77
N GLU A 22 -8.22 -2.57 23.24
CA GLU A 22 -8.68 -1.21 23.17
C GLU A 22 -9.49 -0.81 21.93
N ASN A 23 -9.03 -1.14 20.74
CA ASN A 23 -9.69 -0.58 19.56
C ASN A 23 -10.47 -1.64 18.81
N LEU A 24 -9.85 -2.81 18.64
CA LEU A 24 -10.40 -3.92 17.86
C LEU A 24 -10.43 -3.52 16.40
N TYR A 25 -11.11 -4.27 15.55
CA TYR A 25 -11.18 -3.87 14.18
C TYR A 25 -12.17 -2.72 14.10
N PHE A 26 -11.62 -1.54 14.12
CA PHE A 26 -12.38 -0.34 13.93
C PHE A 26 -12.87 -0.26 12.50
N GLN A 27 -14.13 -0.49 12.33
CA GLN A 27 -14.73 -0.32 11.04
C GLN A 27 -15.34 1.06 11.01
N GLY A 28 -15.06 1.78 9.97
CA GLY A 28 -15.57 3.11 9.82
C GLY A 28 -15.60 3.44 8.37
N HIS A 29 -15.93 4.66 8.03
CA HIS A 29 -15.90 5.08 6.64
C HIS A 29 -14.44 5.10 6.24
N MET A 30 -14.09 4.36 5.24
CA MET A 30 -12.71 4.23 4.87
C MET A 30 -12.28 5.36 3.96
N ALA A 31 -11.24 6.03 4.39
CA ALA A 31 -10.61 7.08 3.63
C ALA A 31 -9.11 6.89 3.71
N TRP A 32 -8.62 6.13 2.79
CA TRP A 32 -7.22 5.84 2.61
C TRP A 32 -6.72 6.70 1.47
N LYS A 33 -5.59 6.37 0.92
CA LYS A 33 -5.11 7.10 -0.21
C LYS A 33 -5.66 6.45 -1.46
N ASP A 34 -5.29 6.98 -2.57
CA ASP A 34 -5.80 6.55 -3.88
C ASP A 34 -5.28 5.20 -4.28
N CYS A 35 -4.06 4.93 -3.90
CA CYS A 35 -3.41 3.70 -4.28
C CYS A 35 -3.00 2.93 -3.04
N ILE A 36 -3.10 1.66 -3.12
CA ILE A 36 -2.80 0.79 -2.02
C ILE A 36 -1.59 -0.02 -2.40
N ILE A 37 -0.66 -0.09 -1.50
CA ILE A 37 0.60 -0.71 -1.80
C ILE A 37 0.81 -1.85 -0.82
N GLN A 38 0.85 -3.02 -1.35
CA GLN A 38 1.05 -4.22 -0.58
C GLN A 38 2.52 -4.57 -0.61
N ARG A 39 3.11 -4.77 0.56
CA ARG A 39 4.50 -5.10 0.65
C ARG A 39 4.59 -6.61 0.81
N TYR A 40 5.07 -7.28 -0.19
CA TYR A 40 5.20 -8.72 -0.17
C TYR A 40 6.61 -9.05 0.25
N LYS A 41 6.75 -9.59 1.42
CA LYS A 41 8.05 -9.88 1.89
C LYS A 41 8.29 -11.33 1.54
N ASP A 42 9.18 -11.49 0.61
CA ASP A 42 9.52 -12.76 -0.04
C ASP A 42 8.35 -13.55 -0.58
N GLY A 43 7.51 -12.87 -1.33
CA GLY A 43 6.44 -13.54 -2.01
C GLY A 43 5.08 -13.52 -1.33
N ASP A 44 4.99 -13.15 -0.07
CA ASP A 44 3.70 -13.08 0.56
C ASP A 44 3.52 -11.72 1.13
N VAL A 45 2.30 -11.29 1.12
CA VAL A 45 1.96 -9.96 1.59
C VAL A 45 2.21 -9.83 3.11
N ASN A 46 3.20 -9.04 3.43
CA ASN A 46 3.63 -8.86 4.80
C ASN A 46 3.02 -7.61 5.38
N ASN A 47 3.19 -6.50 4.68
CA ASN A 47 2.72 -5.22 5.15
C ASN A 47 1.75 -4.59 4.18
N ILE A 48 1.02 -3.65 4.68
CA ILE A 48 0.04 -2.90 3.92
C ILE A 48 0.34 -1.42 4.06
N TYR A 49 0.42 -0.78 2.93
CA TYR A 49 0.68 0.65 2.84
C TYR A 49 -0.28 1.21 1.84
N THR A 50 -0.35 2.51 1.76
CA THR A 50 -1.19 3.18 0.81
C THR A 50 -0.60 4.55 0.51
N ALA A 51 -0.72 4.95 -0.71
CA ALA A 51 -0.15 6.18 -1.21
C ALA A 51 -1.08 6.78 -2.22
N ASN A 52 -1.06 8.06 -2.39
CA ASN A 52 -1.89 8.70 -3.40
C ASN A 52 -1.34 8.44 -4.78
N ARG A 53 -2.16 8.67 -5.78
CA ARG A 53 -1.70 8.65 -7.13
C ARG A 53 -0.67 9.75 -7.33
N ASN A 54 0.55 9.31 -7.64
CA ASN A 54 1.73 10.14 -7.87
C ASN A 54 2.27 10.67 -6.55
N GLU A 55 2.42 9.74 -5.64
CA GLU A 55 2.84 10.03 -4.30
C GLU A 55 4.00 9.14 -3.93
N GLU A 56 5.02 9.76 -3.40
CA GLU A 56 6.20 9.10 -2.98
C GLU A 56 6.19 8.93 -1.47
N ILE A 57 6.12 7.70 -1.05
CA ILE A 57 6.13 7.31 0.33
C ILE A 57 7.53 6.89 0.71
N THR A 58 7.69 6.45 1.91
CA THR A 58 8.93 5.94 2.36
C THR A 58 8.64 4.62 3.03
N ILE A 59 9.39 3.63 2.67
CA ILE A 59 9.26 2.30 3.20
C ILE A 59 10.62 1.89 3.68
N GLU A 60 10.81 1.86 4.99
CA GLU A 60 12.05 1.38 5.60
C GLU A 60 13.27 2.12 5.04
N GLU A 61 13.10 3.43 4.91
CA GLU A 61 14.05 4.40 4.37
C GLU A 61 14.20 4.39 2.86
N TYR A 62 13.50 3.51 2.20
CA TYR A 62 13.53 3.45 0.76
C TYR A 62 12.35 4.27 0.29
N LYS A 63 12.59 5.33 -0.46
CA LYS A 63 11.46 6.10 -0.90
C LYS A 63 10.88 5.44 -2.13
N VAL A 64 9.60 5.47 -2.21
CA VAL A 64 8.88 4.77 -3.24
C VAL A 64 7.82 5.67 -3.84
N PHE A 65 7.91 5.85 -5.12
CA PHE A 65 7.00 6.68 -5.86
C PHE A 65 5.92 5.83 -6.47
N VAL A 66 4.70 6.12 -6.13
CA VAL A 66 3.56 5.44 -6.69
C VAL A 66 2.98 6.30 -7.76
N ASN A 67 2.97 5.76 -8.97
CA ASN A 67 2.42 6.37 -10.17
C ASN A 67 0.90 6.42 -10.02
N GLU A 68 0.26 7.22 -10.84
CA GLU A 68 -1.18 7.50 -10.70
C GLU A 68 -2.08 6.31 -10.94
N ALA A 69 -1.57 5.30 -11.58
CA ALA A 69 -2.37 4.12 -11.83
C ALA A 69 -2.14 3.10 -10.75
N CYS A 70 -1.53 3.55 -9.67
CA CYS A 70 -1.31 2.77 -8.48
C CYS A 70 -0.35 1.62 -8.73
N HIS A 71 0.93 1.97 -8.80
CA HIS A 71 1.98 0.99 -8.93
C HIS A 71 3.24 1.68 -8.41
N PRO A 72 3.85 1.11 -7.38
CA PRO A 72 5.02 1.69 -6.71
C PRO A 72 6.34 1.39 -7.42
N TYR A 73 7.22 2.37 -7.37
CA TYR A 73 8.57 2.24 -7.84
C TYR A 73 9.53 2.74 -6.82
N PRO A 74 10.54 1.96 -6.51
CA PRO A 74 10.77 0.62 -7.10
C PRO A 74 9.80 -0.45 -6.61
N VAL A 75 9.73 -1.53 -7.36
CA VAL A 75 8.85 -2.63 -7.06
C VAL A 75 9.57 -3.62 -6.15
N ILE A 76 10.82 -3.88 -6.46
CA ILE A 76 11.64 -4.72 -5.63
C ILE A 76 12.51 -3.86 -4.76
N LEU A 77 12.49 -4.16 -3.49
CA LEU A 77 13.31 -3.48 -2.52
C LEU A 77 14.58 -4.32 -2.26
N PRO A 78 15.59 -3.81 -1.52
CA PRO A 78 16.87 -4.54 -1.30
C PRO A 78 16.68 -5.79 -0.44
N ASP A 79 15.52 -5.84 0.17
CA ASP A 79 15.08 -6.95 1.00
C ASP A 79 14.44 -8.03 0.12
N ARG A 80 14.18 -7.66 -1.13
CA ARG A 80 13.42 -8.44 -2.11
C ARG A 80 11.95 -8.38 -1.70
N SER A 81 11.61 -7.27 -1.10
CA SER A 81 10.25 -7.02 -0.80
C SER A 81 9.63 -6.67 -2.15
N VAL A 82 8.58 -7.36 -2.44
CA VAL A 82 7.82 -7.24 -3.64
C VAL A 82 6.70 -6.25 -3.39
N LEU A 83 6.72 -5.17 -4.08
CA LEU A 83 5.67 -4.20 -3.93
C LEU A 83 4.64 -4.34 -5.00
N SER A 84 3.44 -4.41 -4.57
CA SER A 84 2.33 -4.46 -5.47
C SER A 84 1.44 -3.29 -5.17
N GLY A 85 0.96 -2.64 -6.18
CA GLY A 85 0.13 -1.52 -5.95
C GLY A 85 -1.09 -1.61 -6.78
N ASP A 86 -2.16 -1.06 -6.29
CA ASP A 86 -3.39 -0.99 -7.07
C ASP A 86 -4.24 0.04 -6.39
N PHE A 87 -5.36 0.40 -6.96
CA PHE A 87 -6.21 1.41 -6.35
C PHE A 87 -6.85 0.87 -5.08
N THR A 88 -6.83 1.66 -4.04
CA THR A 88 -7.34 1.29 -2.72
C THR A 88 -8.85 1.06 -2.77
N SER A 89 -9.47 1.74 -3.70
CA SER A 89 -10.90 1.74 -3.89
C SER A 89 -11.39 0.39 -4.38
N ALA A 90 -10.54 -0.30 -5.11
CA ALA A 90 -10.88 -1.59 -5.66
C ALA A 90 -10.37 -2.72 -4.77
N TYR A 91 -9.94 -2.33 -3.60
CA TYR A 91 -9.38 -3.24 -2.64
C TYR A 91 -10.16 -3.31 -1.36
N ALA A 92 -9.89 -2.37 -0.47
CA ALA A 92 -10.46 -2.38 0.86
C ALA A 92 -11.82 -1.71 0.89
N ASP A 93 -12.22 -1.27 -0.28
CA ASP A 93 -13.46 -0.54 -0.54
C ASP A 93 -13.35 0.83 0.07
N ASP A 94 -12.15 1.37 -0.06
CA ASP A 94 -11.94 2.78 0.20
C ASP A 94 -12.85 3.50 -0.76
N ASP A 95 -13.81 4.22 -0.26
CA ASP A 95 -14.81 4.71 -1.18
C ASP A 95 -14.50 6.04 -1.77
N GLU A 96 -13.63 6.06 -2.73
CA GLU A 96 -13.53 7.22 -3.51
C GLU A 96 -14.25 6.97 -4.81
N SER A 97 -15.53 7.14 -4.74
CA SER A 97 -16.33 7.06 -5.89
C SER A 97 -16.31 8.47 -6.50
N CYS A 98 -15.50 8.63 -7.51
CA CYS A 98 -15.29 9.90 -8.15
C CYS A 98 -16.48 10.27 -9.02
N GLY A 20 -3.36 -5.24 8.67
CA GLY A 20 -3.15 -4.23 7.63
C GLY A 20 -2.10 -3.25 8.08
N ARG A 21 -2.52 -2.07 8.48
CA ARG A 21 -1.63 -1.06 8.99
C ARG A 21 -2.45 -0.05 9.74
N GLU A 22 -1.80 0.92 10.30
CA GLU A 22 -2.46 1.99 10.97
C GLU A 22 -2.55 3.22 10.09
N ASN A 23 -3.62 3.93 10.27
CA ASN A 23 -3.94 5.17 9.59
C ASN A 23 -4.99 5.81 10.45
N LEU A 24 -5.97 5.02 10.76
CA LEU A 24 -6.94 5.34 11.79
C LEU A 24 -6.67 4.33 12.88
N TYR A 25 -7.07 4.62 14.08
CA TYR A 25 -6.74 3.72 15.15
C TYR A 25 -7.89 2.76 15.36
N PHE A 26 -7.93 1.77 14.50
CA PHE A 26 -8.93 0.70 14.50
C PHE A 26 -10.33 1.29 14.43
N GLN A 27 -10.72 1.62 13.23
CA GLN A 27 -11.97 2.30 12.99
C GLN A 27 -12.68 1.56 11.86
N GLY A 28 -14.00 1.55 11.87
CA GLY A 28 -14.75 0.84 10.86
C GLY A 28 -14.61 1.50 9.51
N HIS A 29 -14.94 2.78 9.46
CA HIS A 29 -14.84 3.52 8.23
C HIS A 29 -13.46 4.11 8.13
N MET A 30 -12.91 4.11 6.95
CA MET A 30 -11.50 4.39 6.83
C MET A 30 -11.14 5.39 5.74
N ALA A 31 -10.04 6.08 5.96
CA ALA A 31 -9.50 7.03 5.04
C ALA A 31 -8.16 6.51 4.52
N TRP A 32 -8.20 5.96 3.35
CA TRP A 32 -7.01 5.44 2.72
C TRP A 32 -6.66 6.32 1.53
N LYS A 33 -5.47 6.14 1.01
CA LYS A 33 -5.02 6.93 -0.11
C LYS A 33 -5.64 6.42 -1.40
N ASP A 34 -5.20 6.92 -2.52
CA ASP A 34 -5.85 6.62 -3.78
C ASP A 34 -5.39 5.27 -4.32
N CYS A 35 -4.17 4.95 -3.99
CA CYS A 35 -3.50 3.75 -4.42
C CYS A 35 -3.09 2.95 -3.21
N ILE A 36 -3.12 1.66 -3.34
CA ILE A 36 -2.78 0.79 -2.24
C ILE A 36 -1.57 -0.02 -2.63
N ILE A 37 -0.62 -0.10 -1.73
CA ILE A 37 0.63 -0.72 -2.03
C ILE A 37 0.90 -1.81 -1.01
N GLN A 38 0.89 -3.04 -1.45
CA GLN A 38 1.12 -4.13 -0.54
C GLN A 38 2.58 -4.52 -0.58
N ARG A 39 3.18 -4.69 0.59
CA ARG A 39 4.55 -5.10 0.66
C ARG A 39 4.59 -6.58 0.91
N TYR A 40 5.02 -7.33 -0.05
CA TYR A 40 5.15 -8.76 0.08
C TYR A 40 6.56 -9.03 0.46
N LYS A 41 6.73 -9.99 1.31
CA LYS A 41 8.02 -10.38 1.70
C LYS A 41 7.99 -11.89 1.69
N ASP A 42 8.80 -12.45 0.82
CA ASP A 42 8.92 -13.89 0.61
C ASP A 42 7.62 -14.55 0.18
N GLY A 43 7.05 -13.97 -0.85
CA GLY A 43 5.86 -14.49 -1.49
C GLY A 43 4.54 -14.26 -0.75
N ASP A 44 4.59 -13.69 0.44
CA ASP A 44 3.39 -13.47 1.23
C ASP A 44 3.38 -12.03 1.61
N VAL A 45 2.21 -11.53 1.86
CA VAL A 45 2.07 -10.13 2.15
C VAL A 45 2.53 -9.85 3.58
N ASN A 46 3.56 -9.05 3.68
CA ASN A 46 4.18 -8.77 4.95
C ASN A 46 3.59 -7.52 5.56
N ASN A 47 3.72 -6.41 4.86
CA ASN A 47 3.29 -5.12 5.36
C ASN A 47 2.28 -4.51 4.41
N ILE A 48 1.55 -3.54 4.91
CA ILE A 48 0.55 -2.84 4.14
C ILE A 48 0.87 -1.36 4.09
N TYR A 49 0.72 -0.78 2.93
CA TYR A 49 0.97 0.63 2.68
C TYR A 49 -0.10 1.11 1.70
N THR A 50 -0.24 2.40 1.59
CA THR A 50 -1.15 3.00 0.65
C THR A 50 -0.60 4.36 0.32
N ALA A 51 -0.77 4.76 -0.90
CA ALA A 51 -0.18 5.98 -1.42
C ALA A 51 -1.14 6.73 -2.29
N ASN A 52 -1.02 8.02 -2.34
CA ASN A 52 -1.83 8.82 -3.23
C ASN A 52 -1.33 8.68 -4.65
N ARG A 53 -2.19 8.91 -5.61
CA ARG A 53 -1.78 8.98 -6.97
C ARG A 53 -0.77 10.11 -7.16
N ASN A 54 0.48 9.70 -7.40
CA ASN A 54 1.65 10.55 -7.55
C ASN A 54 2.16 10.99 -6.20
N GLU A 55 2.57 10.02 -5.42
CA GLU A 55 3.03 10.24 -4.09
C GLU A 55 4.25 9.36 -3.82
N GLU A 56 5.27 9.94 -3.22
CA GLU A 56 6.39 9.16 -2.78
C GLU A 56 6.12 8.76 -1.35
N ILE A 57 6.05 7.49 -1.12
CA ILE A 57 5.96 7.00 0.21
C ILE A 57 7.36 6.60 0.58
N THR A 58 7.54 6.22 1.80
CA THR A 58 8.79 5.77 2.21
C THR A 58 8.54 4.55 3.04
N ILE A 59 9.05 3.47 2.57
CA ILE A 59 8.92 2.22 3.21
C ILE A 59 10.25 1.89 3.78
N GLU A 60 10.43 2.07 5.08
CA GLU A 60 11.65 1.57 5.74
C GLU A 60 12.93 2.16 5.14
N GLU A 61 12.85 3.45 4.84
CA GLU A 61 13.90 4.26 4.23
C GLU A 61 14.14 3.96 2.76
N TYR A 62 13.25 3.19 2.19
CA TYR A 62 13.24 2.92 0.79
C TYR A 62 12.09 3.75 0.25
N LYS A 63 12.39 4.84 -0.44
CA LYS A 63 11.31 5.66 -0.93
C LYS A 63 10.76 5.10 -2.22
N VAL A 64 9.49 5.18 -2.32
CA VAL A 64 8.73 4.57 -3.38
C VAL A 64 7.76 5.57 -3.97
N PHE A 65 7.91 5.85 -5.22
CA PHE A 65 7.02 6.75 -5.90
C PHE A 65 5.92 5.95 -6.54
N VAL A 66 4.72 6.25 -6.16
CA VAL A 66 3.57 5.65 -6.79
C VAL A 66 3.02 6.68 -7.72
N ASN A 67 2.89 6.31 -8.97
CA ASN A 67 2.37 7.16 -10.01
C ASN A 67 0.87 7.28 -9.84
N GLU A 68 0.25 8.08 -10.67
CA GLU A 68 -1.19 8.28 -10.63
C GLU A 68 -1.97 7.03 -10.97
N ALA A 69 -1.31 6.11 -11.62
CA ALA A 69 -1.87 4.83 -11.82
C ALA A 69 -1.13 3.98 -10.84
N CYS A 70 -1.86 3.63 -9.82
CA CYS A 70 -1.44 2.88 -8.66
C CYS A 70 -0.51 1.70 -8.94
N HIS A 71 0.78 2.01 -8.93
CA HIS A 71 1.84 1.06 -9.11
C HIS A 71 3.08 1.71 -8.53
N PRO A 72 3.77 1.03 -7.60
CA PRO A 72 4.92 1.58 -6.90
C PRO A 72 6.24 1.42 -7.64
N TYR A 73 7.10 2.39 -7.47
CA TYR A 73 8.44 2.31 -7.97
C TYR A 73 9.46 2.68 -6.93
N PRO A 74 10.42 1.80 -6.71
CA PRO A 74 10.51 0.53 -7.43
C PRO A 74 9.60 -0.57 -6.84
N VAL A 75 9.38 -1.61 -7.62
CA VAL A 75 8.53 -2.71 -7.22
C VAL A 75 9.32 -3.68 -6.35
N ILE A 76 10.54 -3.96 -6.75
CA ILE A 76 11.43 -4.72 -5.91
C ILE A 76 12.25 -3.77 -5.07
N LEU A 77 12.17 -3.98 -3.79
CA LEU A 77 12.94 -3.18 -2.85
C LEU A 77 14.31 -3.84 -2.62
N PRO A 78 15.29 -3.16 -1.97
CA PRO A 78 16.66 -3.70 -1.77
C PRO A 78 16.69 -4.80 -0.70
N ASP A 79 15.52 -5.02 -0.17
CA ASP A 79 15.23 -6.04 0.80
C ASP A 79 14.68 -7.28 0.08
N ARG A 80 14.42 -7.09 -1.20
CA ARG A 80 13.71 -8.04 -2.04
C ARG A 80 12.33 -8.24 -1.46
N SER A 81 11.68 -7.12 -1.37
CA SER A 81 10.32 -7.05 -0.98
C SER A 81 9.58 -6.82 -2.27
N VAL A 82 8.52 -7.54 -2.44
CA VAL A 82 7.69 -7.51 -3.59
C VAL A 82 6.58 -6.50 -3.34
N LEU A 83 6.55 -5.45 -4.10
CA LEU A 83 5.49 -4.47 -3.92
C LEU A 83 4.42 -4.63 -4.95
N SER A 84 3.21 -4.56 -4.51
CA SER A 84 2.12 -4.57 -5.44
C SER A 84 1.38 -3.26 -5.33
N GLY A 85 0.91 -2.76 -6.43
CA GLY A 85 0.18 -1.53 -6.39
C GLY A 85 -1.11 -1.67 -7.10
N ASP A 86 -2.16 -1.22 -6.49
CA ASP A 86 -3.44 -1.21 -7.15
C ASP A 86 -4.20 -0.07 -6.58
N PHE A 87 -5.33 0.24 -7.12
CA PHE A 87 -6.12 1.33 -6.62
C PHE A 87 -6.78 0.84 -5.33
N THR A 88 -6.75 1.65 -4.29
CA THR A 88 -7.26 1.26 -2.97
C THR A 88 -8.74 0.87 -3.01
N SER A 89 -9.42 1.32 -4.04
CA SER A 89 -10.82 1.11 -4.25
C SER A 89 -11.12 -0.36 -4.50
N ALA A 90 -10.25 -1.01 -5.28
CA ALA A 90 -10.42 -2.41 -5.66
C ALA A 90 -9.91 -3.35 -4.58
N TYR A 91 -9.64 -2.78 -3.44
CA TYR A 91 -9.13 -3.47 -2.31
C TYR A 91 -9.92 -3.15 -1.06
N ALA A 92 -9.75 -1.95 -0.56
CA ALA A 92 -10.39 -1.55 0.66
C ALA A 92 -11.56 -0.61 0.38
N ASP A 93 -11.24 0.53 -0.24
CA ASP A 93 -12.19 1.65 -0.50
C ASP A 93 -12.62 2.30 0.80
N ASP A 94 -13.35 1.53 1.55
CA ASP A 94 -13.88 1.84 2.86
C ASP A 94 -14.37 0.51 3.34
N ASP A 95 -13.42 -0.28 3.78
CA ASP A 95 -13.68 -1.66 4.11
C ASP A 95 -14.45 -1.84 5.40
N GLU A 96 -15.71 -2.16 5.24
CA GLU A 96 -16.59 -2.40 6.35
C GLU A 96 -16.48 -3.87 6.75
N SER A 97 -15.77 -4.63 5.92
CA SER A 97 -15.52 -6.06 6.08
C SER A 97 -16.82 -6.88 6.11
N CYS A 98 -16.67 -8.14 6.38
CA CYS A 98 -17.76 -9.05 6.55
C CYS A 98 -17.38 -9.89 7.76
N GLY A 20 2.80 -9.71 16.99
CA GLY A 20 2.00 -8.91 17.92
C GLY A 20 0.55 -9.04 17.57
N ARG A 21 -0.33 -8.24 18.17
CA ARG A 21 -1.73 -8.32 17.79
C ARG A 21 -2.09 -7.18 16.85
N GLU A 22 -1.70 -5.98 17.23
CA GLU A 22 -1.86 -4.73 16.48
C GLU A 22 -3.29 -4.40 16.06
N ASN A 23 -3.77 -5.06 15.04
CA ASN A 23 -5.04 -4.74 14.44
C ASN A 23 -6.11 -5.79 14.65
N LEU A 24 -7.29 -5.32 14.44
CA LEU A 24 -8.55 -5.98 14.49
C LEU A 24 -9.32 -5.13 13.54
N TYR A 25 -10.51 -5.47 13.21
CA TYR A 25 -11.22 -4.57 12.35
C TYR A 25 -11.84 -3.45 13.15
N PHE A 26 -11.03 -2.44 13.36
CA PHE A 26 -11.48 -1.22 13.96
C PHE A 26 -12.15 -0.45 12.84
N GLN A 27 -13.43 -0.28 12.97
CA GLN A 27 -14.23 0.31 11.92
C GLN A 27 -14.12 1.83 11.89
N GLY A 28 -13.06 2.28 11.24
CA GLY A 28 -12.80 3.69 11.11
C GLY A 28 -13.04 4.18 9.71
N HIS A 29 -13.72 3.36 8.90
CA HIS A 29 -14.07 3.67 7.49
C HIS A 29 -12.84 3.65 6.59
N MET A 30 -13.03 3.25 5.35
CA MET A 30 -11.93 3.24 4.41
C MET A 30 -11.65 4.59 3.80
N ALA A 31 -11.01 5.42 4.58
CA ALA A 31 -10.52 6.69 4.12
C ALA A 31 -9.04 6.52 3.95
N TRP A 32 -8.71 5.79 2.92
CA TRP A 32 -7.36 5.46 2.56
C TRP A 32 -6.91 6.39 1.46
N LYS A 33 -5.71 6.21 0.96
CA LYS A 33 -5.24 7.06 -0.10
C LYS A 33 -5.73 6.54 -1.44
N ASP A 34 -5.25 7.11 -2.51
CA ASP A 34 -5.82 6.80 -3.82
C ASP A 34 -5.32 5.48 -4.36
N CYS A 35 -4.15 5.13 -3.94
CA CYS A 35 -3.49 3.91 -4.36
C CYS A 35 -3.13 3.08 -3.15
N ILE A 36 -3.13 1.80 -3.31
CA ILE A 36 -2.84 0.92 -2.22
C ILE A 36 -1.64 0.09 -2.58
N ILE A 37 -0.72 -0.02 -1.66
CA ILE A 37 0.51 -0.69 -1.96
C ILE A 37 0.78 -1.75 -0.90
N GLN A 38 0.72 -2.97 -1.27
CA GLN A 38 0.95 -4.05 -0.35
C GLN A 38 2.39 -4.52 -0.49
N ARG A 39 3.06 -4.66 0.62
CA ARG A 39 4.45 -5.05 0.60
C ARG A 39 4.53 -6.55 0.82
N TYR A 40 4.98 -7.25 -0.17
CA TYR A 40 5.18 -8.66 -0.10
C TYR A 40 6.62 -8.89 0.24
N LYS A 41 6.86 -9.32 1.41
CA LYS A 41 8.16 -9.51 1.90
C LYS A 41 8.50 -10.96 1.70
N ASP A 42 9.48 -11.19 0.86
CA ASP A 42 9.91 -12.53 0.44
C ASP A 42 8.81 -13.31 -0.24
N GLY A 43 7.93 -12.59 -0.90
CA GLY A 43 6.88 -13.21 -1.65
C GLY A 43 5.54 -13.28 -0.94
N ASP A 44 5.49 -13.00 0.34
CA ASP A 44 4.23 -13.04 1.05
C ASP A 44 3.98 -11.71 1.64
N VAL A 45 2.74 -11.39 1.80
CA VAL A 45 2.40 -10.04 2.23
C VAL A 45 2.70 -9.81 3.71
N ASN A 46 3.55 -8.84 3.98
CA ASN A 46 3.95 -8.55 5.34
C ASN A 46 3.34 -7.26 5.80
N ASN A 47 3.52 -6.23 4.99
CA ASN A 47 3.11 -4.91 5.35
C ASN A 47 2.08 -4.40 4.38
N ILE A 48 1.22 -3.53 4.85
CA ILE A 48 0.17 -2.92 4.05
C ILE A 48 0.40 -1.41 4.04
N TYR A 49 0.54 -0.83 2.87
CA TYR A 49 0.75 0.60 2.72
C TYR A 49 -0.30 1.15 1.75
N THR A 50 -0.41 2.44 1.72
CA THR A 50 -1.28 3.11 0.81
C THR A 50 -0.72 4.49 0.57
N ALA A 51 -0.84 4.94 -0.66
CA ALA A 51 -0.24 6.19 -1.13
C ALA A 51 -1.19 6.83 -2.11
N ASN A 52 -1.12 8.11 -2.25
CA ASN A 52 -1.92 8.80 -3.25
C ASN A 52 -1.32 8.60 -4.63
N ARG A 53 -2.12 8.85 -5.66
CA ARG A 53 -1.64 8.79 -7.01
C ARG A 53 -0.62 9.91 -7.25
N ASN A 54 0.59 9.47 -7.54
CA ASN A 54 1.81 10.28 -7.69
C ASN A 54 2.26 10.74 -6.32
N GLU A 55 2.64 9.80 -5.49
CA GLU A 55 3.07 10.08 -4.18
C GLU A 55 4.21 9.16 -3.82
N GLU A 56 5.27 9.73 -3.32
CA GLU A 56 6.39 8.97 -2.89
C GLU A 56 6.31 8.77 -1.38
N ILE A 57 6.13 7.53 -1.01
CA ILE A 57 6.10 7.09 0.35
C ILE A 57 7.49 6.64 0.73
N THR A 58 7.63 6.13 1.92
CA THR A 58 8.85 5.55 2.34
C THR A 58 8.49 4.26 3.06
N ILE A 59 9.22 3.23 2.79
CA ILE A 59 9.01 1.93 3.37
C ILE A 59 10.32 1.49 3.95
N GLU A 60 10.45 1.48 5.27
CA GLU A 60 11.67 1.01 5.93
C GLU A 60 12.92 1.76 5.43
N GLU A 61 12.71 3.05 5.24
CA GLU A 61 13.71 4.01 4.75
C GLU A 61 14.06 3.86 3.28
N TYR A 62 13.28 3.09 2.55
CA TYR A 62 13.43 3.00 1.12
C TYR A 62 12.30 3.83 0.55
N LYS A 63 12.59 4.84 -0.24
CA LYS A 63 11.52 5.63 -0.75
C LYS A 63 10.95 4.99 -2.00
N VAL A 64 9.66 5.08 -2.13
CA VAL A 64 8.93 4.45 -3.21
C VAL A 64 7.94 5.44 -3.80
N PHE A 65 8.03 5.66 -5.09
CA PHE A 65 7.15 6.55 -5.78
C PHE A 65 6.01 5.77 -6.39
N VAL A 66 4.82 6.08 -5.98
CA VAL A 66 3.64 5.47 -6.55
C VAL A 66 3.14 6.40 -7.62
N ASN A 67 3.09 5.89 -8.83
CA ASN A 67 2.63 6.63 -9.97
C ASN A 67 1.10 6.68 -9.91
N GLU A 68 0.51 7.41 -10.80
CA GLU A 68 -0.93 7.67 -10.76
C GLU A 68 -1.83 6.53 -11.19
N ALA A 69 -1.27 5.45 -11.68
CA ALA A 69 -2.08 4.29 -11.99
C ALA A 69 -2.01 3.33 -10.83
N CYS A 70 -1.46 3.84 -9.73
CA CYS A 70 -1.33 3.11 -8.49
C CYS A 70 -0.40 1.94 -8.63
N HIS A 71 0.78 2.24 -9.07
CA HIS A 71 1.81 1.24 -9.19
C HIS A 71 3.08 1.87 -8.65
N PRO A 72 3.68 1.24 -7.65
CA PRO A 72 4.88 1.74 -6.99
C PRO A 72 6.18 1.44 -7.72
N TYR A 73 7.11 2.35 -7.61
CA TYR A 73 8.44 2.14 -8.11
C TYR A 73 9.45 2.47 -7.06
N PRO A 74 10.43 1.62 -6.92
CA PRO A 74 10.51 0.38 -7.69
C PRO A 74 9.63 -0.72 -7.08
N VAL A 75 9.32 -1.71 -7.87
CA VAL A 75 8.44 -2.78 -7.45
C VAL A 75 9.19 -3.78 -6.58
N ILE A 76 10.49 -3.91 -6.81
CA ILE A 76 11.33 -4.70 -5.98
C ILE A 76 12.17 -3.83 -5.09
N LEU A 77 12.00 -4.05 -3.81
CA LEU A 77 12.75 -3.35 -2.79
C LEU A 77 14.07 -4.07 -2.56
N PRO A 78 15.06 -3.45 -1.89
CA PRO A 78 16.41 -4.02 -1.73
C PRO A 78 16.41 -5.28 -0.88
N ASP A 79 15.34 -5.44 -0.13
CA ASP A 79 15.10 -6.55 0.76
C ASP A 79 14.45 -7.71 -0.02
N ARG A 80 14.21 -7.47 -1.32
CA ARG A 80 13.49 -8.41 -2.17
C ARG A 80 12.08 -8.53 -1.68
N SER A 81 11.47 -7.40 -1.66
CA SER A 81 10.12 -7.29 -1.31
C SER A 81 9.38 -6.82 -2.54
N VAL A 82 8.29 -7.46 -2.77
CA VAL A 82 7.41 -7.30 -3.90
C VAL A 82 6.37 -6.27 -3.53
N LEU A 83 6.27 -5.24 -4.31
CA LEU A 83 5.23 -4.30 -4.04
C LEU A 83 4.07 -4.51 -4.97
N SER A 84 2.93 -4.74 -4.38
CA SER A 84 1.72 -4.95 -5.11
C SER A 84 0.95 -3.66 -5.04
N GLY A 85 0.69 -3.05 -6.16
CA GLY A 85 0.03 -1.79 -6.12
C GLY A 85 -1.19 -1.80 -6.97
N ASP A 86 -2.24 -1.18 -6.50
CA ASP A 86 -3.45 -1.01 -7.28
C ASP A 86 -4.21 0.12 -6.64
N PHE A 87 -5.30 0.51 -7.20
CA PHE A 87 -6.11 1.57 -6.66
C PHE A 87 -6.79 1.03 -5.41
N THR A 88 -6.88 1.84 -4.37
CA THR A 88 -7.48 1.40 -3.11
C THR A 88 -8.98 1.17 -3.24
N SER A 89 -9.53 1.58 -4.37
CA SER A 89 -10.92 1.41 -4.68
C SER A 89 -11.23 -0.07 -4.85
N ALA A 90 -10.29 -0.74 -5.50
CA ALA A 90 -10.41 -2.16 -5.82
C ALA A 90 -9.85 -3.04 -4.72
N TYR A 91 -9.64 -2.42 -3.61
CA TYR A 91 -9.06 -2.99 -2.44
C TYR A 91 -9.74 -2.43 -1.21
N ALA A 92 -9.17 -2.71 -0.04
CA ALA A 92 -9.63 -2.22 1.25
C ALA A 92 -11.06 -2.63 1.53
N ASP A 93 -11.14 -3.76 2.19
CA ASP A 93 -12.39 -4.47 2.50
C ASP A 93 -12.94 -5.18 1.28
N ASP A 94 -12.93 -4.52 0.14
CA ASP A 94 -13.42 -5.15 -1.08
C ASP A 94 -12.24 -5.72 -1.84
N ASP A 95 -12.42 -6.86 -2.46
CA ASP A 95 -11.33 -7.55 -3.14
C ASP A 95 -11.60 -7.65 -4.63
N GLU A 96 -11.03 -6.72 -5.38
CA GLU A 96 -11.17 -6.64 -6.82
C GLU A 96 -9.80 -6.49 -7.46
N SER A 97 -9.81 -6.39 -8.76
CA SER A 97 -8.66 -6.11 -9.58
C SER A 97 -9.13 -5.04 -10.55
N CYS A 98 -10.20 -5.39 -11.25
CA CYS A 98 -10.88 -4.56 -12.21
C CYS A 98 -11.95 -5.48 -12.76
N GLY A 20 0.31 2.69 21.40
CA GLY A 20 0.89 2.91 20.07
C GLY A 20 -0.10 2.58 18.97
N ARG A 21 0.11 1.47 18.30
CA ARG A 21 -0.77 1.05 17.22
C ARG A 21 -1.89 0.19 17.77
N GLU A 22 -3.12 0.59 17.49
CA GLU A 22 -4.26 -0.19 17.92
C GLU A 22 -4.80 -0.96 16.73
N ASN A 23 -4.87 -0.28 15.59
CA ASN A 23 -5.37 -0.89 14.36
C ASN A 23 -4.68 -0.28 13.17
N LEU A 24 -5.04 0.95 12.91
CA LEU A 24 -4.70 1.66 11.69
C LEU A 24 -5.32 3.02 11.88
N TYR A 25 -5.37 3.80 10.84
CA TYR A 25 -6.15 5.02 10.86
C TYR A 25 -7.60 4.57 10.69
N PHE A 26 -8.15 4.15 11.81
CA PHE A 26 -9.43 3.51 11.86
C PHE A 26 -10.52 4.45 12.38
N GLN A 27 -10.15 5.47 13.13
CA GLN A 27 -11.13 6.41 13.63
C GLN A 27 -11.81 7.18 12.51
N GLY A 28 -13.11 7.27 12.62
CA GLY A 28 -13.90 7.93 11.63
C GLY A 28 -14.50 6.91 10.70
N HIS A 29 -13.77 6.62 9.64
CA HIS A 29 -14.17 5.66 8.63
C HIS A 29 -12.91 5.05 8.03
N MET A 30 -13.09 4.12 7.12
CA MET A 30 -11.99 3.46 6.44
C MET A 30 -11.48 4.43 5.38
N ALA A 31 -10.70 5.39 5.80
CA ALA A 31 -10.23 6.42 4.91
C ALA A 31 -8.82 6.13 4.46
N TRP A 32 -8.72 5.44 3.35
CA TRP A 32 -7.46 5.13 2.75
C TRP A 32 -7.11 6.12 1.63
N LYS A 33 -5.99 5.87 0.99
CA LYS A 33 -5.53 6.71 -0.09
C LYS A 33 -6.03 6.16 -1.40
N ASP A 34 -5.56 6.72 -2.48
CA ASP A 34 -6.09 6.36 -3.79
C ASP A 34 -5.48 5.07 -4.29
N CYS A 35 -4.23 4.89 -3.93
CA CYS A 35 -3.47 3.75 -4.38
C CYS A 35 -2.99 2.94 -3.18
N ILE A 36 -2.96 1.65 -3.34
CA ILE A 36 -2.58 0.78 -2.27
C ILE A 36 -1.37 -0.05 -2.69
N ILE A 37 -0.41 -0.11 -1.80
CA ILE A 37 0.81 -0.82 -2.05
C ILE A 37 0.90 -2.02 -1.14
N GLN A 38 0.83 -3.15 -1.76
CA GLN A 38 0.90 -4.43 -1.13
C GLN A 38 2.35 -4.83 -1.13
N ARG A 39 2.96 -4.89 0.04
CA ARG A 39 4.33 -5.28 0.15
C ARG A 39 4.38 -6.78 0.38
N TYR A 40 4.86 -7.50 -0.59
CA TYR A 40 4.96 -8.92 -0.51
C TYR A 40 6.34 -9.26 -0.05
N LYS A 41 6.39 -10.08 0.96
CA LYS A 41 7.58 -10.44 1.61
C LYS A 41 7.44 -11.92 1.88
N ASP A 42 8.40 -12.70 1.46
CA ASP A 42 8.39 -14.15 1.62
C ASP A 42 7.23 -14.84 0.90
N GLY A 43 6.82 -14.25 -0.20
CA GLY A 43 5.78 -14.84 -1.02
C GLY A 43 4.38 -14.57 -0.52
N ASP A 44 4.23 -13.68 0.42
CA ASP A 44 2.94 -13.31 0.92
C ASP A 44 2.94 -11.85 1.19
N VAL A 45 1.79 -11.27 1.24
CA VAL A 45 1.71 -9.86 1.51
C VAL A 45 1.91 -9.62 3.01
N ASN A 46 3.03 -9.01 3.33
CA ASN A 46 3.40 -8.83 4.71
C ASN A 46 2.90 -7.52 5.23
N ASN A 47 3.15 -6.48 4.47
CA ASN A 47 2.78 -5.17 4.86
C ASN A 47 1.90 -4.56 3.83
N ILE A 48 1.09 -3.65 4.27
CA ILE A 48 0.18 -2.94 3.42
C ILE A 48 0.35 -1.46 3.66
N TYR A 49 0.69 -0.78 2.60
CA TYR A 49 0.92 0.63 2.58
C TYR A 49 -0.09 1.21 1.63
N THR A 50 -0.27 2.48 1.65
CA THR A 50 -1.17 3.12 0.74
C THR A 50 -0.66 4.53 0.51
N ALA A 51 -0.82 4.96 -0.69
CA ALA A 51 -0.31 6.21 -1.17
C ALA A 51 -1.33 6.82 -2.07
N ASN A 52 -1.31 8.11 -2.19
CA ASN A 52 -2.19 8.73 -3.13
C ASN A 52 -1.62 8.62 -4.52
N ARG A 53 -2.46 8.78 -5.52
CA ARG A 53 -2.03 8.83 -6.89
C ARG A 53 -1.00 9.96 -7.09
N ASN A 54 0.21 9.56 -7.51
CA ASN A 54 1.41 10.41 -7.64
C ASN A 54 1.88 10.85 -6.27
N GLU A 55 2.39 9.91 -5.52
CA GLU A 55 2.86 10.15 -4.20
C GLU A 55 4.03 9.25 -3.90
N GLU A 56 5.04 9.81 -3.31
CA GLU A 56 6.21 9.08 -2.94
C GLU A 56 6.20 8.83 -1.44
N ILE A 57 6.22 7.57 -1.08
CA ILE A 57 6.24 7.13 0.28
C ILE A 57 7.66 6.69 0.60
N THR A 58 7.87 6.20 1.79
CA THR A 58 9.16 5.70 2.16
C THR A 58 8.94 4.41 2.93
N ILE A 59 9.77 3.43 2.69
CA ILE A 59 9.71 2.14 3.35
C ILE A 59 11.13 1.79 3.75
N GLU A 60 11.42 1.74 5.05
CA GLU A 60 12.76 1.42 5.57
C GLU A 60 13.82 2.32 4.97
N GLU A 61 13.45 3.57 4.81
CA GLU A 61 14.27 4.64 4.27
C GLU A 61 14.56 4.48 2.78
N TYR A 62 13.76 3.66 2.11
CA TYR A 62 13.80 3.54 0.68
C TYR A 62 12.59 4.30 0.19
N LYS A 63 12.78 5.34 -0.58
CA LYS A 63 11.66 6.08 -1.05
C LYS A 63 11.04 5.35 -2.22
N VAL A 64 9.75 5.45 -2.32
CA VAL A 64 8.97 4.72 -3.30
C VAL A 64 7.91 5.63 -3.90
N PHE A 65 8.00 5.90 -5.19
CA PHE A 65 7.05 6.74 -5.86
C PHE A 65 5.96 5.91 -6.49
N VAL A 66 4.74 6.26 -6.17
CA VAL A 66 3.58 5.64 -6.73
C VAL A 66 3.00 6.59 -7.74
N ASN A 67 2.89 6.13 -8.96
CA ASN A 67 2.35 6.92 -10.04
C ASN A 67 0.81 6.96 -9.94
N GLU A 68 0.17 7.72 -10.80
CA GLU A 68 -1.28 8.01 -10.72
C GLU A 68 -2.16 6.77 -10.93
N ALA A 69 -1.61 5.76 -11.58
CA ALA A 69 -2.36 4.57 -11.88
C ALA A 69 -2.13 3.53 -10.82
N CYS A 70 -1.53 3.94 -9.72
CA CYS A 70 -1.28 3.09 -8.58
C CYS A 70 -0.28 2.00 -8.92
N HIS A 71 0.99 2.35 -8.89
CA HIS A 71 2.06 1.40 -9.06
C HIS A 71 3.31 2.06 -8.51
N PRO A 72 4.02 1.38 -7.61
CA PRO A 72 5.22 1.91 -6.97
C PRO A 72 6.53 1.58 -7.68
N TYR A 73 7.46 2.48 -7.52
CA TYR A 73 8.84 2.28 -7.91
C TYR A 73 9.76 2.68 -6.81
N PRO A 74 10.77 1.86 -6.54
CA PRO A 74 10.97 0.59 -7.24
C PRO A 74 10.01 -0.51 -6.77
N VAL A 75 9.93 -1.57 -7.53
CA VAL A 75 9.02 -2.65 -7.25
C VAL A 75 9.70 -3.64 -6.32
N ILE A 76 10.92 -4.02 -6.64
CA ILE A 76 11.71 -4.78 -5.71
C ILE A 76 12.54 -3.84 -4.89
N LEU A 77 12.33 -3.94 -3.61
CA LEU A 77 13.09 -3.15 -2.67
C LEU A 77 14.39 -3.89 -2.37
N PRO A 78 15.41 -3.23 -1.77
CA PRO A 78 16.72 -3.86 -1.51
C PRO A 78 16.63 -4.91 -0.42
N ASP A 79 15.48 -4.90 0.23
CA ASP A 79 15.10 -5.82 1.28
C ASP A 79 14.52 -7.10 0.65
N ARG A 80 14.28 -7.02 -0.66
CA ARG A 80 13.63 -8.05 -1.44
C ARG A 80 12.18 -8.24 -1.03
N SER A 81 11.51 -7.15 -1.16
CA SER A 81 10.11 -7.07 -0.99
C SER A 81 9.54 -6.71 -2.34
N VAL A 82 8.45 -7.36 -2.65
CA VAL A 82 7.70 -7.20 -3.86
C VAL A 82 6.64 -6.15 -3.62
N LEU A 83 6.71 -5.05 -4.31
CA LEU A 83 5.71 -4.03 -4.15
C LEU A 83 4.71 -4.07 -5.25
N SER A 84 3.49 -4.22 -4.86
CA SER A 84 2.42 -4.24 -5.82
C SER A 84 1.45 -3.10 -5.57
N GLY A 85 1.32 -2.24 -6.54
CA GLY A 85 0.43 -1.12 -6.41
C GLY A 85 -0.83 -1.38 -7.16
N ASP A 86 -1.93 -1.15 -6.50
CA ASP A 86 -3.24 -1.29 -7.08
C ASP A 86 -4.03 -0.13 -6.55
N PHE A 87 -5.18 0.12 -7.08
CA PHE A 87 -6.01 1.18 -6.52
C PHE A 87 -6.63 0.66 -5.23
N THR A 88 -6.69 1.49 -4.22
CA THR A 88 -7.20 1.08 -2.91
C THR A 88 -8.69 0.79 -2.97
N SER A 89 -9.30 1.35 -3.99
CA SER A 89 -10.73 1.27 -4.24
C SER A 89 -11.13 -0.21 -4.36
N ALA A 90 -10.29 -0.99 -5.00
CA ALA A 90 -10.54 -2.40 -5.21
C ALA A 90 -9.89 -3.27 -4.15
N TYR A 91 -9.59 -2.68 -3.03
CA TYR A 91 -8.92 -3.37 -1.96
C TYR A 91 -9.51 -3.11 -0.60
N ALA A 92 -9.39 -1.87 -0.16
CA ALA A 92 -9.84 -1.52 1.15
C ALA A 92 -11.31 -1.25 1.13
N ASP A 93 -11.82 -1.02 -0.08
CA ASP A 93 -13.19 -0.67 -0.32
C ASP A 93 -13.49 0.55 0.52
N ASP A 94 -12.47 1.43 0.58
CA ASP A 94 -12.44 2.66 1.35
C ASP A 94 -13.76 3.38 1.39
N ASP A 95 -14.16 3.73 2.58
CA ASP A 95 -15.45 4.33 2.82
C ASP A 95 -15.35 5.82 2.53
N GLU A 96 -15.24 6.10 1.26
CA GLU A 96 -15.16 7.43 0.75
C GLU A 96 -16.52 7.70 0.10
N SER A 97 -16.86 6.87 -0.87
CA SER A 97 -18.16 6.88 -1.52
C SER A 97 -18.63 5.43 -1.68
N CYS A 98 -17.90 4.54 -1.04
CA CYS A 98 -18.15 3.12 -1.05
C CYS A 98 -18.75 2.75 0.30
N GLY A 20 -3.99 -14.60 7.53
CA GLY A 20 -3.33 -14.77 8.83
C GLY A 20 -4.29 -14.43 9.94
N ARG A 21 -3.84 -14.48 11.18
CA ARG A 21 -4.67 -14.03 12.29
C ARG A 21 -4.52 -12.54 12.40
N GLU A 22 -5.43 -11.87 11.75
CA GLU A 22 -5.40 -10.45 11.54
C GLU A 22 -6.75 -9.82 11.84
N ASN A 23 -6.75 -8.53 11.94
CA ASN A 23 -7.93 -7.71 12.16
C ASN A 23 -7.76 -6.51 11.28
N LEU A 24 -8.70 -5.62 11.27
CA LEU A 24 -8.56 -4.40 10.51
C LEU A 24 -8.36 -3.27 11.49
N TYR A 25 -8.18 -2.06 11.00
CA TYR A 25 -8.04 -0.93 11.88
C TYR A 25 -9.45 -0.47 12.25
N PHE A 26 -10.05 -1.23 13.17
CA PHE A 26 -11.41 -1.03 13.66
C PHE A 26 -12.36 -1.21 12.47
N GLN A 27 -13.41 -0.41 12.37
CA GLN A 27 -14.25 -0.50 11.19
C GLN A 27 -13.43 0.21 10.13
N GLY A 28 -13.05 -0.53 9.11
CA GLY A 28 -12.23 -0.01 8.05
C GLY A 28 -12.97 0.95 7.14
N HIS A 29 -13.33 2.10 7.66
CA HIS A 29 -13.94 3.15 6.88
C HIS A 29 -12.92 3.59 5.86
N MET A 30 -13.34 3.69 4.62
CA MET A 30 -12.42 3.99 3.54
C MET A 30 -11.99 5.44 3.49
N ALA A 31 -10.99 5.68 4.29
CA ALA A 31 -10.25 6.89 4.33
C ALA A 31 -8.82 6.46 4.22
N TRP A 32 -8.53 5.98 3.03
CA TRP A 32 -7.21 5.52 2.66
C TRP A 32 -6.71 6.43 1.58
N LYS A 33 -5.65 6.05 0.91
CA LYS A 33 -5.18 6.84 -0.18
C LYS A 33 -5.75 6.24 -1.45
N ASP A 34 -5.34 6.77 -2.57
CA ASP A 34 -5.86 6.34 -3.86
C ASP A 34 -5.30 5.01 -4.30
N CYS A 35 -4.08 4.78 -3.94
CA CYS A 35 -3.38 3.60 -4.36
C CYS A 35 -2.93 2.81 -3.16
N ILE A 36 -3.05 1.53 -3.27
CA ILE A 36 -2.72 0.65 -2.18
C ILE A 36 -1.52 -0.17 -2.57
N ILE A 37 -0.57 -0.22 -1.69
CA ILE A 37 0.69 -0.85 -2.00
C ILE A 37 0.89 -2.00 -1.04
N GLN A 38 0.86 -3.17 -1.57
CA GLN A 38 1.03 -4.38 -0.84
C GLN A 38 2.49 -4.79 -0.92
N ARG A 39 3.11 -4.98 0.22
CA ARG A 39 4.48 -5.37 0.26
C ARG A 39 4.54 -6.89 0.38
N TYR A 40 5.02 -7.54 -0.64
CA TYR A 40 5.12 -8.97 -0.68
C TYR A 40 6.50 -9.33 -0.27
N LYS A 41 6.58 -9.92 0.87
CA LYS A 41 7.80 -10.21 1.47
C LYS A 41 7.68 -11.61 2.01
N ASP A 42 8.61 -12.45 1.59
CA ASP A 42 8.63 -13.89 1.86
C ASP A 42 7.44 -14.61 1.22
N GLY A 43 7.06 -14.08 0.07
CA GLY A 43 6.07 -14.68 -0.78
C GLY A 43 4.68 -14.12 -0.63
N ASP A 44 4.40 -13.54 0.49
CA ASP A 44 3.08 -13.06 0.79
C ASP A 44 3.15 -11.64 1.18
N VAL A 45 2.02 -11.01 1.12
CA VAL A 45 1.93 -9.62 1.49
C VAL A 45 2.10 -9.48 3.02
N ASN A 46 3.22 -8.91 3.40
CA ASN A 46 3.57 -8.74 4.79
C ASN A 46 2.93 -7.49 5.33
N ASN A 47 3.14 -6.41 4.60
CA ASN A 47 2.69 -5.12 4.98
C ASN A 47 1.74 -4.59 3.95
N ILE A 48 0.83 -3.79 4.41
CA ILE A 48 -0.15 -3.12 3.61
C ILE A 48 0.11 -1.63 3.77
N TYR A 49 0.46 -1.00 2.68
CA TYR A 49 0.74 0.42 2.64
C TYR A 49 -0.26 1.02 1.66
N THR A 50 -0.34 2.32 1.62
CA THR A 50 -1.19 3.00 0.69
C THR A 50 -0.62 4.38 0.46
N ALA A 51 -0.79 4.87 -0.74
CA ALA A 51 -0.23 6.15 -1.17
C ALA A 51 -1.17 6.78 -2.16
N ASN A 52 -1.14 8.08 -2.28
CA ASN A 52 -1.98 8.74 -3.27
C ASN A 52 -1.38 8.54 -4.64
N ARG A 53 -2.21 8.65 -5.66
CA ARG A 53 -1.71 8.66 -6.99
C ARG A 53 -0.78 9.83 -7.17
N ASN A 54 0.47 9.47 -7.43
CA ASN A 54 1.60 10.36 -7.62
C ASN A 54 2.02 10.88 -6.25
N GLU A 55 2.53 9.95 -5.46
CA GLU A 55 2.98 10.21 -4.11
C GLU A 55 4.07 9.23 -3.70
N GLU A 56 5.17 9.76 -3.20
CA GLU A 56 6.22 8.93 -2.65
C GLU A 56 5.94 8.63 -1.19
N ILE A 57 6.13 7.40 -0.83
CA ILE A 57 6.09 6.92 0.52
C ILE A 57 7.50 6.49 0.87
N THR A 58 7.70 6.02 2.06
CA THR A 58 8.97 5.53 2.46
C THR A 58 8.74 4.22 3.19
N ILE A 59 9.49 3.22 2.82
CA ILE A 59 9.41 1.93 3.45
C ILE A 59 10.82 1.60 3.90
N GLU A 60 11.10 1.65 5.19
CA GLU A 60 12.42 1.30 5.72
C GLU A 60 13.54 2.10 5.07
N GLU A 61 13.23 3.38 4.89
CA GLU A 61 14.08 4.41 4.30
C GLU A 61 14.24 4.23 2.80
N TYR A 62 13.51 3.29 2.24
CA TYR A 62 13.51 3.07 0.82
C TYR A 62 12.33 3.89 0.32
N LYS A 63 12.60 4.93 -0.41
CA LYS A 63 11.59 5.82 -0.87
C LYS A 63 10.95 5.25 -2.12
N VAL A 64 9.65 5.22 -2.11
CA VAL A 64 8.88 4.57 -3.16
C VAL A 64 7.86 5.55 -3.73
N PHE A 65 7.94 5.82 -5.01
CA PHE A 65 7.03 6.70 -5.68
C PHE A 65 5.91 5.90 -6.29
N VAL A 66 4.70 6.21 -5.92
CA VAL A 66 3.57 5.56 -6.52
C VAL A 66 3.03 6.46 -7.59
N ASN A 67 2.93 5.90 -8.78
CA ASN A 67 2.43 6.57 -9.96
C ASN A 67 0.90 6.59 -9.87
N GLU A 68 0.24 7.25 -10.79
CA GLU A 68 -1.22 7.41 -10.68
C GLU A 68 -1.99 6.14 -10.98
N ALA A 69 -1.32 5.21 -11.62
CA ALA A 69 -1.92 3.93 -11.91
C ALA A 69 -1.81 3.01 -10.71
N CYS A 70 -1.32 3.57 -9.62
CA CYS A 70 -1.23 2.90 -8.34
C CYS A 70 -0.17 1.84 -8.31
N HIS A 71 0.83 2.08 -9.09
CA HIS A 71 1.93 1.16 -9.16
C HIS A 71 3.17 1.86 -8.61
N PRO A 72 3.81 1.26 -7.61
CA PRO A 72 4.98 1.82 -6.93
C PRO A 72 6.31 1.56 -7.63
N TYR A 73 7.20 2.52 -7.52
CA TYR A 73 8.56 2.40 -7.97
C TYR A 73 9.51 2.86 -6.92
N PRO A 74 10.52 2.06 -6.64
CA PRO A 74 10.70 0.76 -7.31
C PRO A 74 9.76 -0.31 -6.79
N VAL A 75 9.62 -1.35 -7.57
CA VAL A 75 8.75 -2.44 -7.26
C VAL A 75 9.48 -3.39 -6.34
N ILE A 76 10.71 -3.73 -6.70
CA ILE A 76 11.52 -4.49 -5.81
C ILE A 76 12.42 -3.56 -5.04
N LEU A 77 12.29 -3.65 -3.75
CA LEU A 77 13.07 -2.85 -2.86
C LEU A 77 14.46 -3.46 -2.72
N PRO A 78 15.44 -2.76 -2.10
CA PRO A 78 16.81 -3.28 -1.92
C PRO A 78 16.83 -4.32 -0.80
N ASP A 79 15.63 -4.60 -0.35
CA ASP A 79 15.32 -5.58 0.63
C ASP A 79 14.78 -6.87 -0.03
N ARG A 80 14.49 -6.82 -1.36
CA ARG A 80 13.96 -7.96 -2.16
C ARG A 80 12.47 -8.19 -1.83
N SER A 81 11.85 -7.18 -1.26
CA SER A 81 10.43 -7.18 -1.08
C SER A 81 9.80 -6.73 -2.39
N VAL A 82 8.73 -7.37 -2.71
CA VAL A 82 7.93 -7.17 -3.88
C VAL A 82 6.86 -6.15 -3.56
N LEU A 83 6.79 -5.11 -4.30
CA LEU A 83 5.70 -4.18 -4.11
C LEU A 83 4.68 -4.34 -5.16
N SER A 84 3.48 -4.61 -4.73
CA SER A 84 2.39 -4.74 -5.67
C SER A 84 1.40 -3.66 -5.35
N GLY A 85 1.18 -2.80 -6.31
CA GLY A 85 0.30 -1.73 -6.06
C GLY A 85 -0.92 -1.84 -6.89
N ASP A 86 -2.01 -1.39 -6.36
CA ASP A 86 -3.25 -1.40 -7.09
C ASP A 86 -4.02 -0.23 -6.55
N PHE A 87 -5.14 0.04 -7.09
CA PHE A 87 -5.95 1.14 -6.63
C PHE A 87 -6.65 0.72 -5.34
N THR A 88 -6.68 1.57 -4.34
CA THR A 88 -7.29 1.22 -3.06
C THR A 88 -8.80 1.11 -3.21
N SER A 89 -9.29 1.71 -4.29
CA SER A 89 -10.68 1.80 -4.64
C SER A 89 -11.33 0.42 -4.73
N ALA A 90 -10.55 -0.55 -5.18
CA ALA A 90 -11.03 -1.90 -5.35
C ALA A 90 -10.53 -2.84 -4.27
N TYR A 91 -9.98 -2.26 -3.23
CA TYR A 91 -9.39 -3.01 -2.16
C TYR A 91 -9.98 -2.71 -0.79
N ALA A 92 -9.57 -1.61 -0.20
CA ALA A 92 -10.01 -1.23 1.13
C ALA A 92 -11.16 -0.26 1.04
N ASP A 93 -11.34 0.27 -0.15
CA ASP A 93 -12.44 1.15 -0.46
C ASP A 93 -13.56 0.27 -1.00
N ASP A 94 -13.30 -1.03 -0.94
CA ASP A 94 -14.22 -2.04 -1.40
C ASP A 94 -14.53 -2.97 -0.24
N ASP A 95 -15.55 -3.78 -0.37
CA ASP A 95 -16.03 -4.61 0.72
C ASP A 95 -15.53 -6.04 0.65
N GLU A 96 -14.64 -6.40 1.55
CA GLU A 96 -14.30 -7.76 1.77
C GLU A 96 -14.36 -8.05 3.26
N SER A 97 -15.40 -8.74 3.69
CA SER A 97 -15.65 -9.11 5.07
C SER A 97 -16.07 -7.89 5.93
N CYS A 98 -15.16 -6.93 6.07
CA CYS A 98 -15.36 -5.71 6.85
C CYS A 98 -15.55 -5.97 8.34
N GLY A 20 3.06 -4.15 10.21
CA GLY A 20 2.22 -4.99 9.35
C GLY A 20 1.16 -4.16 8.70
N ARG A 21 0.03 -4.06 9.38
CA ARG A 21 -1.10 -3.27 8.92
C ARG A 21 -1.79 -2.71 10.15
N GLU A 22 -1.89 -3.58 11.16
CA GLU A 22 -2.41 -3.27 12.49
C GLU A 22 -3.88 -2.86 12.44
N ASN A 23 -4.11 -1.56 12.32
CA ASN A 23 -5.41 -0.90 12.25
C ASN A 23 -5.16 0.58 12.28
N LEU A 24 -4.54 1.01 13.37
CA LEU A 24 -4.28 2.43 13.68
C LEU A 24 -5.62 3.07 14.05
N TYR A 25 -5.65 4.33 14.43
CA TYR A 25 -6.93 4.84 14.81
C TYR A 25 -7.62 5.49 13.65
N PHE A 26 -8.21 4.66 12.85
CA PHE A 26 -9.09 5.05 11.79
C PHE A 26 -10.32 4.21 12.01
N GLN A 27 -11.19 4.73 12.80
CA GLN A 27 -12.38 4.04 13.20
C GLN A 27 -13.56 4.87 12.74
N GLY A 28 -14.41 4.27 11.94
CA GLY A 28 -15.51 4.95 11.32
C GLY A 28 -15.21 5.04 9.85
N HIS A 29 -14.07 5.61 9.57
CA HIS A 29 -13.53 5.71 8.24
C HIS A 29 -12.08 5.32 8.24
N MET A 30 -11.79 4.12 7.76
CA MET A 30 -10.43 3.72 7.53
C MET A 30 -10.00 4.48 6.29
N ALA A 31 -9.38 5.61 6.52
CA ALA A 31 -9.04 6.52 5.45
C ALA A 31 -7.87 6.03 4.64
N TRP A 32 -8.17 5.37 3.55
CA TRP A 32 -7.16 4.93 2.64
C TRP A 32 -6.86 6.01 1.63
N LYS A 33 -5.70 5.89 1.03
CA LYS A 33 -5.27 6.81 0.01
C LYS A 33 -5.78 6.34 -1.33
N ASP A 34 -5.33 6.95 -2.37
CA ASP A 34 -5.84 6.67 -3.71
C ASP A 34 -5.33 5.37 -4.26
N CYS A 35 -4.16 5.02 -3.83
CA CYS A 35 -3.49 3.84 -4.28
C CYS A 35 -3.09 3.02 -3.08
N ILE A 36 -3.10 1.74 -3.23
CA ILE A 36 -2.80 0.86 -2.14
C ILE A 36 -1.57 0.07 -2.50
N ILE A 37 -0.65 -0.02 -1.58
CA ILE A 37 0.62 -0.63 -1.88
C ILE A 37 0.85 -1.76 -0.88
N GLN A 38 0.84 -2.96 -1.37
CA GLN A 38 1.07 -4.10 -0.54
C GLN A 38 2.52 -4.52 -0.63
N ARG A 39 3.18 -4.62 0.50
CA ARG A 39 4.55 -5.01 0.55
C ARG A 39 4.62 -6.52 0.74
N TYR A 40 5.06 -7.23 -0.25
CA TYR A 40 5.15 -8.68 -0.23
C TYR A 40 6.53 -9.10 0.16
N LYS A 41 6.59 -10.16 0.92
CA LYS A 41 7.83 -10.67 1.38
C LYS A 41 7.67 -12.18 1.51
N ASP A 42 8.49 -12.89 0.79
CA ASP A 42 8.52 -14.35 0.74
C ASP A 42 7.24 -15.02 0.30
N GLY A 43 6.56 -14.38 -0.63
CA GLY A 43 5.35 -14.93 -1.20
C GLY A 43 4.07 -14.40 -0.62
N ASP A 44 4.10 -13.86 0.58
CA ASP A 44 2.90 -13.35 1.17
C ASP A 44 3.08 -11.90 1.42
N VAL A 45 2.00 -11.24 1.66
CA VAL A 45 2.05 -9.85 1.92
C VAL A 45 2.44 -9.59 3.37
N ASN A 46 3.57 -8.95 3.52
CA ASN A 46 4.18 -8.70 4.80
C ASN A 46 3.61 -7.45 5.43
N ASN A 47 3.72 -6.35 4.74
CA ASN A 47 3.25 -5.09 5.23
C ASN A 47 2.25 -4.49 4.29
N ILE A 48 1.43 -3.62 4.84
CA ILE A 48 0.43 -2.89 4.10
C ILE A 48 0.76 -1.43 4.15
N TYR A 49 0.63 -0.79 3.02
CA TYR A 49 0.87 0.63 2.86
C TYR A 49 -0.15 1.16 1.87
N THR A 50 -0.31 2.45 1.82
CA THR A 50 -1.19 3.08 0.90
C THR A 50 -0.66 4.48 0.63
N ALA A 51 -0.79 4.91 -0.60
CA ALA A 51 -0.21 6.16 -1.06
C ALA A 51 -1.16 6.87 -1.98
N ASN A 52 -1.01 8.16 -2.08
CA ASN A 52 -1.80 8.96 -2.98
C ASN A 52 -1.32 8.73 -4.42
N ARG A 53 -2.19 8.94 -5.41
CA ARG A 53 -1.76 8.90 -6.77
C ARG A 53 -0.82 10.04 -7.09
N ASN A 54 0.40 9.65 -7.42
CA ASN A 54 1.54 10.51 -7.67
C ASN A 54 2.08 11.00 -6.35
N GLU A 55 2.62 10.06 -5.63
CA GLU A 55 3.14 10.31 -4.34
C GLU A 55 4.33 9.44 -4.06
N GLU A 56 5.37 10.05 -3.60
CA GLU A 56 6.55 9.36 -3.23
C GLU A 56 6.51 9.14 -1.73
N ILE A 57 6.31 7.90 -1.36
CA ILE A 57 6.30 7.48 0.00
C ILE A 57 7.70 7.04 0.34
N THR A 58 7.84 6.62 1.55
CA THR A 58 9.03 6.02 1.99
C THR A 58 8.58 4.84 2.83
N ILE A 59 9.15 3.72 2.53
CA ILE A 59 8.89 2.48 3.20
C ILE A 59 10.18 2.04 3.79
N GLU A 60 10.30 2.08 5.10
CA GLU A 60 11.46 1.52 5.78
C GLU A 60 12.77 2.15 5.30
N GLU A 61 12.67 3.47 5.08
CA GLU A 61 13.73 4.35 4.62
C GLU A 61 14.06 4.17 3.14
N TYR A 62 13.27 3.38 2.45
CA TYR A 62 13.41 3.16 1.02
C TYR A 62 12.33 4.00 0.36
N LYS A 63 12.68 4.94 -0.48
CA LYS A 63 11.64 5.74 -1.07
C LYS A 63 11.00 5.02 -2.23
N VAL A 64 9.78 5.36 -2.47
CA VAL A 64 8.95 4.73 -3.48
C VAL A 64 8.01 5.75 -4.10
N PHE A 65 8.04 5.89 -5.40
CA PHE A 65 7.15 6.77 -6.09
C PHE A 65 5.99 5.97 -6.63
N VAL A 66 4.82 6.29 -6.18
CA VAL A 66 3.63 5.67 -6.67
C VAL A 66 3.03 6.59 -7.71
N ASN A 67 2.94 6.09 -8.91
CA ASN A 67 2.39 6.82 -10.01
C ASN A 67 0.87 6.71 -9.94
N GLU A 68 0.15 7.46 -10.74
CA GLU A 68 -1.31 7.57 -10.66
C GLU A 68 -2.03 6.27 -10.97
N ALA A 69 -1.31 5.34 -11.58
CA ALA A 69 -1.86 4.03 -11.88
C ALA A 69 -1.81 3.16 -10.64
N CYS A 70 -1.32 3.75 -9.55
CA CYS A 70 -1.25 3.13 -8.24
C CYS A 70 -0.21 2.06 -8.16
N HIS A 71 0.76 2.24 -9.00
CA HIS A 71 1.82 1.30 -9.11
C HIS A 71 3.11 1.95 -8.62
N PRO A 72 3.73 1.35 -7.60
CA PRO A 72 4.93 1.88 -6.95
C PRO A 72 6.25 1.50 -7.61
N TYR A 73 7.19 2.43 -7.57
CA TYR A 73 8.54 2.19 -8.01
C TYR A 73 9.53 2.65 -6.97
N PRO A 74 10.53 1.82 -6.69
CA PRO A 74 10.69 0.53 -7.37
C PRO A 74 9.75 -0.54 -6.80
N VAL A 75 9.44 -1.50 -7.64
CA VAL A 75 8.56 -2.59 -7.29
C VAL A 75 9.31 -3.56 -6.39
N ILE A 76 10.59 -3.72 -6.64
CA ILE A 76 11.38 -4.51 -5.77
C ILE A 76 12.20 -3.62 -4.90
N LEU A 77 12.05 -3.84 -3.63
CA LEU A 77 12.81 -3.11 -2.63
C LEU A 77 14.16 -3.77 -2.44
N PRO A 78 15.14 -3.11 -1.78
CA PRO A 78 16.52 -3.65 -1.63
C PRO A 78 16.58 -4.84 -0.68
N ASP A 79 15.45 -5.05 -0.04
CA ASP A 79 15.23 -6.14 0.89
C ASP A 79 14.72 -7.36 0.12
N ARG A 80 14.42 -7.15 -1.17
CA ARG A 80 13.80 -8.12 -2.06
C ARG A 80 12.37 -8.35 -1.59
N SER A 81 11.67 -7.26 -1.57
CA SER A 81 10.29 -7.24 -1.24
C SER A 81 9.54 -6.85 -2.50
N VAL A 82 8.42 -7.48 -2.68
CA VAL A 82 7.56 -7.31 -3.83
C VAL A 82 6.53 -6.24 -3.51
N LEU A 83 6.56 -5.15 -4.20
CA LEU A 83 5.54 -4.17 -3.99
C LEU A 83 4.46 -4.34 -5.01
N SER A 84 3.29 -4.52 -4.54
CA SER A 84 2.17 -4.64 -5.43
C SER A 84 1.24 -3.51 -5.15
N GLY A 85 1.05 -2.70 -6.12
CA GLY A 85 0.23 -1.56 -5.93
C GLY A 85 -0.91 -1.57 -6.89
N ASP A 86 -2.04 -1.23 -6.38
CA ASP A 86 -3.24 -1.14 -7.17
C ASP A 86 -4.04 -0.02 -6.61
N PHE A 87 -5.10 0.32 -7.25
CA PHE A 87 -5.97 1.37 -6.76
C PHE A 87 -6.73 0.85 -5.54
N THR A 88 -6.86 1.66 -4.52
CA THR A 88 -7.50 1.25 -3.28
C THR A 88 -9.01 1.02 -3.47
N SER A 89 -9.55 1.58 -4.54
CA SER A 89 -10.96 1.47 -4.87
C SER A 89 -11.36 0.02 -5.13
N ALA A 90 -10.39 -0.78 -5.53
CA ALA A 90 -10.62 -2.18 -5.79
C ALA A 90 -9.95 -3.06 -4.74
N TYR A 91 -9.66 -2.45 -3.61
CA TYR A 91 -8.93 -3.09 -2.54
C TYR A 91 -9.41 -2.66 -1.16
N ALA A 92 -8.63 -3.07 -0.15
CA ALA A 92 -8.81 -2.76 1.25
C ALA A 92 -9.91 -3.56 1.90
N ASP A 93 -9.50 -4.46 2.76
CA ASP A 93 -10.40 -5.33 3.49
C ASP A 93 -11.18 -4.54 4.52
N ASP A 94 -10.53 -3.58 5.15
CA ASP A 94 -11.24 -2.68 6.02
C ASP A 94 -11.44 -1.42 5.21
N ASP A 95 -12.52 -1.41 4.48
CA ASP A 95 -12.84 -0.32 3.57
C ASP A 95 -13.71 0.67 4.31
N GLU A 96 -13.55 1.95 4.03
CA GLU A 96 -14.34 2.97 4.70
C GLU A 96 -15.73 3.06 4.08
N SER A 97 -16.62 3.83 4.69
CA SER A 97 -17.98 4.00 4.22
C SER A 97 -17.98 4.35 2.73
N CYS A 98 -17.32 5.45 2.40
CA CYS A 98 -17.06 5.96 1.07
C CYS A 98 -16.74 7.42 1.32
N GLY A 20 -4.69 -9.54 19.09
CA GLY A 20 -5.63 -10.54 19.63
C GLY A 20 -6.27 -11.31 18.49
N ARG A 21 -7.26 -10.70 17.89
CA ARG A 21 -7.97 -11.23 16.75
C ARG A 21 -8.15 -10.05 15.80
N GLU A 22 -8.20 -10.28 14.51
CA GLU A 22 -8.33 -9.19 13.56
C GLU A 22 -9.79 -8.97 13.18
N ASN A 23 -10.02 -8.08 12.22
CA ASN A 23 -11.35 -7.70 11.71
C ASN A 23 -12.00 -6.73 12.68
N LEU A 24 -12.47 -7.26 13.80
CA LEU A 24 -13.06 -6.50 14.90
C LEU A 24 -14.32 -5.72 14.53
N TYR A 25 -14.89 -5.06 15.51
CA TYR A 25 -16.08 -4.29 15.33
C TYR A 25 -15.71 -2.92 14.79
N PHE A 26 -15.54 -2.85 13.51
CA PHE A 26 -15.26 -1.57 12.89
C PHE A 26 -16.53 -0.89 12.39
N GLN A 27 -17.03 0.03 13.19
CA GLN A 27 -18.18 0.81 12.78
C GLN A 27 -17.64 2.08 12.17
N GLY A 28 -17.53 2.08 10.87
CA GLY A 28 -16.95 3.18 10.17
C GLY A 28 -15.94 2.65 9.21
N HIS A 29 -15.11 3.50 8.64
CA HIS A 29 -14.14 3.06 7.66
C HIS A 29 -12.82 3.79 7.87
N MET A 30 -11.73 3.07 7.66
CA MET A 30 -10.38 3.64 7.73
C MET A 30 -10.20 4.55 6.53
N ALA A 31 -9.39 5.57 6.66
CA ALA A 31 -9.14 6.45 5.54
C ALA A 31 -8.00 5.92 4.70
N TRP A 32 -8.32 5.30 3.59
CA TRP A 32 -7.32 4.82 2.69
C TRP A 32 -7.14 5.82 1.56
N LYS A 33 -5.97 5.80 0.97
CA LYS A 33 -5.59 6.72 -0.08
C LYS A 33 -5.98 6.20 -1.44
N ASP A 34 -5.51 6.86 -2.47
CA ASP A 34 -5.92 6.56 -3.85
C ASP A 34 -5.40 5.23 -4.33
N CYS A 35 -4.23 4.90 -3.88
CA CYS A 35 -3.52 3.71 -4.30
C CYS A 35 -3.13 2.93 -3.09
N ILE A 36 -3.11 1.66 -3.21
CA ILE A 36 -2.80 0.82 -2.10
C ILE A 36 -1.53 0.07 -2.41
N ILE A 37 -0.62 0.06 -1.48
CA ILE A 37 0.67 -0.52 -1.72
C ILE A 37 0.93 -1.57 -0.65
N GLN A 38 0.96 -2.78 -1.04
CA GLN A 38 1.15 -3.87 -0.13
C GLN A 38 2.58 -4.36 -0.21
N ARG A 39 3.20 -4.53 0.92
CA ARG A 39 4.57 -4.96 0.96
C ARG A 39 4.54 -6.46 1.10
N TYR A 40 4.93 -7.14 0.05
CA TYR A 40 4.99 -8.57 0.04
C TYR A 40 6.38 -8.97 0.37
N LYS A 41 6.57 -9.52 1.51
CA LYS A 41 7.87 -9.86 1.90
C LYS A 41 8.09 -11.26 1.41
N ASP A 42 8.96 -11.34 0.43
CA ASP A 42 9.32 -12.58 -0.24
C ASP A 42 8.13 -13.36 -0.78
N GLY A 43 7.20 -12.62 -1.34
CA GLY A 43 6.06 -13.23 -1.97
C GLY A 43 4.80 -13.27 -1.13
N ASP A 44 4.91 -13.14 0.18
CA ASP A 44 3.73 -13.17 1.01
C ASP A 44 3.49 -11.81 1.50
N VAL A 45 2.26 -11.49 1.73
CA VAL A 45 1.97 -10.14 2.11
C VAL A 45 2.27 -9.91 3.59
N ASN A 46 3.24 -9.06 3.82
CA ASN A 46 3.76 -8.79 5.14
C ASN A 46 3.12 -7.54 5.73
N ASN A 47 3.32 -6.42 5.05
CA ASN A 47 2.79 -5.16 5.49
C ASN A 47 1.86 -4.60 4.45
N ILE A 48 1.00 -3.71 4.88
CA ILE A 48 0.03 -3.07 4.02
C ILE A 48 0.20 -1.55 4.18
N TYR A 49 0.47 -0.87 3.08
CA TYR A 49 0.64 0.57 3.05
C TYR A 49 -0.38 1.12 2.03
N THR A 50 -0.54 2.40 1.98
CA THR A 50 -1.41 3.03 1.02
C THR A 50 -0.87 4.42 0.69
N ALA A 51 -0.97 4.80 -0.55
CA ALA A 51 -0.39 6.02 -1.06
C ALA A 51 -1.36 6.70 -2.01
N ASN A 52 -1.16 7.96 -2.22
CA ASN A 52 -1.93 8.70 -3.19
C ASN A 52 -1.39 8.43 -4.58
N ARG A 53 -2.21 8.66 -5.58
CA ARG A 53 -1.78 8.64 -6.96
C ARG A 53 -0.80 9.76 -7.18
N ASN A 54 0.45 9.37 -7.41
CA ASN A 54 1.58 10.26 -7.58
C ASN A 54 2.02 10.79 -6.24
N GLU A 55 2.53 9.86 -5.48
CA GLU A 55 3.02 10.07 -4.16
C GLU A 55 4.22 9.21 -3.89
N GLU A 56 5.29 9.85 -3.54
CA GLU A 56 6.47 9.17 -3.12
C GLU A 56 6.38 8.95 -1.62
N ILE A 57 6.20 7.72 -1.25
CA ILE A 57 6.14 7.29 0.10
C ILE A 57 7.53 6.87 0.52
N THR A 58 7.66 6.39 1.71
CA THR A 58 8.91 5.90 2.18
C THR A 58 8.63 4.61 2.89
N ILE A 59 9.38 3.62 2.56
CA ILE A 59 9.24 2.28 3.06
C ILE A 59 10.61 1.81 3.47
N GLU A 60 10.85 1.69 4.77
CA GLU A 60 12.11 1.17 5.30
C GLU A 60 13.28 2.03 4.82
N GLU A 61 12.95 3.30 4.72
CA GLU A 61 13.79 4.41 4.29
C GLU A 61 14.07 4.41 2.79
N TYR A 62 13.44 3.51 2.08
CA TYR A 62 13.53 3.49 0.65
C TYR A 62 12.35 4.31 0.19
N LYS A 63 12.59 5.43 -0.42
CA LYS A 63 11.49 6.18 -0.88
C LYS A 63 11.01 5.58 -2.18
N VAL A 64 9.72 5.55 -2.32
CA VAL A 64 9.07 4.84 -3.38
C VAL A 64 8.01 5.72 -4.01
N PHE A 65 8.10 5.93 -5.29
CA PHE A 65 7.18 6.77 -6.00
C PHE A 65 6.03 5.94 -6.53
N VAL A 66 4.85 6.24 -6.08
CA VAL A 66 3.65 5.61 -6.61
C VAL A 66 3.10 6.51 -7.68
N ASN A 67 3.02 5.99 -8.86
CA ASN A 67 2.48 6.68 -9.99
C ASN A 67 0.95 6.66 -9.89
N GLU A 68 0.28 7.49 -10.67
CA GLU A 68 -1.19 7.68 -10.58
C GLU A 68 -1.98 6.44 -10.89
N ALA A 69 -1.37 5.51 -11.57
CA ALA A 69 -2.03 4.27 -11.91
C ALA A 69 -1.89 3.27 -10.78
N CYS A 70 -1.43 3.76 -9.64
CA CYS A 70 -1.27 2.98 -8.43
C CYS A 70 -0.27 1.88 -8.64
N HIS A 71 0.96 2.30 -8.81
CA HIS A 71 2.05 1.38 -9.02
C HIS A 71 3.31 2.07 -8.51
N PRO A 72 3.98 1.45 -7.54
CA PRO A 72 5.17 2.00 -6.91
C PRO A 72 6.47 1.68 -7.63
N TYR A 73 7.45 2.53 -7.44
CA TYR A 73 8.79 2.31 -7.91
C TYR A 73 9.78 2.66 -6.88
N PRO A 74 10.72 1.76 -6.66
CA PRO A 74 10.77 0.47 -7.37
C PRO A 74 9.78 -0.55 -6.79
N VAL A 75 9.58 -1.63 -7.50
CA VAL A 75 8.64 -2.65 -7.11
C VAL A 75 9.32 -3.67 -6.21
N ILE A 76 10.48 -4.15 -6.61
CA ILE A 76 11.25 -4.99 -5.73
C ILE A 76 12.22 -4.16 -4.93
N LEU A 77 12.13 -4.31 -3.65
CA LEU A 77 13.00 -3.63 -2.72
C LEU A 77 14.30 -4.42 -2.58
N PRO A 78 15.36 -3.86 -1.97
CA PRO A 78 16.67 -4.54 -1.88
C PRO A 78 16.57 -5.81 -1.02
N ASP A 79 15.53 -5.82 -0.21
CA ASP A 79 15.20 -6.89 0.72
C ASP A 79 14.42 -8.01 0.01
N ARG A 80 14.13 -7.78 -1.28
CA ARG A 80 13.39 -8.69 -2.18
C ARG A 80 11.90 -8.62 -1.90
N SER A 81 11.52 -7.71 -1.04
CA SER A 81 10.13 -7.48 -0.82
C SER A 81 9.51 -6.87 -2.08
N VAL A 82 8.39 -7.43 -2.39
CA VAL A 82 7.57 -7.20 -3.55
C VAL A 82 6.59 -6.12 -3.19
N LEU A 83 6.53 -5.09 -3.95
CA LEU A 83 5.53 -4.12 -3.71
C LEU A 83 4.38 -4.32 -4.63
N SER A 84 3.25 -4.51 -4.04
CA SER A 84 2.03 -4.69 -4.76
C SER A 84 1.35 -3.34 -4.78
N GLY A 85 1.15 -2.81 -5.94
CA GLY A 85 0.52 -1.54 -6.04
C GLY A 85 -0.68 -1.67 -6.87
N ASP A 86 -1.81 -1.24 -6.35
CA ASP A 86 -3.02 -1.29 -7.13
C ASP A 86 -3.90 -0.22 -6.58
N PHE A 87 -5.00 0.06 -7.22
CA PHE A 87 -5.88 1.11 -6.75
C PHE A 87 -6.60 0.65 -5.50
N THR A 88 -6.78 1.53 -4.56
CA THR A 88 -7.47 1.19 -3.33
C THR A 88 -8.96 1.01 -3.60
N SER A 89 -9.39 1.52 -4.75
CA SER A 89 -10.71 1.44 -5.24
C SER A 89 -11.17 -0.02 -5.43
N ALA A 90 -10.22 -0.93 -5.57
CA ALA A 90 -10.51 -2.34 -5.75
C ALA A 90 -9.98 -3.13 -4.57
N TYR A 91 -9.68 -2.41 -3.53
CA TYR A 91 -9.09 -2.91 -2.33
C TYR A 91 -9.73 -2.28 -1.12
N ALA A 92 -9.09 -2.46 0.04
CA ALA A 92 -9.49 -1.92 1.32
C ALA A 92 -10.89 -2.31 1.67
N ASP A 93 -10.93 -3.44 2.27
CA ASP A 93 -12.15 -4.15 2.60
C ASP A 93 -12.83 -3.61 3.84
N ASP A 94 -12.29 -2.52 4.37
CA ASP A 94 -12.96 -1.75 5.42
C ASP A 94 -14.26 -1.25 4.83
N ASP A 95 -14.15 -0.72 3.63
CA ASP A 95 -15.28 -0.13 2.94
C ASP A 95 -16.02 -1.25 2.26
N GLU A 96 -17.08 -1.70 2.91
CA GLU A 96 -17.86 -2.81 2.44
C GLU A 96 -18.90 -2.29 1.47
N SER A 97 -19.05 -3.00 0.35
CA SER A 97 -19.99 -2.70 -0.74
C SER A 97 -19.44 -1.66 -1.71
N CYS A 98 -18.94 -2.14 -2.83
CA CYS A 98 -18.45 -1.29 -3.89
C CYS A 98 -19.52 -1.35 -4.97
N GLY A 20 -1.47 -10.42 11.35
CA GLY A 20 -1.21 -9.03 11.74
C GLY A 20 -1.74 -8.77 13.10
N ARG A 21 -1.09 -7.88 13.81
CA ARG A 21 -1.49 -7.46 15.14
C ARG A 21 -1.71 -5.96 15.13
N GLU A 22 -1.19 -5.35 14.08
CA GLU A 22 -1.32 -3.95 13.79
C GLU A 22 -2.81 -3.70 13.60
N ASN A 23 -3.42 -4.60 12.82
CA ASN A 23 -4.86 -4.63 12.53
C ASN A 23 -5.29 -3.29 11.98
N LEU A 24 -6.57 -3.00 12.09
CA LEU A 24 -7.06 -1.71 11.74
C LEU A 24 -7.66 -1.16 13.00
N TYR A 25 -7.63 0.12 13.15
CA TYR A 25 -8.26 0.73 14.28
C TYR A 25 -9.66 0.99 13.78
N PHE A 26 -10.51 -0.01 13.89
CA PHE A 26 -11.80 0.12 13.30
C PHE A 26 -12.76 1.08 13.98
N GLN A 27 -12.84 2.17 13.29
CA GLN A 27 -13.73 3.28 13.38
C GLN A 27 -13.69 3.73 11.95
N GLY A 28 -12.43 3.84 11.52
CA GLY A 28 -11.96 4.00 10.16
C GLY A 28 -12.96 4.32 9.08
N HIS A 29 -13.48 3.26 8.47
CA HIS A 29 -14.24 3.34 7.24
C HIS A 29 -13.32 3.88 6.17
N MET A 30 -12.92 2.95 5.34
CA MET A 30 -11.87 3.09 4.39
C MET A 30 -12.06 4.17 3.36
N ALA A 31 -11.35 5.24 3.61
CA ALA A 31 -11.21 6.36 2.75
C ALA A 31 -9.73 6.65 2.81
N TRP A 32 -9.02 5.63 2.37
CA TRP A 32 -7.57 5.58 2.35
C TRP A 32 -7.05 6.47 1.23
N LYS A 33 -5.81 6.24 0.85
CA LYS A 33 -5.25 6.93 -0.26
C LYS A 33 -5.85 6.37 -1.55
N ASP A 34 -5.32 6.82 -2.63
CA ASP A 34 -5.83 6.50 -3.93
C ASP A 34 -5.29 5.16 -4.40
N CYS A 35 -4.06 4.89 -4.01
CA CYS A 35 -3.34 3.72 -4.43
C CYS A 35 -2.90 2.91 -3.23
N ILE A 36 -2.98 1.63 -3.32
CA ILE A 36 -2.66 0.76 -2.23
C ILE A 36 -1.44 -0.04 -2.60
N ILE A 37 -0.51 -0.11 -1.69
CA ILE A 37 0.75 -0.74 -1.97
C ILE A 37 0.96 -1.86 -0.97
N GLN A 38 0.93 -3.05 -1.46
CA GLN A 38 1.09 -4.21 -0.62
C GLN A 38 2.54 -4.62 -0.67
N ARG A 39 3.17 -4.77 0.48
CA ARG A 39 4.55 -5.16 0.50
C ARG A 39 4.61 -6.66 0.69
N TYR A 40 5.07 -7.34 -0.33
CA TYR A 40 5.24 -8.77 -0.29
C TYR A 40 6.65 -9.07 0.09
N LYS A 41 6.83 -10.12 0.80
CA LYS A 41 8.10 -10.52 1.25
C LYS A 41 8.07 -12.04 1.37
N ASP A 42 8.91 -12.65 0.58
CA ASP A 42 9.09 -14.11 0.56
C ASP A 42 7.86 -14.95 0.25
N GLY A 43 6.99 -14.43 -0.60
CA GLY A 43 5.85 -15.18 -1.01
C GLY A 43 4.58 -14.88 -0.25
N ASP A 44 4.67 -13.99 0.71
CA ASP A 44 3.51 -13.57 1.45
C ASP A 44 3.54 -12.10 1.58
N VAL A 45 2.39 -11.53 1.83
CA VAL A 45 2.31 -10.11 2.02
C VAL A 45 2.75 -9.86 3.46
N ASN A 46 3.74 -9.03 3.62
CA ASN A 46 4.30 -8.83 4.93
C ASN A 46 3.76 -7.56 5.57
N ASN A 47 3.75 -6.50 4.80
CA ASN A 47 3.34 -5.20 5.29
C ASN A 47 2.31 -4.57 4.35
N ILE A 48 1.55 -3.63 4.88
CA ILE A 48 0.54 -2.89 4.12
C ILE A 48 0.85 -1.41 4.10
N TYR A 49 0.75 -0.83 2.92
CA TYR A 49 1.03 0.58 2.68
C TYR A 49 0.00 1.13 1.69
N THR A 50 -0.10 2.42 1.58
CA THR A 50 -1.00 3.07 0.64
C THR A 50 -0.49 4.48 0.36
N ALA A 51 -0.66 4.92 -0.87
CA ALA A 51 -0.14 6.19 -1.34
C ALA A 51 -1.13 6.88 -2.24
N ASN A 52 -1.03 8.18 -2.36
CA ASN A 52 -1.87 8.88 -3.31
C ASN A 52 -1.33 8.60 -4.70
N ARG A 53 -2.17 8.75 -5.70
CA ARG A 53 -1.73 8.71 -7.07
C ARG A 53 -0.77 9.85 -7.33
N ASN A 54 0.50 9.46 -7.47
CA ASN A 54 1.67 10.33 -7.66
C ASN A 54 2.17 10.85 -6.32
N GLU A 55 2.58 9.91 -5.49
CA GLU A 55 3.10 10.18 -4.16
C GLU A 55 4.21 9.19 -3.81
N GLU A 56 5.30 9.72 -3.30
CA GLU A 56 6.36 8.89 -2.78
C GLU A 56 6.06 8.60 -1.33
N ILE A 57 5.77 7.35 -1.04
CA ILE A 57 5.64 6.92 0.32
C ILE A 57 7.01 6.51 0.78
N THR A 58 7.11 6.09 1.99
CA THR A 58 8.35 5.64 2.47
C THR A 58 8.13 4.32 3.16
N ILE A 59 8.98 3.39 2.85
CA ILE A 59 8.94 2.07 3.42
C ILE A 59 10.32 1.80 3.96
N GLU A 60 10.50 1.83 5.28
CA GLU A 60 11.80 1.50 5.89
C GLU A 60 12.92 2.39 5.34
N GLU A 61 12.57 3.64 5.14
CA GLU A 61 13.42 4.68 4.57
C GLU A 61 13.84 4.44 3.13
N TYR A 62 12.98 3.74 2.42
CA TYR A 62 13.09 3.60 1.00
C TYR A 62 11.88 4.33 0.47
N LYS A 63 12.07 5.47 -0.18
CA LYS A 63 10.92 6.14 -0.70
C LYS A 63 10.51 5.47 -1.97
N VAL A 64 9.23 5.30 -2.10
CA VAL A 64 8.64 4.57 -3.19
C VAL A 64 7.63 5.48 -3.86
N PHE A 65 7.91 5.84 -5.09
CA PHE A 65 7.05 6.71 -5.83
C PHE A 65 5.93 5.90 -6.44
N VAL A 66 4.74 6.18 -6.02
CA VAL A 66 3.59 5.54 -6.59
C VAL A 66 3.03 6.46 -7.61
N ASN A 67 3.02 5.98 -8.83
CA ASN A 67 2.51 6.68 -9.98
C ASN A 67 0.98 6.67 -9.94
N GLU A 68 0.34 7.38 -10.83
CA GLU A 68 -1.12 7.56 -10.77
C GLU A 68 -1.89 6.27 -11.03
N ALA A 69 -1.24 5.31 -11.65
CA ALA A 69 -1.87 4.03 -11.93
C ALA A 69 -1.68 3.11 -10.74
N CYS A 70 -1.25 3.69 -9.64
CA CYS A 70 -1.10 3.01 -8.37
C CYS A 70 0.01 2.02 -8.41
N HIS A 71 0.97 2.32 -9.20
CA HIS A 71 2.09 1.44 -9.38
C HIS A 71 3.32 2.06 -8.72
N PRO A 72 3.89 1.37 -7.74
CA PRO A 72 5.03 1.85 -6.97
C PRO A 72 6.37 1.59 -7.66
N TYR A 73 7.26 2.54 -7.52
CA TYR A 73 8.60 2.39 -7.99
C TYR A 73 9.60 2.73 -6.93
N PRO A 74 10.58 1.87 -6.76
CA PRO A 74 10.66 0.61 -7.52
C PRO A 74 9.74 -0.47 -6.95
N VAL A 75 9.54 -1.51 -7.72
CA VAL A 75 8.64 -2.59 -7.35
C VAL A 75 9.38 -3.57 -6.45
N ILE A 76 10.62 -3.84 -6.77
CA ILE A 76 11.45 -4.63 -5.91
C ILE A 76 12.29 -3.72 -5.06
N LEU A 77 12.16 -3.91 -3.77
CA LEU A 77 12.95 -3.16 -2.80
C LEU A 77 14.30 -3.84 -2.62
N PRO A 78 15.29 -3.20 -1.97
CA PRO A 78 16.66 -3.76 -1.83
C PRO A 78 16.72 -4.95 -0.87
N ASP A 79 15.60 -5.17 -0.24
CA ASP A 79 15.35 -6.29 0.65
C ASP A 79 14.78 -7.47 -0.14
N ARG A 80 14.40 -7.18 -1.37
CA ARG A 80 13.64 -8.07 -2.22
C ARG A 80 12.25 -8.25 -1.67
N SER A 81 11.62 -7.12 -1.57
CA SER A 81 10.25 -7.07 -1.23
C SER A 81 9.53 -6.79 -2.54
N VAL A 82 8.46 -7.48 -2.74
CA VAL A 82 7.64 -7.37 -3.91
C VAL A 82 6.53 -6.38 -3.62
N LEU A 83 6.51 -5.28 -4.30
CA LEU A 83 5.46 -4.34 -4.10
C LEU A 83 4.38 -4.51 -5.13
N SER A 84 3.19 -4.66 -4.66
CA SER A 84 2.07 -4.71 -5.56
C SER A 84 1.30 -3.41 -5.43
N GLY A 85 1.03 -2.80 -6.55
CA GLY A 85 0.36 -1.56 -6.53
C GLY A 85 -0.99 -1.64 -7.15
N ASP A 86 -2.00 -1.37 -6.36
CA ASP A 86 -3.35 -1.47 -6.82
C ASP A 86 -4.04 -0.20 -6.41
N PHE A 87 -5.22 0.01 -6.90
CA PHE A 87 -5.98 1.19 -6.53
C PHE A 87 -6.74 0.84 -5.26
N THR A 88 -6.74 1.71 -4.27
CA THR A 88 -7.34 1.43 -2.98
C THR A 88 -8.87 1.42 -3.06
N SER A 89 -9.41 1.94 -4.15
CA SER A 89 -10.84 1.99 -4.35
C SER A 89 -11.41 0.59 -4.57
N ALA A 90 -10.60 -0.27 -5.18
CA ALA A 90 -11.00 -1.63 -5.45
C ALA A 90 -10.41 -2.57 -4.41
N TYR A 91 -10.00 -1.97 -3.34
CA TYR A 91 -9.38 -2.59 -2.20
C TYR A 91 -9.87 -1.94 -0.95
N ALA A 92 -9.18 -2.20 0.16
CA ALA A 92 -9.51 -1.64 1.46
C ALA A 92 -10.93 -2.01 1.84
N ASP A 93 -10.97 -3.13 2.50
CA ASP A 93 -12.16 -3.92 2.86
C ASP A 93 -13.33 -3.12 3.37
N ASP A 94 -13.01 -2.05 4.12
CA ASP A 94 -13.98 -1.23 4.84
C ASP A 94 -14.73 -2.21 5.71
N ASP A 95 -13.91 -2.77 6.61
CA ASP A 95 -14.22 -3.90 7.50
C ASP A 95 -15.61 -3.82 8.10
N GLU A 96 -16.53 -4.43 7.38
CA GLU A 96 -17.93 -4.40 7.73
C GLU A 96 -18.28 -5.35 8.86
N SER A 97 -18.06 -4.81 10.04
CA SER A 97 -18.35 -5.41 11.31
C SER A 97 -18.62 -4.25 12.28
N CYS A 98 -19.25 -3.24 11.74
CA CYS A 98 -19.61 -2.05 12.47
C CYS A 98 -21.09 -1.83 12.26
N GLY A 20 0.17 -14.93 9.94
CA GLY A 20 1.07 -13.82 10.29
C GLY A 20 0.31 -12.52 10.26
N ARG A 21 0.98 -11.44 10.63
CA ARG A 21 0.40 -10.10 10.68
C ARG A 21 -0.64 -9.90 11.74
N GLU A 22 -0.25 -9.12 12.69
CA GLU A 22 -1.08 -8.75 13.81
C GLU A 22 -1.64 -7.39 13.43
N ASN A 23 -2.77 -7.45 12.76
CA ASN A 23 -3.38 -6.28 12.15
C ASN A 23 -4.08 -5.40 13.16
N LEU A 24 -4.19 -4.14 12.79
CA LEU A 24 -4.88 -3.14 13.56
C LEU A 24 -6.32 -3.21 13.11
N TYR A 25 -7.23 -2.55 13.81
CA TYR A 25 -8.63 -2.64 13.47
C TYR A 25 -8.94 -1.92 12.17
N PHE A 26 -8.76 -2.64 11.09
CA PHE A 26 -9.13 -2.16 9.77
C PHE A 26 -10.34 -2.88 9.26
N GLN A 27 -11.44 -2.59 9.93
CA GLN A 27 -12.77 -3.02 9.64
C GLN A 27 -13.68 -1.94 10.23
N GLY A 28 -13.23 -0.72 10.09
CA GLY A 28 -13.93 0.41 10.68
C GLY A 28 -13.96 1.61 9.76
N HIS A 29 -13.54 1.39 8.53
CA HIS A 29 -13.53 2.35 7.45
C HIS A 29 -12.52 3.48 7.66
N MET A 30 -11.34 3.25 7.18
CA MET A 30 -10.31 4.26 7.14
C MET A 30 -10.50 5.00 5.83
N ALA A 31 -10.24 6.29 5.81
CA ALA A 31 -10.24 6.99 4.56
C ALA A 31 -8.87 6.72 3.91
N TRP A 32 -8.83 5.66 3.11
CA TRP A 32 -7.64 5.23 2.45
C TRP A 32 -7.29 6.18 1.33
N LYS A 33 -6.08 6.06 0.85
CA LYS A 33 -5.59 6.89 -0.21
C LYS A 33 -6.10 6.39 -1.54
N ASP A 34 -5.61 7.00 -2.57
CA ASP A 34 -6.03 6.71 -3.94
C ASP A 34 -5.48 5.43 -4.50
N CYS A 35 -4.37 5.01 -3.97
CA CYS A 35 -3.67 3.82 -4.40
C CYS A 35 -3.31 2.99 -3.18
N ILE A 36 -3.15 1.73 -3.39
CA ILE A 36 -2.83 0.85 -2.31
C ILE A 36 -1.58 0.10 -2.67
N ILE A 37 -0.67 0.03 -1.75
CA ILE A 37 0.59 -0.58 -2.04
C ILE A 37 0.81 -1.68 -1.02
N GLN A 38 0.76 -2.89 -1.46
CA GLN A 38 0.93 -3.99 -0.56
C GLN A 38 2.29 -4.57 -0.70
N ARG A 39 2.95 -4.75 0.41
CA ARG A 39 4.30 -5.20 0.43
C ARG A 39 4.33 -6.69 0.72
N TYR A 40 4.78 -7.44 -0.23
CA TYR A 40 4.93 -8.86 -0.09
C TYR A 40 6.36 -9.18 0.29
N LYS A 41 6.49 -9.88 1.37
CA LYS A 41 7.75 -10.25 1.91
C LYS A 41 7.64 -11.74 2.18
N ASP A 42 8.58 -12.49 1.64
CA ASP A 42 8.63 -13.97 1.73
C ASP A 42 7.41 -14.63 1.11
N GLY A 43 6.85 -13.99 0.11
CA GLY A 43 5.71 -14.52 -0.59
C GLY A 43 4.38 -14.25 0.09
N ASP A 44 4.38 -13.55 1.22
CA ASP A 44 3.17 -13.22 1.88
C ASP A 44 3.11 -11.74 2.00
N VAL A 45 1.93 -11.24 2.14
CA VAL A 45 1.77 -9.81 2.27
C VAL A 45 2.15 -9.42 3.70
N ASN A 46 3.25 -8.74 3.82
CA ASN A 46 3.84 -8.45 5.10
C ASN A 46 3.35 -7.13 5.63
N ASN A 47 3.31 -6.15 4.77
CA ASN A 47 2.86 -4.84 5.14
C ASN A 47 1.83 -4.37 4.17
N ILE A 48 0.97 -3.55 4.64
CA ILE A 48 -0.09 -2.95 3.86
C ILE A 48 0.13 -1.46 3.93
N TYR A 49 0.44 -0.86 2.81
CA TYR A 49 0.67 0.55 2.71
C TYR A 49 -0.38 1.11 1.75
N THR A 50 -0.53 2.39 1.74
CA THR A 50 -1.41 3.04 0.81
C THR A 50 -0.85 4.42 0.55
N ALA A 51 -0.97 4.85 -0.67
CA ALA A 51 -0.39 6.12 -1.11
C ALA A 51 -1.31 6.68 -2.16
N ASN A 52 -1.22 7.94 -2.43
CA ASN A 52 -2.02 8.52 -3.48
C ASN A 52 -1.37 8.38 -4.83
N ARG A 53 -2.18 8.60 -5.84
CA ARG A 53 -1.72 8.72 -7.20
C ARG A 53 -0.80 9.92 -7.27
N ASN A 54 0.48 9.64 -7.47
CA ASN A 54 1.55 10.63 -7.52
C ASN A 54 1.85 11.09 -6.11
N GLU A 55 2.40 10.17 -5.32
CA GLU A 55 2.74 10.36 -3.95
C GLU A 55 3.88 9.42 -3.61
N GLU A 56 4.78 9.87 -2.78
CA GLU A 56 5.96 9.13 -2.44
C GLU A 56 5.94 8.77 -0.95
N ILE A 57 6.30 7.54 -0.66
CA ILE A 57 6.36 7.01 0.65
C ILE A 57 7.81 6.58 0.89
N THR A 58 8.08 6.06 2.06
CA THR A 58 9.38 5.55 2.34
C THR A 58 9.23 4.24 3.10
N ILE A 59 9.98 3.26 2.71
CA ILE A 59 9.95 1.94 3.32
C ILE A 59 11.37 1.58 3.71
N GLU A 60 11.68 1.58 5.00
CA GLU A 60 13.00 1.21 5.51
C GLU A 60 14.14 1.96 4.82
N GLU A 61 13.98 3.28 4.74
CA GLU A 61 14.94 4.20 4.12
C GLU A 61 14.99 4.08 2.59
N TYR A 62 14.12 3.26 2.02
CA TYR A 62 14.01 3.11 0.59
C TYR A 62 12.77 3.88 0.19
N LYS A 63 12.92 4.98 -0.48
CA LYS A 63 11.77 5.73 -0.91
C LYS A 63 11.09 5.09 -2.09
N VAL A 64 9.84 5.38 -2.17
CA VAL A 64 8.97 4.76 -3.15
C VAL A 64 7.98 5.79 -3.66
N PHE A 65 8.02 6.06 -4.93
CA PHE A 65 7.10 7.00 -5.54
C PHE A 65 6.04 6.22 -6.28
N VAL A 66 4.81 6.48 -5.93
CA VAL A 66 3.67 5.86 -6.54
C VAL A 66 3.12 6.82 -7.58
N ASN A 67 3.10 6.38 -8.82
CA ASN A 67 2.59 7.16 -9.93
C ASN A 67 1.06 7.04 -9.95
N GLU A 68 0.41 7.80 -10.78
CA GLU A 68 -1.04 7.94 -10.82
C GLU A 68 -1.83 6.70 -11.26
N ALA A 69 -1.14 5.66 -11.67
CA ALA A 69 -1.82 4.40 -11.96
C ALA A 69 -1.68 3.47 -10.77
N CYS A 70 -1.24 4.04 -9.65
CA CYS A 70 -1.11 3.33 -8.38
C CYS A 70 0.00 2.34 -8.41
N HIS A 71 1.00 2.71 -9.12
CA HIS A 71 2.13 1.84 -9.32
C HIS A 71 3.36 2.46 -8.67
N PRO A 72 3.94 1.76 -7.70
CA PRO A 72 5.08 2.24 -6.93
C PRO A 72 6.43 1.98 -7.60
N TYR A 73 7.36 2.86 -7.37
CA TYR A 73 8.71 2.70 -7.80
C TYR A 73 9.66 2.94 -6.68
N PRO A 74 10.58 2.03 -6.48
CA PRO A 74 10.65 0.78 -7.28
C PRO A 74 9.67 -0.28 -6.78
N VAL A 75 9.39 -1.24 -7.64
CA VAL A 75 8.44 -2.30 -7.33
C VAL A 75 9.13 -3.38 -6.50
N ILE A 76 10.38 -3.64 -6.80
CA ILE A 76 11.15 -4.52 -5.98
C ILE A 76 12.12 -3.71 -5.18
N LEU A 77 12.08 -3.93 -3.92
CA LEU A 77 12.97 -3.23 -3.02
C LEU A 77 14.30 -3.99 -2.90
N PRO A 78 15.35 -3.44 -2.24
CA PRO A 78 16.65 -4.14 -2.07
C PRO A 78 16.51 -5.28 -1.07
N ASP A 79 15.38 -5.27 -0.39
CA ASP A 79 14.94 -6.27 0.56
C ASP A 79 14.18 -7.38 -0.21
N ARG A 80 14.10 -7.17 -1.54
CA ARG A 80 13.43 -8.00 -2.55
C ARG A 80 11.96 -8.09 -2.21
N SER A 81 11.49 -7.06 -1.54
CA SER A 81 10.12 -6.94 -1.19
C SER A 81 9.36 -6.65 -2.47
N VAL A 82 8.27 -7.34 -2.59
CA VAL A 82 7.37 -7.29 -3.72
C VAL A 82 6.33 -6.24 -3.44
N LEU A 83 6.28 -5.22 -4.24
CA LEU A 83 5.23 -4.26 -4.07
C LEU A 83 4.12 -4.43 -5.05
N SER A 84 2.95 -4.64 -4.52
CA SER A 84 1.77 -4.73 -5.33
C SER A 84 1.11 -3.37 -5.29
N GLY A 85 1.01 -2.75 -6.44
CA GLY A 85 0.47 -1.43 -6.50
C GLY A 85 -0.79 -1.40 -7.30
N ASP A 86 -1.90 -1.15 -6.65
CA ASP A 86 -3.16 -1.10 -7.34
C ASP A 86 -3.98 -0.02 -6.73
N PHE A 87 -5.12 0.20 -7.28
CA PHE A 87 -6.03 1.18 -6.76
C PHE A 87 -6.72 0.60 -5.53
N THR A 88 -6.89 1.42 -4.51
CA THR A 88 -7.45 1.03 -3.23
C THR A 88 -8.90 0.55 -3.34
N SER A 89 -9.56 0.95 -4.39
CA SER A 89 -10.96 0.65 -4.61
C SER A 89 -11.15 -0.82 -4.96
N ALA A 90 -10.11 -1.44 -5.49
CA ALA A 90 -10.15 -2.83 -5.83
C ALA A 90 -9.52 -3.68 -4.72
N TYR A 91 -9.35 -3.06 -3.60
CA TYR A 91 -8.70 -3.64 -2.44
C TYR A 91 -9.32 -3.13 -1.14
N ALA A 92 -8.65 -3.44 -0.04
CA ALA A 92 -8.98 -3.00 1.32
C ALA A 92 -10.39 -3.30 1.75
N ASP A 93 -10.51 -4.35 2.50
CA ASP A 93 -11.78 -4.79 3.01
C ASP A 93 -12.00 -4.09 4.35
N ASP A 94 -12.22 -2.81 4.18
CA ASP A 94 -12.36 -1.80 5.23
C ASP A 94 -12.93 -0.57 4.54
N ASP A 95 -12.45 -0.38 3.31
CA ASP A 95 -12.93 0.68 2.44
C ASP A 95 -14.32 0.29 1.94
N GLU A 96 -15.25 1.19 2.06
CA GLU A 96 -16.62 0.92 1.67
C GLU A 96 -16.93 1.51 0.30
N SER A 97 -17.72 0.78 -0.46
CA SER A 97 -18.06 1.13 -1.83
C SER A 97 -19.11 2.24 -1.88
N CYS A 98 -19.87 2.35 -0.82
CA CYS A 98 -20.85 3.38 -0.68
C CYS A 98 -20.72 3.98 0.70
N GLY A 20 0.02 -3.91 19.94
CA GLY A 20 0.16 -3.43 18.56
C GLY A 20 -0.89 -4.07 17.69
N ARG A 21 -0.75 -3.97 16.34
CA ARG A 21 -1.70 -4.55 15.37
C ARG A 21 -3.09 -3.96 15.66
N GLU A 22 -3.09 -2.73 16.14
CA GLU A 22 -4.27 -2.15 16.68
C GLU A 22 -5.19 -1.58 15.63
N ASN A 23 -6.33 -2.20 15.52
CA ASN A 23 -7.38 -1.78 14.64
C ASN A 23 -8.62 -1.61 15.47
N LEU A 24 -8.86 -2.64 16.30
CA LEU A 24 -10.04 -2.73 17.16
C LEU A 24 -11.29 -2.69 16.31
N TYR A 25 -12.42 -2.48 16.92
CA TYR A 25 -13.64 -2.42 16.17
C TYR A 25 -13.87 -0.96 15.81
N PHE A 26 -13.13 -0.51 14.82
CA PHE A 26 -13.22 0.87 14.34
C PHE A 26 -13.38 0.95 12.84
N GLN A 27 -13.75 -0.17 12.21
CA GLN A 27 -14.04 -0.13 10.80
C GLN A 27 -15.31 0.72 10.71
N GLY A 28 -15.18 1.85 10.07
CA GLY A 28 -16.25 2.82 10.01
C GLY A 28 -15.63 4.13 9.67
N HIS A 29 -14.39 4.29 10.11
CA HIS A 29 -13.62 5.42 9.69
C HIS A 29 -12.47 4.85 8.88
N MET A 30 -12.59 4.97 7.60
CA MET A 30 -11.59 4.47 6.71
C MET A 30 -11.25 5.55 5.73
N ALA A 31 -10.05 6.03 5.82
CA ALA A 31 -9.59 7.05 4.92
C ALA A 31 -8.21 6.68 4.45
N TRP A 32 -8.18 5.87 3.43
CA TRP A 32 -6.94 5.45 2.84
C TRP A 32 -6.58 6.40 1.72
N LYS A 33 -5.53 6.09 1.02
CA LYS A 33 -5.09 6.91 -0.06
C LYS A 33 -5.71 6.40 -1.35
N ASP A 34 -5.29 6.97 -2.44
CA ASP A 34 -5.82 6.62 -3.76
C ASP A 34 -5.33 5.28 -4.25
N CYS A 35 -4.12 4.97 -3.91
CA CYS A 35 -3.45 3.78 -4.36
C CYS A 35 -3.02 2.95 -3.18
N ILE A 36 -3.07 1.66 -3.32
CA ILE A 36 -2.73 0.77 -2.26
C ILE A 36 -1.49 0.01 -2.66
N ILE A 37 -0.55 -0.08 -1.76
CA ILE A 37 0.71 -0.67 -2.09
C ILE A 37 0.96 -1.80 -1.11
N GLN A 38 0.95 -2.99 -1.58
CA GLN A 38 1.16 -4.13 -0.74
C GLN A 38 2.61 -4.55 -0.80
N ARG A 39 3.23 -4.68 0.35
CA ARG A 39 4.60 -5.08 0.39
C ARG A 39 4.64 -6.58 0.61
N TYR A 40 5.07 -7.29 -0.39
CA TYR A 40 5.16 -8.72 -0.36
C TYR A 40 6.54 -9.10 0.01
N LYS A 41 6.64 -10.05 0.85
CA LYS A 41 7.89 -10.48 1.35
C LYS A 41 7.76 -11.94 1.74
N ASP A 42 8.63 -12.76 1.16
CA ASP A 42 8.67 -14.22 1.30
C ASP A 42 7.43 -14.94 0.80
N GLY A 43 6.79 -14.35 -0.19
CA GLY A 43 5.65 -14.98 -0.79
C GLY A 43 4.33 -14.58 -0.17
N ASP A 44 4.37 -13.78 0.86
CA ASP A 44 3.18 -13.33 1.52
C ASP A 44 3.22 -11.85 1.55
N VAL A 45 2.10 -11.25 1.74
CA VAL A 45 2.08 -9.83 1.89
C VAL A 45 2.36 -9.53 3.35
N ASN A 46 3.53 -8.98 3.59
CA ASN A 46 4.01 -8.82 4.94
C ASN A 46 3.56 -7.51 5.53
N ASN A 47 3.72 -6.45 4.76
CA ASN A 47 3.35 -5.13 5.19
C ASN A 47 2.34 -4.52 4.25
N ILE A 48 1.60 -3.57 4.77
CA ILE A 48 0.57 -2.88 4.03
C ILE A 48 0.88 -1.40 3.99
N TYR A 49 0.75 -0.83 2.83
CA TYR A 49 0.98 0.59 2.59
C TYR A 49 -0.07 1.08 1.62
N THR A 50 -0.17 2.36 1.50
CA THR A 50 -1.08 3.01 0.61
C THR A 50 -0.55 4.42 0.36
N ALA A 51 -0.70 4.86 -0.86
CA ALA A 51 -0.13 6.12 -1.31
C ALA A 51 -1.09 6.77 -2.25
N ASN A 52 -1.01 8.05 -2.40
CA ASN A 52 -1.85 8.73 -3.36
C ASN A 52 -1.27 8.56 -4.75
N ARG A 53 -2.13 8.72 -5.76
CA ARG A 53 -1.67 8.80 -7.11
C ARG A 53 -0.73 9.97 -7.25
N ASN A 54 0.51 9.62 -7.57
CA ASN A 54 1.63 10.52 -7.77
C ASN A 54 2.12 11.00 -6.43
N GLU A 55 2.51 10.06 -5.61
CA GLU A 55 2.96 10.32 -4.29
C GLU A 55 4.13 9.41 -3.95
N GLU A 56 5.14 9.97 -3.34
CA GLU A 56 6.30 9.25 -2.92
C GLU A 56 6.21 8.98 -1.43
N ILE A 57 5.99 7.73 -1.09
CA ILE A 57 5.93 7.28 0.26
C ILE A 57 7.31 6.86 0.69
N THR A 58 7.40 6.39 1.90
CA THR A 58 8.61 5.86 2.37
C THR A 58 8.28 4.59 3.10
N ILE A 59 8.94 3.57 2.70
CA ILE A 59 8.79 2.27 3.26
C ILE A 59 10.11 1.89 3.84
N GLU A 60 10.25 1.94 5.17
CA GLU A 60 11.44 1.41 5.83
C GLU A 60 12.74 2.04 5.31
N GLU A 61 12.66 3.35 5.14
CA GLU A 61 13.72 4.22 4.63
C GLU A 61 13.99 4.07 3.13
N TYR A 62 13.14 3.33 2.46
CA TYR A 62 13.22 3.20 1.04
C TYR A 62 12.11 4.10 0.51
N LYS A 63 12.42 5.12 -0.25
CA LYS A 63 11.35 5.95 -0.71
C LYS A 63 10.80 5.37 -2.01
N VAL A 64 9.50 5.42 -2.13
CA VAL A 64 8.81 4.79 -3.24
C VAL A 64 7.81 5.74 -3.86
N PHE A 65 7.94 5.97 -5.14
CA PHE A 65 7.04 6.84 -5.83
C PHE A 65 5.97 6.01 -6.47
N VAL A 66 4.76 6.29 -6.12
CA VAL A 66 3.62 5.66 -6.71
C VAL A 66 3.05 6.62 -7.72
N ASN A 67 2.93 6.17 -8.95
CA ASN A 67 2.43 7.01 -10.02
C ASN A 67 0.91 7.00 -9.98
N GLU A 68 0.26 7.64 -10.93
CA GLU A 68 -1.20 7.79 -10.89
C GLU A 68 -1.97 6.50 -11.13
N ALA A 69 -1.31 5.51 -11.69
CA ALA A 69 -1.96 4.24 -11.93
C ALA A 69 -1.76 3.30 -10.76
N CYS A 70 -1.34 3.87 -9.64
CA CYS A 70 -1.18 3.13 -8.38
C CYS A 70 -0.12 2.08 -8.46
N HIS A 71 0.90 2.44 -9.17
CA HIS A 71 2.01 1.55 -9.38
C HIS A 71 3.25 2.17 -8.74
N PRO A 72 3.85 1.47 -7.77
CA PRO A 72 5.01 1.95 -7.03
C PRO A 72 6.35 1.68 -7.71
N TYR A 73 7.26 2.61 -7.54
CA TYR A 73 8.61 2.49 -7.97
C TYR A 73 9.57 2.86 -6.88
N PRO A 74 10.56 1.98 -6.64
CA PRO A 74 10.72 0.73 -7.39
C PRO A 74 9.77 -0.37 -6.92
N VAL A 75 9.65 -1.40 -7.73
CA VAL A 75 8.75 -2.49 -7.43
C VAL A 75 9.48 -3.50 -6.55
N ILE A 76 10.76 -3.70 -6.81
CA ILE A 76 11.53 -4.54 -5.94
C ILE A 76 12.33 -3.68 -5.02
N LEU A 77 12.21 -3.98 -3.76
CA LEU A 77 12.91 -3.27 -2.73
C LEU A 77 14.29 -3.90 -2.52
N PRO A 78 15.21 -3.29 -1.75
CA PRO A 78 16.58 -3.82 -1.58
C PRO A 78 16.59 -5.07 -0.71
N ASP A 79 15.45 -5.31 -0.10
CA ASP A 79 15.24 -6.46 0.74
C ASP A 79 14.50 -7.55 -0.05
N ARG A 80 14.45 -7.36 -1.38
CA ARG A 80 13.82 -8.28 -2.35
C ARG A 80 12.31 -8.40 -2.05
N SER A 81 11.78 -7.37 -1.47
CA SER A 81 10.40 -7.32 -1.19
C SER A 81 9.69 -6.87 -2.46
N VAL A 82 8.59 -7.48 -2.71
CA VAL A 82 7.75 -7.28 -3.87
C VAL A 82 6.73 -6.22 -3.56
N LEU A 83 6.67 -5.20 -4.35
CA LEU A 83 5.62 -4.24 -4.17
C LEU A 83 4.53 -4.44 -5.18
N SER A 84 3.34 -4.58 -4.70
CA SER A 84 2.21 -4.73 -5.58
C SER A 84 1.27 -3.56 -5.40
N GLY A 85 1.06 -2.82 -6.47
CA GLY A 85 0.26 -1.65 -6.38
C GLY A 85 -1.04 -1.79 -7.12
N ASP A 86 -2.09 -1.23 -6.56
CA ASP A 86 -3.39 -1.19 -7.21
C ASP A 86 -4.10 -0.02 -6.58
N PHE A 87 -5.27 0.26 -7.03
CA PHE A 87 -6.08 1.34 -6.50
C PHE A 87 -6.74 0.82 -5.23
N THR A 88 -6.75 1.62 -4.18
CA THR A 88 -7.25 1.21 -2.88
C THR A 88 -8.74 0.85 -2.90
N SER A 89 -9.43 1.41 -3.87
CA SER A 89 -10.86 1.27 -4.00
C SER A 89 -11.25 -0.16 -4.30
N ALA A 90 -10.47 -0.81 -5.14
CA ALA A 90 -10.74 -2.17 -5.54
C ALA A 90 -10.11 -3.17 -4.57
N TYR A 91 -9.69 -2.66 -3.46
CA TYR A 91 -9.05 -3.42 -2.44
C TYR A 91 -9.71 -3.33 -1.09
N ALA A 92 -9.45 -2.23 -0.39
CA ALA A 92 -9.90 -2.05 0.98
C ALA A 92 -11.31 -1.48 1.03
N ASP A 93 -11.84 -1.20 -0.15
CA ASP A 93 -13.17 -0.59 -0.37
C ASP A 93 -13.06 0.91 -0.19
N ASP A 94 -12.58 1.32 0.98
CA ASP A 94 -12.35 2.73 1.37
C ASP A 94 -13.56 3.62 1.06
N ASP A 95 -14.49 3.59 1.97
CA ASP A 95 -15.73 4.31 1.82
C ASP A 95 -15.60 5.79 2.13
N GLU A 96 -15.84 6.62 1.13
CA GLU A 96 -15.87 8.05 1.34
C GLU A 96 -17.31 8.48 1.54
N SER A 97 -18.20 7.55 1.23
CA SER A 97 -19.66 7.72 1.24
C SER A 97 -20.11 8.49 -0.02
N CYS A 98 -19.42 9.56 -0.29
CA CYS A 98 -19.61 10.40 -1.44
C CYS A 98 -18.44 11.36 -1.39
N GLY A 20 3.66 -7.85 15.89
CA GLY A 20 2.54 -8.69 15.48
C GLY A 20 1.81 -8.06 14.34
N ARG A 21 0.50 -8.26 14.27
CA ARG A 21 -0.30 -7.61 13.26
C ARG A 21 -1.67 -7.37 13.82
N GLU A 22 -1.75 -6.28 14.56
CA GLU A 22 -2.98 -5.87 15.16
C GLU A 22 -3.40 -4.52 14.60
N ASN A 23 -4.39 -4.55 13.75
CA ASN A 23 -4.99 -3.32 13.29
C ASN A 23 -6.27 -3.19 14.07
N LEU A 24 -6.82 -2.02 14.15
CA LEU A 24 -7.97 -1.82 14.99
C LEU A 24 -9.07 -1.15 14.20
N TYR A 25 -10.23 -1.07 14.81
CA TYR A 25 -11.36 -0.37 14.26
C TYR A 25 -11.14 1.10 14.57
N PHE A 26 -10.26 1.72 13.81
CA PHE A 26 -9.94 3.13 14.01
C PHE A 26 -11.07 3.92 13.42
N GLN A 27 -11.34 3.56 12.19
CA GLN A 27 -12.35 4.14 11.39
C GLN A 27 -13.29 2.99 11.05
N GLY A 28 -14.57 3.25 10.99
CA GLY A 28 -15.53 2.22 10.70
C GLY A 28 -15.89 2.21 9.25
N HIS A 29 -15.02 2.80 8.48
CA HIS A 29 -15.16 2.93 7.05
C HIS A 29 -13.78 2.74 6.51
N MET A 30 -13.68 2.70 5.22
CA MET A 30 -12.42 2.65 4.55
C MET A 30 -12.29 3.87 3.69
N ALA A 31 -11.52 4.79 4.22
CA ALA A 31 -11.17 5.99 3.53
C ALA A 31 -9.65 6.10 3.61
N TRP A 32 -9.03 5.33 2.78
CA TRP A 32 -7.60 5.27 2.63
C TRP A 32 -7.18 6.23 1.54
N LYS A 33 -5.96 6.08 1.04
CA LYS A 33 -5.50 6.89 -0.03
C LYS A 33 -5.96 6.29 -1.35
N ASP A 34 -5.47 6.82 -2.43
CA ASP A 34 -5.97 6.43 -3.73
C ASP A 34 -5.36 5.15 -4.23
N CYS A 35 -4.16 4.91 -3.80
CA CYS A 35 -3.40 3.76 -4.22
C CYS A 35 -3.00 2.96 -3.01
N ILE A 36 -2.98 1.69 -3.15
CA ILE A 36 -2.65 0.81 -2.06
C ILE A 36 -1.40 0.07 -2.44
N ILE A 37 -0.46 0.01 -1.54
CA ILE A 37 0.83 -0.53 -1.85
C ILE A 37 1.14 -1.64 -0.85
N GLN A 38 1.19 -2.84 -1.31
CA GLN A 38 1.44 -3.96 -0.45
C GLN A 38 2.88 -4.40 -0.56
N ARG A 39 3.50 -4.69 0.57
CA ARG A 39 4.87 -5.12 0.58
C ARG A 39 4.83 -6.64 0.71
N TYR A 40 5.22 -7.32 -0.31
CA TYR A 40 5.25 -8.77 -0.33
C TYR A 40 6.62 -9.25 0.03
N LYS A 41 6.67 -10.24 0.86
CA LYS A 41 7.89 -10.77 1.33
C LYS A 41 7.68 -12.28 1.40
N ASP A 42 8.54 -13.01 0.71
CA ASP A 42 8.48 -14.48 0.61
C ASP A 42 7.13 -15.06 0.18
N GLY A 43 6.41 -14.31 -0.62
CA GLY A 43 5.16 -14.75 -1.15
C GLY A 43 3.96 -14.24 -0.37
N ASP A 44 4.18 -13.75 0.83
CA ASP A 44 3.09 -13.28 1.61
C ASP A 44 3.11 -11.80 1.58
N VAL A 45 1.98 -11.23 1.75
CA VAL A 45 1.92 -9.81 1.84
C VAL A 45 2.25 -9.49 3.28
N ASN A 46 3.41 -8.92 3.47
CA ASN A 46 3.95 -8.80 4.79
C ASN A 46 3.52 -7.52 5.45
N ASN A 47 3.56 -6.45 4.69
CA ASN A 47 3.19 -5.17 5.19
C ASN A 47 2.19 -4.54 4.24
N ILE A 48 1.31 -3.74 4.77
CA ILE A 48 0.27 -3.08 4.00
C ILE A 48 0.46 -1.56 4.10
N TYR A 49 0.65 -0.90 2.97
CA TYR A 49 0.81 0.55 2.92
C TYR A 49 -0.21 1.09 1.92
N THR A 50 -0.37 2.38 1.89
CA THR A 50 -1.22 3.05 0.95
C THR A 50 -0.66 4.42 0.67
N ALA A 51 -0.82 4.87 -0.57
CA ALA A 51 -0.25 6.10 -1.05
C ALA A 51 -1.22 6.78 -1.99
N ASN A 52 -1.13 8.07 -2.10
CA ASN A 52 -1.92 8.81 -3.09
C ASN A 52 -1.34 8.60 -4.48
N ARG A 53 -2.20 8.66 -5.48
CA ARG A 53 -1.78 8.66 -6.87
C ARG A 53 -0.82 9.82 -7.14
N ASN A 54 0.41 9.46 -7.47
CA ASN A 54 1.52 10.39 -7.73
C ASN A 54 2.02 10.97 -6.43
N GLU A 55 2.60 10.10 -5.63
CA GLU A 55 3.09 10.42 -4.32
C GLU A 55 4.26 9.52 -3.98
N GLU A 56 5.29 10.07 -3.35
CA GLU A 56 6.39 9.28 -2.88
C GLU A 56 6.19 8.98 -1.43
N ILE A 57 6.16 7.72 -1.10
CA ILE A 57 6.12 7.28 0.26
C ILE A 57 7.52 6.83 0.58
N THR A 58 7.74 6.44 1.79
CA THR A 58 9.00 5.93 2.17
C THR A 58 8.75 4.72 3.01
N ILE A 59 9.31 3.64 2.60
CA ILE A 59 9.19 2.39 3.28
C ILE A 59 10.55 2.03 3.79
N GLU A 60 10.78 2.16 5.07
CA GLU A 60 12.03 1.73 5.70
C GLU A 60 13.25 2.40 5.08
N GLU A 61 13.12 3.71 4.92
CA GLU A 61 14.13 4.62 4.36
C GLU A 61 14.29 4.44 2.85
N TYR A 62 13.49 3.58 2.27
CA TYR A 62 13.49 3.35 0.84
C TYR A 62 12.34 4.16 0.30
N LYS A 63 12.60 5.23 -0.43
CA LYS A 63 11.48 5.98 -0.93
C LYS A 63 10.94 5.30 -2.16
N VAL A 64 9.65 5.37 -2.27
CA VAL A 64 8.92 4.70 -3.30
C VAL A 64 7.90 5.66 -3.91
N PHE A 65 8.01 5.88 -5.19
CA PHE A 65 7.10 6.74 -5.89
C PHE A 65 5.96 5.91 -6.42
N VAL A 66 4.77 6.33 -6.15
CA VAL A 66 3.58 5.67 -6.64
C VAL A 66 2.96 6.56 -7.69
N ASN A 67 2.83 6.03 -8.89
CA ASN A 67 2.21 6.71 -10.02
C ASN A 67 0.70 6.65 -9.85
N GLU A 68 -0.01 7.39 -10.65
CA GLU A 68 -1.47 7.50 -10.57
C GLU A 68 -2.22 6.25 -11.04
N ALA A 69 -1.46 5.28 -11.53
CA ALA A 69 -2.00 3.99 -11.87
C ALA A 69 -1.83 3.07 -10.68
N CYS A 70 -1.38 3.68 -9.58
CA CYS A 70 -1.27 3.06 -8.28
C CYS A 70 -0.28 1.94 -8.22
N HIS A 71 0.77 2.12 -8.96
CA HIS A 71 1.82 1.13 -8.97
C HIS A 71 3.11 1.83 -8.57
N PRO A 72 3.83 1.27 -7.60
CA PRO A 72 5.04 1.86 -7.05
C PRO A 72 6.34 1.58 -7.81
N TYR A 73 7.29 2.44 -7.58
CA TYR A 73 8.65 2.31 -8.02
C TYR A 73 9.60 2.63 -6.89
N PRO A 74 10.57 1.78 -6.66
CA PRO A 74 10.73 0.54 -7.41
C PRO A 74 9.85 -0.59 -6.85
N VAL A 75 9.61 -1.59 -7.64
CA VAL A 75 8.77 -2.70 -7.26
C VAL A 75 9.56 -3.68 -6.40
N ILE A 76 10.81 -3.88 -6.76
CA ILE A 76 11.67 -4.68 -5.93
C ILE A 76 12.49 -3.80 -5.04
N LEU A 77 12.25 -3.96 -3.77
CA LEU A 77 12.98 -3.22 -2.77
C LEU A 77 14.37 -3.83 -2.61
N PRO A 78 15.34 -3.14 -1.96
CA PRO A 78 16.72 -3.66 -1.83
C PRO A 78 16.79 -4.82 -0.84
N ASP A 79 15.64 -5.09 -0.26
CA ASP A 79 15.38 -6.15 0.67
C ASP A 79 14.86 -7.39 -0.05
N ARG A 80 14.51 -7.21 -1.33
CA ARG A 80 13.82 -8.23 -2.11
C ARG A 80 12.43 -8.46 -1.54
N SER A 81 11.72 -7.38 -1.56
CA SER A 81 10.35 -7.37 -1.24
C SER A 81 9.62 -6.85 -2.44
N VAL A 82 8.51 -7.47 -2.71
CA VAL A 82 7.68 -7.23 -3.86
C VAL A 82 6.67 -6.17 -3.51
N LEU A 83 6.73 -5.07 -4.16
CA LEU A 83 5.71 -4.10 -3.95
C LEU A 83 4.62 -4.27 -4.96
N SER A 84 3.45 -4.47 -4.50
CA SER A 84 2.35 -4.62 -5.39
C SER A 84 1.36 -3.53 -5.12
N GLY A 85 1.14 -2.72 -6.11
CA GLY A 85 0.27 -1.62 -5.94
C GLY A 85 -0.99 -1.79 -6.71
N ASP A 86 -2.02 -1.19 -6.23
CA ASP A 86 -3.29 -1.16 -6.92
C ASP A 86 -4.02 0.02 -6.40
N PHE A 87 -5.18 0.29 -6.92
CA PHE A 87 -5.97 1.40 -6.46
C PHE A 87 -6.71 0.89 -5.22
N THR A 88 -6.78 1.68 -4.18
CA THR A 88 -7.37 1.23 -2.92
C THR A 88 -8.87 1.01 -3.05
N SER A 89 -9.49 1.70 -3.99
CA SER A 89 -10.94 1.64 -4.15
C SER A 89 -11.32 0.25 -4.63
N ALA A 90 -10.48 -0.30 -5.50
CA ALA A 90 -10.65 -1.65 -6.02
C ALA A 90 -10.00 -2.68 -5.11
N TYR A 91 -9.73 -2.28 -3.90
CA TYR A 91 -9.04 -3.10 -2.94
C TYR A 91 -9.72 -3.14 -1.59
N ALA A 92 -9.70 -2.03 -0.88
CA ALA A 92 -10.30 -1.96 0.42
C ALA A 92 -11.77 -1.59 0.30
N ASP A 93 -12.14 -1.26 -0.95
CA ASP A 93 -13.51 -0.94 -1.41
C ASP A 93 -13.89 0.48 -0.99
N ASP A 94 -12.86 1.27 -0.76
CA ASP A 94 -12.95 2.70 -0.43
C ASP A 94 -13.90 3.44 -1.34
N ASP A 95 -14.97 3.92 -0.77
CA ASP A 95 -15.91 4.71 -1.53
C ASP A 95 -15.57 6.16 -1.38
N GLU A 96 -14.84 6.66 -2.34
CA GLU A 96 -14.45 8.06 -2.41
C GLU A 96 -15.38 8.70 -3.44
N SER A 97 -16.62 8.18 -3.46
CA SER A 97 -17.64 8.49 -4.47
C SER A 97 -17.19 7.88 -5.80
N CYS A 98 -16.28 6.94 -5.64
CA CYS A 98 -15.67 6.16 -6.65
C CYS A 98 -15.92 4.76 -6.16
#